data_7M2C
# 
_entry.id   7M2C 
# 
_audit_conform.dict_name       mmcif_pdbx.dic 
_audit_conform.dict_version    5.398 
_audit_conform.dict_location   http://mmcif.pdb.org/dictionaries/ascii/mmcif_pdbx.dic 
# 
loop_
_database_2.database_id 
_database_2.database_code 
_database_2.pdbx_database_accession 
_database_2.pdbx_DOI 
PDB   7M2C         pdb_00007m2c 10.2210/pdb7m2c/pdb 
WWPDB D_1000255410 ?            ?                   
BMRB  30887        ?            10.13018/BMR30887   
# 
loop_
_pdbx_audit_revision_history.ordinal 
_pdbx_audit_revision_history.data_content_type 
_pdbx_audit_revision_history.major_revision 
_pdbx_audit_revision_history.minor_revision 
_pdbx_audit_revision_history.revision_date 
1 'Structure model' 1 0 2021-03-24 
2 'Structure model' 1 1 2021-11-10 
3 'Structure model' 1 2 2021-12-08 
4 'Structure model' 1 3 2023-06-14 
5 'Structure model' 1 4 2024-11-13 
# 
_pdbx_audit_revision_details.ordinal             1 
_pdbx_audit_revision_details.revision_ordinal    1 
_pdbx_audit_revision_details.data_content_type   'Structure model' 
_pdbx_audit_revision_details.provider            repository 
_pdbx_audit_revision_details.type                'Initial release' 
_pdbx_audit_revision_details.description         ? 
_pdbx_audit_revision_details.details             ? 
# 
loop_
_pdbx_audit_revision_group.ordinal 
_pdbx_audit_revision_group.revision_ordinal 
_pdbx_audit_revision_group.data_content_type 
_pdbx_audit_revision_group.group 
1 2 'Structure model' 'Database references' 
2 3 'Structure model' 'Database references' 
3 4 'Structure model' Other                 
4 5 'Structure model' 'Data collection'     
5 5 'Structure model' 'Database references' 
6 5 'Structure model' 'Structure summary'   
# 
loop_
_pdbx_audit_revision_category.ordinal 
_pdbx_audit_revision_category.revision_ordinal 
_pdbx_audit_revision_category.data_content_type 
_pdbx_audit_revision_category.category 
1  2 'Structure model' citation                  
2  2 'Structure model' database_2                
3  3 'Structure model' citation                  
4  3 'Structure model' citation_author           
5  4 'Structure model' pdbx_database_status      
6  5 'Structure model' chem_comp_atom            
7  5 'Structure model' chem_comp_bond            
8  5 'Structure model' database_2                
9  5 'Structure model' pdbx_entry_details        
10 5 'Structure model' pdbx_modification_feature 
# 
loop_
_pdbx_audit_revision_item.ordinal 
_pdbx_audit_revision_item.revision_ordinal 
_pdbx_audit_revision_item.data_content_type 
_pdbx_audit_revision_item.item 
1  2 'Structure model' '_citation.country'                          
2  2 'Structure model' '_citation.journal_abbrev'                   
3  2 'Structure model' '_citation.journal_id_CSD'                   
4  2 'Structure model' '_citation.journal_id_ISSN'                  
5  2 'Structure model' '_citation.pdbx_database_id_DOI'             
6  2 'Structure model' '_citation.pdbx_database_id_PubMed'          
7  2 'Structure model' '_citation.title'                            
8  2 'Structure model' '_citation.year'                             
9  2 'Structure model' '_database_2.pdbx_DOI'                       
10 2 'Structure model' '_database_2.pdbx_database_accession'        
11 3 'Structure model' '_citation.journal_volume'                   
12 3 'Structure model' '_citation.page_first'                       
13 3 'Structure model' '_citation.page_last'                        
14 3 'Structure model' '_citation_author.identifier_ORCID'          
15 4 'Structure model' '_pdbx_database_status.status_code_nmr_data' 
16 5 'Structure model' '_database_2.pdbx_DOI'                       
# 
_pdbx_database_status.status_code                     REL 
_pdbx_database_status.status_code_sf                  ? 
_pdbx_database_status.status_code_mr                  REL 
_pdbx_database_status.entry_id                        7M2C 
_pdbx_database_status.recvd_initial_deposition_date   2021-03-16 
_pdbx_database_status.SG_entry                        N 
_pdbx_database_status.deposit_site                    RCSB 
_pdbx_database_status.process_site                    RCSB 
_pdbx_database_status.status_code_cs                  REL 
_pdbx_database_status.status_code_nmr_data            REL 
_pdbx_database_status.methods_development_category    ? 
_pdbx_database_status.pdb_format_compatible           Y 
# 
loop_
_pdbx_database_related.db_name 
_pdbx_database_related.details 
_pdbx_database_related.db_id 
_pdbx_database_related.content_type 
PDB  'Structure published in same article'                   7M25  unspecified 
PDB  'Structure published in same article'                   7M27  unspecified 
PDB  'Structure published in same article'                   7M28  unspecified 
PDB  'Structure published in same article'                   7M29  unspecified 
PDB  'Structure published in same article'                   7M2A  unspecified 
PDB  'Structure published in same article'                   7M2B  unspecified 
BMRB 'Solution NMR Structure of PawL-Derived Peptide PLP-46' 30887 unspecified 
# 
loop_
_audit_author.name 
_audit_author.pdbx_ordinal 
_audit_author.identifier_ORCID 
'Payne, C.D.'     1 0000-0002-9316-1465 
'Rosengren, K.J.' 2 0000-0002-5007-8434 
# 
_citation.abstract                  ? 
_citation.abstract_id_CAS           ? 
_citation.book_id_ISBN              ? 
_citation.book_publisher            ? 
_citation.book_publisher_city       ? 
_citation.book_title                ? 
_citation.coordinate_linkage        ? 
_citation.country                   US 
_citation.database_id_Medline       ? 
_citation.details                   ? 
_citation.id                        primary 
_citation.journal_abbrev            J.Nat.Prod. 
_citation.journal_id_ASTM           ? 
_citation.journal_id_CSD            ? 
_citation.journal_id_ISSN           1520-6025 
_citation.journal_full              ? 
_citation.journal_issue             ? 
_citation.journal_volume            84 
_citation.language                  ? 
_citation.page_first                2914 
_citation.page_last                 2922 
_citation.title                     
'Structural Characterization of the PawL-Derived Peptide Family, an Ancient Subfamily of Orbitides.' 
_citation.year                      2021 
_citation.database_id_CSD           ? 
_citation.pdbx_database_id_DOI      10.1021/acs.jnatprod.1c00672 
_citation.pdbx_database_id_PubMed   34672199 
_citation.pdbx_database_id_patent   ? 
_citation.unpublished_flag          ? 
# 
loop_
_citation_author.citation_id 
_citation_author.name 
_citation_author.ordinal 
_citation_author.identifier_ORCID 
primary 'Payne, C.D.'     1 ? 
primary 'Fisher, M.F.'    2 ? 
primary 'Mylne, J.S.'     3 ? 
primary 'Rosengren, K.J.' 4 ? 
# 
_entity.id                         1 
_entity.type                       polymer 
_entity.src_method                 syn 
_entity.pdbx_description           'PawL-Derived Peptide PLP-46' 
_entity.formula_weight             777.863 
_entity.pdbx_number_of_molecules   1 
_entity.pdbx_ec                    ? 
_entity.pdbx_mutation              ? 
_entity.pdbx_fragment              ? 
_entity.details                    ? 
# 
_entity_poly.entity_id                      1 
_entity_poly.type                           'polypeptide(L)' 
_entity_poly.nstd_linkage                   no 
_entity_poly.nstd_monomer                   no 
_entity_poly.pdbx_seq_one_letter_code       GYITPLD 
_entity_poly.pdbx_seq_one_letter_code_can   GYITPLD 
_entity_poly.pdbx_strand_id                 A 
_entity_poly.pdbx_target_identifier         ? 
# 
loop_
_entity_poly_seq.entity_id 
_entity_poly_seq.num 
_entity_poly_seq.mon_id 
_entity_poly_seq.hetero 
1 1 GLY n 
1 2 TYR n 
1 3 ILE n 
1 4 THR n 
1 5 PRO n 
1 6 LEU n 
1 7 ASP n 
# 
_pdbx_entity_src_syn.entity_id              1 
_pdbx_entity_src_syn.pdbx_src_id            1 
_pdbx_entity_src_syn.pdbx_alt_source_flag   sample 
_pdbx_entity_src_syn.pdbx_beg_seq_num       1 
_pdbx_entity_src_syn.pdbx_end_seq_num       7 
_pdbx_entity_src_syn.organism_scientific    'Parthenium argentatum' 
_pdbx_entity_src_syn.organism_common_name   ? 
_pdbx_entity_src_syn.ncbi_taxonomy_id       35935 
_pdbx_entity_src_syn.details                ? 
# 
loop_
_chem_comp.id 
_chem_comp.type 
_chem_comp.mon_nstd_flag 
_chem_comp.name 
_chem_comp.pdbx_synonyms 
_chem_comp.formula 
_chem_comp.formula_weight 
ASP 'L-peptide linking' y 'ASPARTIC ACID' ? 'C4 H7 N O4'  133.103 
GLY 'peptide linking'   y GLYCINE         ? 'C2 H5 N O2'  75.067  
ILE 'L-peptide linking' y ISOLEUCINE      ? 'C6 H13 N O2' 131.173 
LEU 'L-peptide linking' y LEUCINE         ? 'C6 H13 N O2' 131.173 
PRO 'L-peptide linking' y PROLINE         ? 'C5 H9 N O2'  115.130 
THR 'L-peptide linking' y THREONINE       ? 'C4 H9 N O3'  119.119 
TYR 'L-peptide linking' y TYROSINE        ? 'C9 H11 N O3' 181.189 
# 
loop_
_pdbx_poly_seq_scheme.asym_id 
_pdbx_poly_seq_scheme.entity_id 
_pdbx_poly_seq_scheme.seq_id 
_pdbx_poly_seq_scheme.mon_id 
_pdbx_poly_seq_scheme.ndb_seq_num 
_pdbx_poly_seq_scheme.pdb_seq_num 
_pdbx_poly_seq_scheme.auth_seq_num 
_pdbx_poly_seq_scheme.pdb_mon_id 
_pdbx_poly_seq_scheme.auth_mon_id 
_pdbx_poly_seq_scheme.pdb_strand_id 
_pdbx_poly_seq_scheme.pdb_ins_code 
_pdbx_poly_seq_scheme.hetero 
A 1 1 GLY 1 1 1 GLY GLY A . n 
A 1 2 TYR 2 2 2 TYR TYR A . n 
A 1 3 ILE 3 3 3 ILE ILE A . n 
A 1 4 THR 4 4 4 THR THR A . n 
A 1 5 PRO 5 5 5 PRO PRO A . n 
A 1 6 LEU 6 6 6 LEU LEU A . n 
A 1 7 ASP 7 7 7 ASP ASP A . n 
# 
_exptl.absorpt_coefficient_mu     ? 
_exptl.absorpt_correction_T_max   ? 
_exptl.absorpt_correction_T_min   ? 
_exptl.absorpt_correction_type    ? 
_exptl.absorpt_process_details    ? 
_exptl.entry_id                   7M2C 
_exptl.crystals_number            ? 
_exptl.details                    ? 
_exptl.method                     'SOLUTION NMR' 
_exptl.method_details             ? 
# 
_struct.entry_id                     7M2C 
_struct.title                        'Solution NMR Structure of PawL-Derived Peptide PLP-46' 
_struct.pdbx_model_details           ? 
_struct.pdbx_formula_weight          ? 
_struct.pdbx_formula_weight_method   ? 
_struct.pdbx_model_type_details      ? 
_struct.pdbx_CASP_flag               N 
# 
_struct_keywords.entry_id        7M2C 
_struct_keywords.text            'Cyclic, PLP, Orbitide, AEP-processed, PLANT PROTEIN' 
_struct_keywords.pdbx_keywords   'PLANT PROTEIN' 
# 
_struct_asym.id                            A 
_struct_asym.pdbx_blank_PDB_chainid_flag   N 
_struct_asym.pdbx_modified                 N 
_struct_asym.entity_id                     1 
_struct_asym.details                       ? 
# 
_struct_ref.id                         1 
_struct_ref.db_name                    PDB 
_struct_ref.db_code                    7M2C 
_struct_ref.pdbx_db_accession          7M2C 
_struct_ref.pdbx_db_isoform            ? 
_struct_ref.entity_id                  1 
_struct_ref.pdbx_seq_one_letter_code   ? 
_struct_ref.pdbx_align_begin           1 
# 
_struct_ref_seq.align_id                      1 
_struct_ref_seq.ref_id                        1 
_struct_ref_seq.pdbx_PDB_id_code              7M2C 
_struct_ref_seq.pdbx_strand_id                A 
_struct_ref_seq.seq_align_beg                 1 
_struct_ref_seq.pdbx_seq_align_beg_ins_code   ? 
_struct_ref_seq.seq_align_end                 7 
_struct_ref_seq.pdbx_seq_align_end_ins_code   ? 
_struct_ref_seq.pdbx_db_accession             7M2C 
_struct_ref_seq.db_align_beg                  1 
_struct_ref_seq.pdbx_db_align_beg_ins_code    ? 
_struct_ref_seq.db_align_end                  7 
_struct_ref_seq.pdbx_db_align_end_ins_code    ? 
_struct_ref_seq.pdbx_auth_seq_align_beg       1 
_struct_ref_seq.pdbx_auth_seq_align_end       7 
# 
_pdbx_struct_assembly.id                   1 
_pdbx_struct_assembly.details              author_defined_assembly 
_pdbx_struct_assembly.method_details       ? 
_pdbx_struct_assembly.oligomeric_details   monomeric 
_pdbx_struct_assembly.oligomeric_count     1 
# 
_pdbx_struct_assembly_gen.assembly_id       1 
_pdbx_struct_assembly_gen.oper_expression   1 
_pdbx_struct_assembly_gen.asym_id_list      A 
# 
_pdbx_struct_assembly_auth_evidence.id                     1 
_pdbx_struct_assembly_auth_evidence.assembly_id            1 
_pdbx_struct_assembly_auth_evidence.experimental_support   none 
_pdbx_struct_assembly_auth_evidence.details                'Monomeric structure is fully consistent with NOESY data' 
# 
_pdbx_struct_oper_list.id                   1 
_pdbx_struct_oper_list.type                 'identity operation' 
_pdbx_struct_oper_list.name                 1_555 
_pdbx_struct_oper_list.symmetry_operation   ? 
_pdbx_struct_oper_list.matrix[1][1]         1.0000000000 
_pdbx_struct_oper_list.matrix[1][2]         0.0000000000 
_pdbx_struct_oper_list.matrix[1][3]         0.0000000000 
_pdbx_struct_oper_list.vector[1]            0.0000000000 
_pdbx_struct_oper_list.matrix[2][1]         0.0000000000 
_pdbx_struct_oper_list.matrix[2][2]         1.0000000000 
_pdbx_struct_oper_list.matrix[2][3]         0.0000000000 
_pdbx_struct_oper_list.vector[2]            0.0000000000 
_pdbx_struct_oper_list.matrix[3][1]         0.0000000000 
_pdbx_struct_oper_list.matrix[3][2]         0.0000000000 
_pdbx_struct_oper_list.matrix[3][3]         1.0000000000 
_pdbx_struct_oper_list.vector[3]            0.0000000000 
# 
_struct_conn.id                            covale1 
_struct_conn.conn_type_id                  covale 
_struct_conn.pdbx_leaving_atom_flag        both 
_struct_conn.pdbx_PDB_id                   ? 
_struct_conn.ptnr1_label_asym_id           A 
_struct_conn.ptnr1_label_comp_id           GLY 
_struct_conn.ptnr1_label_seq_id            1 
_struct_conn.ptnr1_label_atom_id           N 
_struct_conn.pdbx_ptnr1_label_alt_id       ? 
_struct_conn.pdbx_ptnr1_PDB_ins_code       ? 
_struct_conn.pdbx_ptnr1_standard_comp_id   ? 
_struct_conn.ptnr1_symmetry                1_555 
_struct_conn.ptnr2_label_asym_id           A 
_struct_conn.ptnr2_label_comp_id           ASP 
_struct_conn.ptnr2_label_seq_id            7 
_struct_conn.ptnr2_label_atom_id           C 
_struct_conn.pdbx_ptnr2_label_alt_id       ? 
_struct_conn.pdbx_ptnr2_PDB_ins_code       ? 
_struct_conn.ptnr1_auth_asym_id            A 
_struct_conn.ptnr1_auth_comp_id            GLY 
_struct_conn.ptnr1_auth_seq_id             1 
_struct_conn.ptnr2_auth_asym_id            A 
_struct_conn.ptnr2_auth_comp_id            ASP 
_struct_conn.ptnr2_auth_seq_id             7 
_struct_conn.ptnr2_symmetry                1_555 
_struct_conn.pdbx_ptnr3_label_atom_id      ? 
_struct_conn.pdbx_ptnr3_label_seq_id       ? 
_struct_conn.pdbx_ptnr3_label_comp_id      ? 
_struct_conn.pdbx_ptnr3_label_asym_id      ? 
_struct_conn.pdbx_ptnr3_label_alt_id       ? 
_struct_conn.pdbx_ptnr3_PDB_ins_code       ? 
_struct_conn.details                       ? 
_struct_conn.pdbx_dist_value               1.310 
_struct_conn.pdbx_value_order              ? 
_struct_conn.pdbx_role                     ? 
# 
_struct_conn_type.id          covale 
_struct_conn_type.criteria    ? 
_struct_conn_type.reference   ? 
# 
_pdbx_modification_feature.ordinal                            1 
_pdbx_modification_feature.label_comp_id                      GLY 
_pdbx_modification_feature.label_asym_id                      A 
_pdbx_modification_feature.label_seq_id                       1 
_pdbx_modification_feature.label_alt_id                       ? 
_pdbx_modification_feature.modified_residue_label_comp_id     ASP 
_pdbx_modification_feature.modified_residue_label_asym_id     A 
_pdbx_modification_feature.modified_residue_label_seq_id      7 
_pdbx_modification_feature.modified_residue_label_alt_id      ? 
_pdbx_modification_feature.auth_comp_id                       GLY 
_pdbx_modification_feature.auth_asym_id                       A 
_pdbx_modification_feature.auth_seq_id                        1 
_pdbx_modification_feature.PDB_ins_code                       ? 
_pdbx_modification_feature.symmetry                           1_555 
_pdbx_modification_feature.modified_residue_auth_comp_id      ASP 
_pdbx_modification_feature.modified_residue_auth_asym_id      A 
_pdbx_modification_feature.modified_residue_auth_seq_id       7 
_pdbx_modification_feature.modified_residue_PDB_ins_code      ? 
_pdbx_modification_feature.modified_residue_symmetry          1_555 
_pdbx_modification_feature.comp_id_linking_atom               N 
_pdbx_modification_feature.modified_residue_id_linking_atom   C 
_pdbx_modification_feature.modified_residue_id                . 
_pdbx_modification_feature.ref_pcm_id                         . 
_pdbx_modification_feature.ref_comp_id                        . 
_pdbx_modification_feature.type                               None 
_pdbx_modification_feature.category                           'Non-standard linkage' 
# 
_pdbx_entry_details.entry_id                   7M2C 
_pdbx_entry_details.compound_details           ? 
_pdbx_entry_details.source_details             ? 
_pdbx_entry_details.nonpolymer_details         ? 
_pdbx_entry_details.sequence_details           ? 
_pdbx_entry_details.has_ligand_of_interest     ? 
_pdbx_entry_details.has_protein_modification   Y 
# 
_pdbx_validate_close_contact.id               1 
_pdbx_validate_close_contact.PDB_model_num    20 
_pdbx_validate_close_contact.auth_atom_id_1   HG1 
_pdbx_validate_close_contact.auth_asym_id_1   A 
_pdbx_validate_close_contact.auth_comp_id_1   THR 
_pdbx_validate_close_contact.auth_seq_id_1    4 
_pdbx_validate_close_contact.PDB_ins_code_1   ? 
_pdbx_validate_close_contact.label_alt_id_1   ? 
_pdbx_validate_close_contact.auth_atom_id_2   OD2 
_pdbx_validate_close_contact.auth_asym_id_2   A 
_pdbx_validate_close_contact.auth_comp_id_2   ASP 
_pdbx_validate_close_contact.auth_seq_id_2    7 
_pdbx_validate_close_contact.PDB_ins_code_2   ? 
_pdbx_validate_close_contact.label_alt_id_2   ? 
_pdbx_validate_close_contact.dist             1.59 
# 
loop_
_pdbx_validate_torsion.id 
_pdbx_validate_torsion.PDB_model_num 
_pdbx_validate_torsion.auth_comp_id 
_pdbx_validate_torsion.auth_asym_id 
_pdbx_validate_torsion.auth_seq_id 
_pdbx_validate_torsion.PDB_ins_code 
_pdbx_validate_torsion.label_alt_id 
_pdbx_validate_torsion.phi 
_pdbx_validate_torsion.psi 
1 1  TYR A 2 ? ? -124.68 -60.53 
2 2  TYR A 2 ? ? -102.29 -62.31 
3 4  TYR A 2 ? ? -124.09 -54.92 
4 8  PRO A 5 ? ? -47.32  -18.63 
5 15 TYR A 2 ? ? -107.98 -61.37 
6 18 TYR A 2 ? ? -96.96  -66.17 
7 19 TYR A 2 ? ? -100.14 -65.48 
# 
_pdbx_nmr_ensemble.entry_id                                      7M2C 
_pdbx_nmr_ensemble.conformers_calculated_total_number            50 
_pdbx_nmr_ensemble.conformers_submitted_total_number             20 
_pdbx_nmr_ensemble.conformer_selection_criteria                  'structures with the least restraint violations' 
_pdbx_nmr_ensemble.representative_conformer                      ? 
_pdbx_nmr_ensemble.average_constraints_per_residue               ? 
_pdbx_nmr_ensemble.average_constraint_violations_per_residue     ? 
_pdbx_nmr_ensemble.maximum_distance_constraint_violation         ? 
_pdbx_nmr_ensemble.average_distance_constraint_violation         ? 
_pdbx_nmr_ensemble.maximum_upper_distance_constraint_violation   ? 
_pdbx_nmr_ensemble.maximum_lower_distance_constraint_violation   ? 
_pdbx_nmr_ensemble.distance_constraint_violation_method          ? 
_pdbx_nmr_ensemble.maximum_torsion_angle_constraint_violation    ? 
_pdbx_nmr_ensemble.average_torsion_angle_constraint_violation    ? 
_pdbx_nmr_ensemble.torsion_angle_constraint_violation_method     ? 
# 
_pdbx_nmr_representative.entry_id             7M2C 
_pdbx_nmr_representative.conformer_id         1 
_pdbx_nmr_representative.selection_criteria   'closest to the average' 
# 
_pdbx_nmr_sample_details.solution_id      1 
_pdbx_nmr_sample_details.contents         '2 mg/mL PLP-46, 99.5% CD3CN' 
_pdbx_nmr_sample_details.solvent_system   '99.5% CD3CN' 
_pdbx_nmr_sample_details.label            PLP-46 
_pdbx_nmr_sample_details.type             solution 
_pdbx_nmr_sample_details.details          ? 
# 
_pdbx_nmr_exptl_sample.solution_id           1 
_pdbx_nmr_exptl_sample.component             PLP-46 
_pdbx_nmr_exptl_sample.concentration         2 
_pdbx_nmr_exptl_sample.concentration_range   ? 
_pdbx_nmr_exptl_sample.concentration_units   mg/mL 
_pdbx_nmr_exptl_sample.isotopic_labeling     'natural abundance' 
# 
loop_
_pdbx_nmr_exptl_sample_conditions.conditions_id 
_pdbx_nmr_exptl_sample_conditions.temperature 
_pdbx_nmr_exptl_sample_conditions.pressure_units 
_pdbx_nmr_exptl_sample_conditions.pressure 
_pdbx_nmr_exptl_sample_conditions.pH 
_pdbx_nmr_exptl_sample_conditions.ionic_strength 
_pdbx_nmr_exptl_sample_conditions.details 
_pdbx_nmr_exptl_sample_conditions.ionic_strength_err 
_pdbx_nmr_exptl_sample_conditions.ionic_strength_units 
_pdbx_nmr_exptl_sample_conditions.label 
_pdbx_nmr_exptl_sample_conditions.pH_err 
_pdbx_nmr_exptl_sample_conditions.pH_units 
_pdbx_nmr_exptl_sample_conditions.pressure_err 
_pdbx_nmr_exptl_sample_conditions.temperature_err 
_pdbx_nmr_exptl_sample_conditions.temperature_units 
1 288 atm 1 3.5 0 ? ? mM 288K ? pH ? ? K 
2 293 atm 1 3.5 0 ? ? mM 293K ? pH ? ? K 
3 298 atm 1 3.5 0 ? ? mM 298K ? pH ? ? K 
4 303 atm 1 3.5 0 ? ? mM 303K ? pH ? ? K 
5 308 atm 1 3.5 0 ? ? mM 308K ? pH ? ? K 
# 
loop_
_pdbx_nmr_exptl.experiment_id 
_pdbx_nmr_exptl.conditions_id 
_pdbx_nmr_exptl.solution_id 
_pdbx_nmr_exptl.type 
_pdbx_nmr_exptl.spectrometer_id 
_pdbx_nmr_exptl.sample_state 
1 3 1 '2D 1H-1H NOESY' 1 isotropic 
2 3 1 '2D 1H-1H TOCSY' 1 isotropic 
3 3 1 '2D 1H-13C HSQC' 1 isotropic 
4 3 1 '2D 1H-15N HSQC' 1 isotropic 
5 1 1 '2D 1H-1H TOCSY' 1 isotropic 
8 2 1 '2D 1H-1H TOCSY' 1 isotropic 
7 4 1 '2D 1H-1H TOCSY' 1 isotropic 
6 5 1 '2D 1H-1H TOCSY' 1 isotropic 
# 
loop_
_pdbx_nmr_refine.entry_id 
_pdbx_nmr_refine.method 
_pdbx_nmr_refine.details 
_pdbx_nmr_refine.software_ordinal 
7M2C 'simulated annealing' 'using torsion angle dynamics'                         2 
7M2C 'simulated annealing' 'using torsion angle dynamics and Cartesian space'     5 
7M2C 'simulated annealing' 'minimized in explicit water using Cartesian dynamics' 1 
# 
loop_
_pdbx_nmr_software.ordinal 
_pdbx_nmr_software.classification 
_pdbx_nmr_software.name 
_pdbx_nmr_software.version 
_pdbx_nmr_software.authors 
1 refinement                  CNS   ? 'Brunger, Adams, Clore, Gros, Nilges and Read' 
2 'structure calculation'     CYANA ? 'Guntert, Mumenthaler and Wuthrich'            
5 'structure calculation'     CNS   ? 'Brunger, Adams, Clore, Gros, Nilges and Read' 
3 'chemical shift assignment' CARA  ? 'Keller and Wuthrich'                          
4 'peak picking'              CARA  ? 'Keller and Wuthrich'                          
# 
loop_
_chem_comp_atom.comp_id 
_chem_comp_atom.atom_id 
_chem_comp_atom.type_symbol 
_chem_comp_atom.pdbx_aromatic_flag 
_chem_comp_atom.pdbx_stereo_config 
_chem_comp_atom.pdbx_ordinal 
ASP N    N N N 1   
ASP CA   C N S 2   
ASP C    C N N 3   
ASP O    O N N 4   
ASP CB   C N N 5   
ASP CG   C N N 6   
ASP OD1  O N N 7   
ASP OD2  O N N 8   
ASP OXT  O N N 9   
ASP H    H N N 10  
ASP H2   H N N 11  
ASP HA   H N N 12  
ASP HB2  H N N 13  
ASP HB3  H N N 14  
ASP HD2  H N N 15  
ASP HXT  H N N 16  
GLY N    N N N 17  
GLY CA   C N N 18  
GLY C    C N N 19  
GLY O    O N N 20  
GLY OXT  O N N 21  
GLY H    H N N 22  
GLY H2   H N N 23  
GLY HA2  H N N 24  
GLY HA3  H N N 25  
GLY HXT  H N N 26  
ILE N    N N N 27  
ILE CA   C N S 28  
ILE C    C N N 29  
ILE O    O N N 30  
ILE CB   C N S 31  
ILE CG1  C N N 32  
ILE CG2  C N N 33  
ILE CD1  C N N 34  
ILE OXT  O N N 35  
ILE H    H N N 36  
ILE H2   H N N 37  
ILE HA   H N N 38  
ILE HB   H N N 39  
ILE HG12 H N N 40  
ILE HG13 H N N 41  
ILE HG21 H N N 42  
ILE HG22 H N N 43  
ILE HG23 H N N 44  
ILE HD11 H N N 45  
ILE HD12 H N N 46  
ILE HD13 H N N 47  
ILE HXT  H N N 48  
LEU N    N N N 49  
LEU CA   C N S 50  
LEU C    C N N 51  
LEU O    O N N 52  
LEU CB   C N N 53  
LEU CG   C N N 54  
LEU CD1  C N N 55  
LEU CD2  C N N 56  
LEU OXT  O N N 57  
LEU H    H N N 58  
LEU H2   H N N 59  
LEU HA   H N N 60  
LEU HB2  H N N 61  
LEU HB3  H N N 62  
LEU HG   H N N 63  
LEU HD11 H N N 64  
LEU HD12 H N N 65  
LEU HD13 H N N 66  
LEU HD21 H N N 67  
LEU HD22 H N N 68  
LEU HD23 H N N 69  
LEU HXT  H N N 70  
PRO N    N N N 71  
PRO CA   C N S 72  
PRO C    C N N 73  
PRO O    O N N 74  
PRO CB   C N N 75  
PRO CG   C N N 76  
PRO CD   C N N 77  
PRO OXT  O N N 78  
PRO H    H N N 79  
PRO HA   H N N 80  
PRO HB2  H N N 81  
PRO HB3  H N N 82  
PRO HG2  H N N 83  
PRO HG3  H N N 84  
PRO HD2  H N N 85  
PRO HD3  H N N 86  
PRO HXT  H N N 87  
THR N    N N N 88  
THR CA   C N S 89  
THR C    C N N 90  
THR O    O N N 91  
THR CB   C N R 92  
THR OG1  O N N 93  
THR CG2  C N N 94  
THR OXT  O N N 95  
THR H    H N N 96  
THR H2   H N N 97  
THR HA   H N N 98  
THR HB   H N N 99  
THR HG1  H N N 100 
THR HG21 H N N 101 
THR HG22 H N N 102 
THR HG23 H N N 103 
THR HXT  H N N 104 
TYR N    N N N 105 
TYR CA   C N S 106 
TYR C    C N N 107 
TYR O    O N N 108 
TYR CB   C N N 109 
TYR CG   C Y N 110 
TYR CD1  C Y N 111 
TYR CD2  C Y N 112 
TYR CE1  C Y N 113 
TYR CE2  C Y N 114 
TYR CZ   C Y N 115 
TYR OH   O N N 116 
TYR OXT  O N N 117 
TYR H    H N N 118 
TYR H2   H N N 119 
TYR HA   H N N 120 
TYR HB2  H N N 121 
TYR HB3  H N N 122 
TYR HD1  H N N 123 
TYR HD2  H N N 124 
TYR HE1  H N N 125 
TYR HE2  H N N 126 
TYR HH   H N N 127 
TYR HXT  H N N 128 
# 
loop_
_chem_comp_bond.comp_id 
_chem_comp_bond.atom_id_1 
_chem_comp_bond.atom_id_2 
_chem_comp_bond.value_order 
_chem_comp_bond.pdbx_aromatic_flag 
_chem_comp_bond.pdbx_stereo_config 
_chem_comp_bond.pdbx_ordinal 
ASP N   CA   sing N N 1   
ASP N   H    sing N N 2   
ASP N   H2   sing N N 3   
ASP CA  C    sing N N 4   
ASP CA  CB   sing N N 5   
ASP CA  HA   sing N N 6   
ASP C   O    doub N N 7   
ASP C   OXT  sing N N 8   
ASP CB  CG   sing N N 9   
ASP CB  HB2  sing N N 10  
ASP CB  HB3  sing N N 11  
ASP CG  OD1  doub N N 12  
ASP CG  OD2  sing N N 13  
ASP OD2 HD2  sing N N 14  
ASP OXT HXT  sing N N 15  
GLY N   CA   sing N N 16  
GLY N   H    sing N N 17  
GLY N   H2   sing N N 18  
GLY CA  C    sing N N 19  
GLY CA  HA2  sing N N 20  
GLY CA  HA3  sing N N 21  
GLY C   O    doub N N 22  
GLY C   OXT  sing N N 23  
GLY OXT HXT  sing N N 24  
ILE N   CA   sing N N 25  
ILE N   H    sing N N 26  
ILE N   H2   sing N N 27  
ILE CA  C    sing N N 28  
ILE CA  CB   sing N N 29  
ILE CA  HA   sing N N 30  
ILE C   O    doub N N 31  
ILE C   OXT  sing N N 32  
ILE CB  CG1  sing N N 33  
ILE CB  CG2  sing N N 34  
ILE CB  HB   sing N N 35  
ILE CG1 CD1  sing N N 36  
ILE CG1 HG12 sing N N 37  
ILE CG1 HG13 sing N N 38  
ILE CG2 HG21 sing N N 39  
ILE CG2 HG22 sing N N 40  
ILE CG2 HG23 sing N N 41  
ILE CD1 HD11 sing N N 42  
ILE CD1 HD12 sing N N 43  
ILE CD1 HD13 sing N N 44  
ILE OXT HXT  sing N N 45  
LEU N   CA   sing N N 46  
LEU N   H    sing N N 47  
LEU N   H2   sing N N 48  
LEU CA  C    sing N N 49  
LEU CA  CB   sing N N 50  
LEU CA  HA   sing N N 51  
LEU C   O    doub N N 52  
LEU C   OXT  sing N N 53  
LEU CB  CG   sing N N 54  
LEU CB  HB2  sing N N 55  
LEU CB  HB3  sing N N 56  
LEU CG  CD1  sing N N 57  
LEU CG  CD2  sing N N 58  
LEU CG  HG   sing N N 59  
LEU CD1 HD11 sing N N 60  
LEU CD1 HD12 sing N N 61  
LEU CD1 HD13 sing N N 62  
LEU CD2 HD21 sing N N 63  
LEU CD2 HD22 sing N N 64  
LEU CD2 HD23 sing N N 65  
LEU OXT HXT  sing N N 66  
PRO N   CA   sing N N 67  
PRO N   CD   sing N N 68  
PRO N   H    sing N N 69  
PRO CA  C    sing N N 70  
PRO CA  CB   sing N N 71  
PRO CA  HA   sing N N 72  
PRO C   O    doub N N 73  
PRO C   OXT  sing N N 74  
PRO CB  CG   sing N N 75  
PRO CB  HB2  sing N N 76  
PRO CB  HB3  sing N N 77  
PRO CG  CD   sing N N 78  
PRO CG  HG2  sing N N 79  
PRO CG  HG3  sing N N 80  
PRO CD  HD2  sing N N 81  
PRO CD  HD3  sing N N 82  
PRO OXT HXT  sing N N 83  
THR N   CA   sing N N 84  
THR N   H    sing N N 85  
THR N   H2   sing N N 86  
THR CA  C    sing N N 87  
THR CA  CB   sing N N 88  
THR CA  HA   sing N N 89  
THR C   O    doub N N 90  
THR C   OXT  sing N N 91  
THR CB  OG1  sing N N 92  
THR CB  CG2  sing N N 93  
THR CB  HB   sing N N 94  
THR OG1 HG1  sing N N 95  
THR CG2 HG21 sing N N 96  
THR CG2 HG22 sing N N 97  
THR CG2 HG23 sing N N 98  
THR OXT HXT  sing N N 99  
TYR N   CA   sing N N 100 
TYR N   H    sing N N 101 
TYR N   H2   sing N N 102 
TYR CA  C    sing N N 103 
TYR CA  CB   sing N N 104 
TYR CA  HA   sing N N 105 
TYR C   O    doub N N 106 
TYR C   OXT  sing N N 107 
TYR CB  CG   sing N N 108 
TYR CB  HB2  sing N N 109 
TYR CB  HB3  sing N N 110 
TYR CG  CD1  doub Y N 111 
TYR CG  CD2  sing Y N 112 
TYR CD1 CE1  sing Y N 113 
TYR CD1 HD1  sing N N 114 
TYR CD2 CE2  doub Y N 115 
TYR CD2 HD2  sing N N 116 
TYR CE1 CZ   doub Y N 117 
TYR CE1 HE1  sing N N 118 
TYR CE2 CZ   sing Y N 119 
TYR CE2 HE2  sing N N 120 
TYR CZ  OH   sing N N 121 
TYR OH  HH   sing N N 122 
TYR OXT HXT  sing N N 123 
# 
_pdbx_audit_support.funding_organization   'Australian Research Council (ARC)' 
_pdbx_audit_support.country                Australia 
_pdbx_audit_support.grant_number           DP190102058 
_pdbx_audit_support.ordinal                1 
# 
_pdbx_nmr_spectrometer.spectrometer_id   1 
_pdbx_nmr_spectrometer.model             'AVANCE III' 
_pdbx_nmr_spectrometer.type              ? 
_pdbx_nmr_spectrometer.manufacturer      Bruker 
_pdbx_nmr_spectrometer.field_strength    900 
_pdbx_nmr_spectrometer.details           ? 
# 
_atom_sites.entry_id                    7M2C 
_atom_sites.Cartn_transf_matrix[1][1]   ? 
_atom_sites.Cartn_transf_matrix[1][2]   ? 
_atom_sites.Cartn_transf_matrix[1][3]   ? 
_atom_sites.Cartn_transf_matrix[2][1]   ? 
_atom_sites.Cartn_transf_matrix[2][2]   ? 
_atom_sites.Cartn_transf_matrix[2][3]   ? 
_atom_sites.Cartn_transf_matrix[3][1]   ? 
_atom_sites.Cartn_transf_matrix[3][2]   ? 
_atom_sites.Cartn_transf_matrix[3][3]   ? 
_atom_sites.Cartn_transf_vector[1]      ? 
_atom_sites.Cartn_transf_vector[2]      ? 
_atom_sites.Cartn_transf_vector[3]      ? 
_atom_sites.fract_transf_matrix[1][1]   1.000000 
_atom_sites.fract_transf_matrix[1][2]   0.000000 
_atom_sites.fract_transf_matrix[1][3]   0.000000 
_atom_sites.fract_transf_matrix[2][1]   0.000000 
_atom_sites.fract_transf_matrix[2][2]   1.000000 
_atom_sites.fract_transf_matrix[2][3]   0.000000 
_atom_sites.fract_transf_matrix[3][1]   0.000000 
_atom_sites.fract_transf_matrix[3][2]   0.000000 
_atom_sites.fract_transf_matrix[3][3]   1.000000 
_atom_sites.fract_transf_vector[1]      0.00000 
_atom_sites.fract_transf_vector[2]      0.00000 
_atom_sites.fract_transf_vector[3]      0.00000 
_atom_sites.solution_primary            ? 
_atom_sites.solution_secondary          ? 
_atom_sites.solution_hydrogens          ? 
_atom_sites.special_details             ? 
# 
loop_
_atom_type.symbol 
C 
H 
N 
O 
# 
loop_
_atom_site.group_PDB 
_atom_site.id 
_atom_site.type_symbol 
_atom_site.label_atom_id 
_atom_site.label_alt_id 
_atom_site.label_comp_id 
_atom_site.label_asym_id 
_atom_site.label_entity_id 
_atom_site.label_seq_id 
_atom_site.pdbx_PDB_ins_code 
_atom_site.Cartn_x 
_atom_site.Cartn_y 
_atom_site.Cartn_z 
_atom_site.occupancy 
_atom_site.B_iso_or_equiv 
_atom_site.pdbx_formal_charge 
_atom_site.auth_seq_id 
_atom_site.auth_comp_id 
_atom_site.auth_asym_id 
_atom_site.auth_atom_id 
_atom_site.pdbx_PDB_model_num 
ATOM 1    N N    . GLY A 1 1 ? -1.578 1.360  0.600   1.00 0.00 ? 1 GLY A N    1  
ATOM 2    C CA   . GLY A 1 1 ? -2.807 1.243  -0.127  1.00 0.00 ? 1 GLY A CA   1  
ATOM 3    C C    . GLY A 1 1 ? -2.607 1.198  -1.616  1.00 0.00 ? 1 GLY A C    1  
ATOM 4    O O    . GLY A 1 1 ? -3.544 0.887  -2.356  1.00 0.00 ? 1 GLY A O    1  
ATOM 5    H H1   . GLY A 1 1 ? -0.902 0.649  0.536   1.00 0.00 ? 1 GLY A H1   1  
ATOM 6    H HA2  . GLY A 1 1 ? -3.306 0.336  0.180   1.00 0.00 ? 1 GLY A HA2  1  
ATOM 7    H HA3  . GLY A 1 1 ? -3.436 2.087  0.115   1.00 0.00 ? 1 GLY A HA3  1  
ATOM 8    N N    . TYR A 1 2 ? -1.416 1.527  -2.076  1.00 0.00 ? 2 TYR A N    1  
ATOM 9    C CA   . TYR A 1 2 ? -1.139 1.461  -3.486  1.00 0.00 ? 2 TYR A CA   1  
ATOM 10   C C    . TYR A 1 2 ? 0.073  0.588  -3.786  1.00 0.00 ? 2 TYR A C    1  
ATOM 11   O O    . TYR A 1 2 ? -0.049 -0.426 -4.477  1.00 0.00 ? 2 TYR A O    1  
ATOM 12   C CB   . TYR A 1 2 ? -0.978 2.852  -4.128  1.00 0.00 ? 2 TYR A CB   1  
ATOM 13   C CG   . TYR A 1 2 ? -0.711 2.771  -5.621  1.00 0.00 ? 2 TYR A CG   1  
ATOM 14   C CD1  . TYR A 1 2 ? 0.561  2.972  -6.131  1.00 0.00 ? 2 TYR A CD1  1  
ATOM 15   C CD2  . TYR A 1 2 ? -1.722 2.442  -6.511  1.00 0.00 ? 2 TYR A CD2  1  
ATOM 16   C CE1  . TYR A 1 2 ? 0.817  2.846  -7.473  1.00 0.00 ? 2 TYR A CE1  1  
ATOM 17   C CE2  . TYR A 1 2 ? -1.470 2.326  -7.862  1.00 0.00 ? 2 TYR A CE2  1  
ATOM 18   C CZ   . TYR A 1 2 ? -0.198 2.525  -8.335  1.00 0.00 ? 2 TYR A CZ   1  
ATOM 19   O OH   . TYR A 1 2 ? 0.065  2.385  -9.678  1.00 0.00 ? 2 TYR A OH   1  
ATOM 20   H H    . TYR A 1 2 ? -0.703 1.840  -1.472  1.00 0.00 ? 2 TYR A H    1  
ATOM 21   H HA   . TYR A 1 2 ? -1.996 0.982  -3.936  1.00 0.00 ? 2 TYR A HA   1  
ATOM 22   H HB2  . TYR A 1 2 ? -1.879 3.428  -3.973  1.00 0.00 ? 2 TYR A HB2  1  
ATOM 23   H HB3  . TYR A 1 2 ? -0.145 3.361  -3.666  1.00 0.00 ? 2 TYR A HB3  1  
ATOM 24   H HD1  . TYR A 1 2 ? 1.362  3.230  -5.455  1.00 0.00 ? 2 TYR A HD1  1  
ATOM 25   H HD2  . TYR A 1 2 ? -2.722 2.287  -6.134  1.00 0.00 ? 2 TYR A HD2  1  
ATOM 26   H HE1  . TYR A 1 2 ? 1.817  3.008  -7.845  1.00 0.00 ? 2 TYR A HE1  1  
ATOM 27   H HE2  . TYR A 1 2 ? -2.268 2.072  -8.545  1.00 0.00 ? 2 TYR A HE2  1  
ATOM 28   H HH   . TYR A 1 2 ? 0.773  1.729  -9.740  1.00 0.00 ? 2 TYR A HH   1  
ATOM 29   N N    . ILE A 1 3 ? 1.224  0.949  -3.265  1.00 0.00 ? 3 ILE A N    1  
ATOM 30   C CA   . ILE A 1 3 ? 2.445  0.232  -3.612  1.00 0.00 ? 3 ILE A CA   1  
ATOM 31   C C    . ILE A 1 3 ? 2.572  -0.996 -2.731  1.00 0.00 ? 3 ILE A C    1  
ATOM 32   O O    . ILE A 1 3 ? 2.919  -2.091 -3.183  1.00 0.00 ? 3 ILE A O    1  
ATOM 33   C CB   . ILE A 1 3 ? 3.701  1.134  -3.444  1.00 0.00 ? 3 ILE A CB   1  
ATOM 34   C CG1  . ILE A 1 3 ? 3.530  2.434  -4.249  1.00 0.00 ? 3 ILE A CG1  1  
ATOM 35   C CG2  . ILE A 1 3 ? 4.957  0.389  -3.900  1.00 0.00 ? 3 ILE A CG2  1  
ATOM 36   C CD1  . ILE A 1 3 ? 4.675  3.417  -4.121  1.00 0.00 ? 3 ILE A CD1  1  
ATOM 37   H H    . ILE A 1 3 ? 1.247  1.684  -2.604  1.00 0.00 ? 3 ILE A H    1  
ATOM 38   H HA   . ILE A 1 3 ? 2.369  -0.081 -4.644  1.00 0.00 ? 3 ILE A HA   1  
ATOM 39   H HB   . ILE A 1 3 ? 3.809  1.380  -2.397  1.00 0.00 ? 3 ILE A HB   1  
ATOM 40   H HG12 . ILE A 1 3 ? 3.419  2.194  -5.296  1.00 0.00 ? 3 ILE A HG12 1  
ATOM 41   H HG13 . ILE A 1 3 ? 2.634  2.925  -3.900  1.00 0.00 ? 3 ILE A HG13 1  
ATOM 42   H HG21 . ILE A 1 3 ? 5.086  -0.498 -3.297  1.00 0.00 ? 3 ILE A HG21 1  
ATOM 43   H HG22 . ILE A 1 3 ? 5.816  1.032  -3.787  1.00 0.00 ? 3 ILE A HG22 1  
ATOM 44   H HG23 . ILE A 1 3 ? 4.852  0.108  -4.937  1.00 0.00 ? 3 ILE A HG23 1  
ATOM 45   H HD11 . ILE A 1 3 ? 5.592  2.946  -4.447  1.00 0.00 ? 3 ILE A HD11 1  
ATOM 46   H HD12 . ILE A 1 3 ? 4.771  3.726  -3.091  1.00 0.00 ? 3 ILE A HD12 1  
ATOM 47   H HD13 . ILE A 1 3 ? 4.478  4.281  -4.738  1.00 0.00 ? 3 ILE A HD13 1  
ATOM 48   N N    . THR A 1 4 ? 2.241  -0.817 -1.507  1.00 0.00 ? 4 THR A N    1  
ATOM 49   C CA   . THR A 1 4 ? 2.251  -1.846 -0.533  1.00 0.00 ? 4 THR A CA   1  
ATOM 50   C C    . THR A 1 4 ? 0.917  -1.738 0.213   1.00 0.00 ? 4 THR A C    1  
ATOM 51   O O    . THR A 1 4 ? 0.407  -0.630 0.366   1.00 0.00 ? 4 THR A O    1  
ATOM 52   C CB   . THR A 1 4 ? 3.442  -1.600 0.437   1.00 0.00 ? 4 THR A CB   1  
ATOM 53   O OG1  . THR A 1 4 ? 4.659  -1.466 -0.323  1.00 0.00 ? 4 THR A OG1  1  
ATOM 54   C CG2  . THR A 1 4 ? 3.613  -2.729 1.447   1.00 0.00 ? 4 THR A CG2  1  
ATOM 55   H H    . THR A 1 4 ? 1.986  0.081  -1.189  1.00 0.00 ? 4 THR A H    1  
ATOM 56   H HA   . THR A 1 4 ? 2.356  -2.806 -1.014  1.00 0.00 ? 4 THR A HA   1  
ATOM 57   H HB   . THR A 1 4 ? 3.256  -0.674 0.959   1.00 0.00 ? 4 THR A HB   1  
ATOM 58   H HG1  . THR A 1 4 ? 4.634  -2.092 -1.056  1.00 0.00 ? 4 THR A HG1  1  
ATOM 59   H HG21 . THR A 1 4 ? 3.803  -3.656 0.926   1.00 0.00 ? 4 THR A HG21 1  
ATOM 60   H HG22 . THR A 1 4 ? 2.713  -2.826 2.037   1.00 0.00 ? 4 THR A HG22 1  
ATOM 61   H HG23 . THR A 1 4 ? 4.445  -2.507 2.099   1.00 0.00 ? 4 THR A HG23 1  
ATOM 62   N N    . PRO A 1 5 ? 0.290  -2.862 0.614   1.00 0.00 ? 5 PRO A N    1  
ATOM 63   C CA   . PRO A 1 5 ? -0.982 -2.853 1.375   1.00 0.00 ? 5 PRO A CA   1  
ATOM 64   C C    . PRO A 1 5 ? -0.991 -1.866 2.557   1.00 0.00 ? 5 PRO A C    1  
ATOM 65   O O    . PRO A 1 5 ? -2.027 -1.304 2.893   1.00 0.00 ? 5 PRO A O    1  
ATOM 66   C CB   . PRO A 1 5 ? -1.087 -4.285 1.877   1.00 0.00 ? 5 PRO A CB   1  
ATOM 67   C CG   . PRO A 1 5 ? -0.413 -5.090 0.829   1.00 0.00 ? 5 PRO A CG   1  
ATOM 68   C CD   . PRO A 1 5 ? 0.715  -4.244 0.307   1.00 0.00 ? 5 PRO A CD   1  
ATOM 69   H HA   . PRO A 1 5 ? -1.823 -2.630 0.737   1.00 0.00 ? 5 PRO A HA   1  
ATOM 70   H HB2  . PRO A 1 5 ? -0.591 -4.372 2.832   1.00 0.00 ? 5 PRO A HB2  1  
ATOM 71   H HB3  . PRO A 1 5 ? -2.127 -4.557 1.973   1.00 0.00 ? 5 PRO A HB3  1  
ATOM 72   H HG2  . PRO A 1 5 ? -0.031 -6.004 1.256   1.00 0.00 ? 5 PRO A HG2  1  
ATOM 73   H HG3  . PRO A 1 5 ? -1.111 -5.311 0.033   1.00 0.00 ? 5 PRO A HG3  1  
ATOM 74   H HD2  . PRO A 1 5 ? 1.636  -4.483 0.819   1.00 0.00 ? 5 PRO A HD2  1  
ATOM 75   H HD3  . PRO A 1 5 ? 0.828  -4.382 -0.758  1.00 0.00 ? 5 PRO A HD3  1  
ATOM 76   N N    . LEU A 1 6 ? 0.183  -1.623 3.141   1.00 0.00 ? 6 LEU A N    1  
ATOM 77   C CA   . LEU A 1 6 ? 0.310  -0.705 4.268   1.00 0.00 ? 6 LEU A CA   1  
ATOM 78   C C    . LEU A 1 6 ? -0.012 0.745  3.860   1.00 0.00 ? 6 LEU A C    1  
ATOM 79   O O    . LEU A 1 6 ? -0.535 1.516  4.666   1.00 0.00 ? 6 LEU A O    1  
ATOM 80   C CB   . LEU A 1 6 ? 1.722  -0.780 4.853   1.00 0.00 ? 6 LEU A CB   1  
ATOM 81   C CG   . LEU A 1 6 ? 2.158  -2.148 5.389   1.00 0.00 ? 6 LEU A CG   1  
ATOM 82   C CD1  . LEU A 1 6 ? 3.603  -2.098 5.856   1.00 0.00 ? 6 LEU A CD1  1  
ATOM 83   C CD2  . LEU A 1 6 ? 1.249  -2.602 6.527   1.00 0.00 ? 6 LEU A CD2  1  
ATOM 84   H H    . LEU A 1 6 ? 0.971  -2.090 2.797   1.00 0.00 ? 6 LEU A H    1  
ATOM 85   H HA   . LEU A 1 6 ? -0.393 -1.016 5.024   1.00 0.00 ? 6 LEU A HA   1  
ATOM 86   H HB2  . LEU A 1 6 ? 2.417  -0.486 4.081   1.00 0.00 ? 6 LEU A HB2  1  
ATOM 87   H HB3  . LEU A 1 6 ? 1.789  -0.066 5.661   1.00 0.00 ? 6 LEU A HB3  1  
ATOM 88   H HG   . LEU A 1 6 ? 2.084  -2.867 4.586   1.00 0.00 ? 6 LEU A HG   1  
ATOM 89   H HD11 . LEU A 1 6 ? 3.703  -1.364 6.641   1.00 0.00 ? 6 LEU A HD11 1  
ATOM 90   H HD12 . LEU A 1 6 ? 4.240  -1.829 5.026   1.00 0.00 ? 6 LEU A HD12 1  
ATOM 91   H HD13 . LEU A 1 6 ? 3.893  -3.069 6.231   1.00 0.00 ? 6 LEU A HD13 1  
ATOM 92   H HD21 . LEU A 1 6 ? 0.236  -2.700 6.167   1.00 0.00 ? 6 LEU A HD21 1  
ATOM 93   H HD22 . LEU A 1 6 ? 1.279  -1.874 7.323   1.00 0.00 ? 6 LEU A HD22 1  
ATOM 94   H HD23 . LEU A 1 6 ? 1.592  -3.555 6.901   1.00 0.00 ? 6 LEU A HD23 1  
ATOM 95   N N    . ASP A 1 7 ? 0.249  1.092  2.604   1.00 0.00 ? 7 ASP A N    1  
ATOM 96   C CA   . ASP A 1 7 ? -0.067 2.437  2.111   1.00 0.00 ? 7 ASP A CA   1  
ATOM 97   C C    . ASP A 1 7 ? -1.354 2.421  1.335   1.00 0.00 ? 7 ASP A C    1  
ATOM 98   O O    . ASP A 1 7 ? -2.150 3.350  1.421   1.00 0.00 ? 7 ASP A O    1  
ATOM 99   C CB   . ASP A 1 7 ? 1.071  3.083  1.272   1.00 0.00 ? 7 ASP A CB   1  
ATOM 100  C CG   . ASP A 1 7 ? 1.460  2.318  0.023   1.00 0.00 ? 7 ASP A CG   1  
ATOM 101  O OD1  . ASP A 1 7 ? 0.890  2.561  -1.058  1.00 0.00 ? 7 ASP A OD1  1  
ATOM 102  O OD2  . ASP A 1 7 ? 2.368  1.479  0.100   1.00 0.00 ? 7 ASP A OD2  1  
ATOM 103  H H    . ASP A 1 7 ? 0.639  0.429  1.992   1.00 0.00 ? 7 ASP A H    1  
ATOM 104  H HA   . ASP A 1 7 ? -0.239 3.040  2.991   1.00 0.00 ? 7 ASP A HA   1  
ATOM 105  H HB2  . ASP A 1 7 ? 0.748  4.064  0.959   1.00 0.00 ? 7 ASP A HB2  1  
ATOM 106  H HB3  . ASP A 1 7 ? 1.946  3.197  1.895   1.00 0.00 ? 7 ASP A HB3  1  
ATOM 107  N N    . GLY A 1 1 ? -1.508 1.265  0.590   1.00 0.00 ? 1 GLY A N    2  
ATOM 108  C CA   . GLY A 1 1 ? -2.683 1.039  -0.198  1.00 0.00 ? 1 GLY A CA   2  
ATOM 109  C C    . GLY A 1 1 ? -2.392 0.921  -1.671  1.00 0.00 ? 1 GLY A C    2  
ATOM 110  O O    . GLY A 1 1 ? -3.069 0.171  -2.386  1.00 0.00 ? 1 GLY A O    2  
ATOM 111  H H1   . GLY A 1 1 ? -0.785 0.598  0.583   1.00 0.00 ? 1 GLY A H1   2  
ATOM 112  H HA2  . GLY A 1 1 ? -3.158 0.129  0.137   1.00 0.00 ? 1 GLY A HA2  2  
ATOM 113  H HA3  . GLY A 1 1 ? -3.360 1.866  -0.042  1.00 0.00 ? 1 GLY A HA3  2  
ATOM 114  N N    . TYR A 1 2 ? -1.387 1.617  -2.139  1.00 0.00 ? 2 TYR A N    2  
ATOM 115  C CA   . TYR A 1 2 ? -1.091 1.620  -3.550  1.00 0.00 ? 2 TYR A CA   2  
ATOM 116  C C    . TYR A 1 2 ? 0.082  0.722  -3.859  1.00 0.00 ? 2 TYR A C    2  
ATOM 117  O O    . TYR A 1 2 ? -0.069 -0.278 -4.560  1.00 0.00 ? 2 TYR A O    2  
ATOM 118  C CB   . TYR A 1 2 ? -0.841 3.050  -4.069  1.00 0.00 ? 2 TYR A CB   2  
ATOM 119  C CG   . TYR A 1 2 ? -0.668 3.146  -5.577  1.00 0.00 ? 2 TYR A CG   2  
ATOM 120  C CD1  . TYR A 1 2 ? 0.592  3.180  -6.156  1.00 0.00 ? 2 TYR A CD1  2  
ATOM 121  C CD2  . TYR A 1 2 ? -1.772 3.196  -6.416  1.00 0.00 ? 2 TYR A CD2  2  
ATOM 122  C CE1  . TYR A 1 2 ? 0.747  3.258  -7.524  1.00 0.00 ? 2 TYR A CE1  2  
ATOM 123  C CE2  . TYR A 1 2 ? -1.622 3.276  -7.789  1.00 0.00 ? 2 TYR A CE2  2  
ATOM 124  C CZ   . TYR A 1 2 ? -0.361 3.305  -8.335  1.00 0.00 ? 2 TYR A CZ   2  
ATOM 125  O OH   . TYR A 1 2 ? -0.204 3.373  -9.706  1.00 0.00 ? 2 TYR A OH   2  
ATOM 126  H H    . TYR A 1 2 ? -0.808 2.134  -1.530  1.00 0.00 ? 2 TYR A H    2  
ATOM 127  H HA   . TYR A 1 2 ? -1.954 1.219  -4.059  1.00 0.00 ? 2 TYR A HA   2  
ATOM 128  H HB2  . TYR A 1 2 ? -1.680 3.672  -3.794  1.00 0.00 ? 2 TYR A HB2  2  
ATOM 129  H HB3  . TYR A 1 2 ? 0.053  3.438  -3.603  1.00 0.00 ? 2 TYR A HB3  2  
ATOM 130  H HD1  . TYR A 1 2 ? 1.464  3.143  -5.520  1.00 0.00 ? 2 TYR A HD1  2  
ATOM 131  H HD2  . TYR A 1 2 ? -2.761 3.173  -5.985  1.00 0.00 ? 2 TYR A HD2  2  
ATOM 132  H HE1  . TYR A 1 2 ? 1.734  3.284  -7.955  1.00 0.00 ? 2 TYR A HE1  2  
ATOM 133  H HE2  . TYR A 1 2 ? -2.493 3.313  -8.427  1.00 0.00 ? 2 TYR A HE2  2  
ATOM 134  H HH   . TYR A 1 2 ? -0.846 4.017  -10.037 1.00 0.00 ? 2 TYR A HH   2  
ATOM 135  N N    . ILE A 1 3 ? 1.237  1.040  -3.315  1.00 0.00 ? 3 ILE A N    2  
ATOM 136  C CA   . ILE A 1 3 ? 2.436  0.278  -3.637  1.00 0.00 ? 3 ILE A CA   2  
ATOM 137  C C    . ILE A 1 3 ? 2.493  -0.973 -2.780  1.00 0.00 ? 3 ILE A C    2  
ATOM 138  O O    . ILE A 1 3 ? 2.830  -2.058 -3.245  1.00 0.00 ? 3 ILE A O    2  
ATOM 139  C CB   . ILE A 1 3 ? 3.727  1.115  -3.410  1.00 0.00 ? 3 ILE A CB   2  
ATOM 140  C CG1  . ILE A 1 3 ? 3.667  2.426  -4.202  1.00 0.00 ? 3 ILE A CG1  2  
ATOM 141  C CG2  . ILE A 1 3 ? 4.965  0.316  -3.813  1.00 0.00 ? 3 ILE A CG2  2  
ATOM 142  C CD1  . ILE A 1 3 ? 4.895  3.296  -4.041  1.00 0.00 ? 3 ILE A CD1  2  
ATOM 143  H H    . ILE A 1 3 ? 1.282  1.781  -2.667  1.00 0.00 ? 3 ILE A H    2  
ATOM 144  H HA   . ILE A 1 3 ? 2.382  -0.007 -4.677  1.00 0.00 ? 3 ILE A HA   2  
ATOM 145  H HB   . ILE A 1 3 ? 3.799  1.346  -2.357  1.00 0.00 ? 3 ILE A HB   2  
ATOM 146  H HG12 . ILE A 1 3 ? 3.558  2.201  -5.252  1.00 0.00 ? 3 ILE A HG12 2  
ATOM 147  H HG13 . ILE A 1 3 ? 2.811  2.993  -3.867  1.00 0.00 ? 3 ILE A HG13 2  
ATOM 148  H HG21 . ILE A 1 3 ? 5.000  -0.600 -3.240  1.00 0.00 ? 3 ILE A HG21 2  
ATOM 149  H HG22 . ILE A 1 3 ? 5.852  0.900  -3.612  1.00 0.00 ? 3 ILE A HG22 2  
ATOM 150  H HG23 . ILE A 1 3 ? 4.917  0.085  -4.866  1.00 0.00 ? 3 ILE A HG23 2  
ATOM 151  H HD11 . ILE A 1 3 ? 5.763  2.762  -4.400  1.00 0.00 ? 3 ILE A HD11 2  
ATOM 152  H HD12 . ILE A 1 3 ? 5.029  3.533  -2.997  1.00 0.00 ? 3 ILE A HD12 2  
ATOM 153  H HD13 . ILE A 1 3 ? 4.772  4.207  -4.606  1.00 0.00 ? 3 ILE A HD13 2  
ATOM 154  N N    . THR A 1 4 ? 2.128  -0.821 -1.554  1.00 0.00 ? 4 THR A N    2  
ATOM 155  C CA   . THR A 1 4 ? 2.135  -1.883 -0.601  1.00 0.00 ? 4 THR A CA   2  
ATOM 156  C C    . THR A 1 4 ? 0.863  -1.744 0.248   1.00 0.00 ? 4 THR A C    2  
ATOM 157  O O    . THR A 1 4 ? 0.429  -0.625 0.469   1.00 0.00 ? 4 THR A O    2  
ATOM 158  C CB   . THR A 1 4 ? 3.423  -1.740 0.251   1.00 0.00 ? 4 THR A CB   2  
ATOM 159  O OG1  . THR A 1 4 ? 4.557  -1.768 -0.630  1.00 0.00 ? 4 THR A OG1  2  
ATOM 160  C CG2  . THR A 1 4 ? 3.571  -2.841 1.282   1.00 0.00 ? 4 THR A CG2  2  
ATOM 161  H H    . THR A 1 4 ? 1.867  0.068  -1.219  1.00 0.00 ? 4 THR A H    2  
ATOM 162  H HA   . THR A 1 4 ? 2.145  -2.830 -1.120  1.00 0.00 ? 4 THR A HA   2  
ATOM 163  H HB   . THR A 1 4 ? 3.393  -0.778 0.736   1.00 0.00 ? 4 THR A HB   2  
ATOM 164  H HG1  . THR A 1 4 ? 4.241  -2.231 -1.419  1.00 0.00 ? 4 THR A HG1  2  
ATOM 165  H HG21 . THR A 1 4 ? 4.478  -2.683 1.849   1.00 0.00 ? 4 THR A HG21 2  
ATOM 166  H HG22 . THR A 1 4 ? 3.623  -3.797 0.784   1.00 0.00 ? 4 THR A HG22 2  
ATOM 167  H HG23 . THR A 1 4 ? 2.722  -2.822 1.948   1.00 0.00 ? 4 THR A HG23 2  
ATOM 168  N N    . PRO A 1 5 ? 0.203  -2.865 0.670   1.00 0.00 ? 5 PRO A N    2  
ATOM 169  C CA   . PRO A 1 5 ? -1.044 -2.831 1.484   1.00 0.00 ? 5 PRO A CA   2  
ATOM 170  C C    . PRO A 1 5 ? -1.001 -1.849 2.675   1.00 0.00 ? 5 PRO A C    2  
ATOM 171  O O    . PRO A 1 5 ? -2.033 -1.317 3.081   1.00 0.00 ? 5 PRO A O    2  
ATOM 172  C CB   . PRO A 1 5 ? -1.158 -4.263 1.994   1.00 0.00 ? 5 PRO A CB   2  
ATOM 173  C CG   . PRO A 1 5 ? -0.549 -5.083 0.918   1.00 0.00 ? 5 PRO A CG   2  
ATOM 174  C CD   . PRO A 1 5 ? 0.586  -4.264 0.359   1.00 0.00 ? 5 PRO A CD   2  
ATOM 175  H HA   . PRO A 1 5 ? -1.901 -2.602 0.870   1.00 0.00 ? 5 PRO A HA   2  
ATOM 176  H HB2  . PRO A 1 5 ? -0.618 -4.357 2.925   1.00 0.00 ? 5 PRO A HB2  2  
ATOM 177  H HB3  . PRO A 1 5 ? -2.197 -4.517 2.146   1.00 0.00 ? 5 PRO A HB3  2  
ATOM 178  H HG2  . PRO A 1 5 ? -0.180 -6.011 1.326   1.00 0.00 ? 5 PRO A HG2  2  
ATOM 179  H HG3  . PRO A 1 5 ? -1.281 -5.277 0.149   1.00 0.00 ? 5 PRO A HG3  2  
ATOM 180  H HD2  . PRO A 1 5 ? 1.517  -4.528 0.840   1.00 0.00 ? 5 PRO A HD2  2  
ATOM 181  H HD3  . PRO A 1 5 ? 0.655  -4.412 -0.707  1.00 0.00 ? 5 PRO A HD3  2  
ATOM 182  N N    . LEU A 1 6 ? 0.192  -1.600 3.207   1.00 0.00 ? 6 LEU A N    2  
ATOM 183  C CA   . LEU A 1 6 ? 0.357  -0.676 4.327   1.00 0.00 ? 6 LEU A CA   2  
ATOM 184  C C    . LEU A 1 6 ? 0.024  0.771  3.921   1.00 0.00 ? 6 LEU A C    2  
ATOM 185  O O    . LEU A 1 6 ? -0.459 1.552  4.744   1.00 0.00 ? 6 LEU A O    2  
ATOM 186  C CB   . LEU A 1 6 ? 1.777  -0.759 4.888   1.00 0.00 ? 6 LEU A CB   2  
ATOM 187  C CG   . LEU A 1 6 ? 2.212  -2.123 5.428   1.00 0.00 ? 6 LEU A CG   2  
ATOM 188  C CD1  . LEU A 1 6 ? 3.663  -2.080 5.873   1.00 0.00 ? 6 LEU A CD1  2  
ATOM 189  C CD2  . LEU A 1 6 ? 1.316  -2.566 6.579   1.00 0.00 ? 6 LEU A CD2  2  
ATOM 190  H H    . LEU A 1 6 ? 0.971  -2.064 2.837   1.00 0.00 ? 6 LEU A H    2  
ATOM 191  H HA   . LEU A 1 6 ? -0.337 -0.980 5.095   1.00 0.00 ? 6 LEU A HA   2  
ATOM 192  H HB2  . LEU A 1 6 ? 2.465  -0.479 4.105   1.00 0.00 ? 6 LEU A HB2  2  
ATOM 193  H HB3  . LEU A 1 6 ? 1.862  -0.040 5.689   1.00 0.00 ? 6 LEU A HB3  2  
ATOM 194  H HG   . LEU A 1 6 ? 2.121  -2.844 4.629   1.00 0.00 ? 6 LEU A HG   2  
ATOM 195  H HD11 . LEU A 1 6 ? 3.953  -3.050 6.250   1.00 0.00 ? 6 LEU A HD11 2  
ATOM 196  H HD12 . LEU A 1 6 ? 3.780  -1.342 6.653   1.00 0.00 ? 6 LEU A HD12 2  
ATOM 197  H HD13 . LEU A 1 6 ? 4.289  -1.819 5.033   1.00 0.00 ? 6 LEU A HD13 2  
ATOM 198  H HD21 . LEU A 1 6 ? 0.298  -2.665 6.233   1.00 0.00 ? 6 LEU A HD21 2  
ATOM 199  H HD22 . LEU A 1 6 ? 1.356  -1.831 7.369   1.00 0.00 ? 6 LEU A HD22 2  
ATOM 200  H HD23 . LEU A 1 6 ? 1.662  -3.517 6.957   1.00 0.00 ? 6 LEU A HD23 2  
ATOM 201  N N    . ASP A 1 7 ? 0.242  1.110  2.656   1.00 0.00 ? 7 ASP A N    2  
ATOM 202  C CA   . ASP A 1 7 ? -0.112 2.445  2.154   1.00 0.00 ? 7 ASP A CA   2  
ATOM 203  C C    . ASP A 1 7 ? -1.371 2.358  1.309   1.00 0.00 ? 7 ASP A C    2  
ATOM 204  O O    . ASP A 1 7 ? -2.210 3.254  1.329   1.00 0.00 ? 7 ASP A O    2  
ATOM 205  C CB   . ASP A 1 7 ? 1.033  3.133  1.356   1.00 0.00 ? 7 ASP A CB   2  
ATOM 206  C CG   . ASP A 1 7 ? 1.367  2.490  0.017   1.00 0.00 ? 7 ASP A CG   2  
ATOM 207  O OD1  . ASP A 1 7 ? 0.781  2.883  -1.019  1.00 0.00 ? 7 ASP A OD1  2  
ATOM 208  O OD2  . ASP A 1 7 ? 2.243  1.614  -0.029  1.00 0.00 ? 7 ASP A OD2  2  
ATOM 209  H H    . ASP A 1 7 ? 0.644  0.450  2.050   1.00 0.00 ? 7 ASP A H    2  
ATOM 210  H HA   . ASP A 1 7 ? -0.351 3.042  3.024   1.00 0.00 ? 7 ASP A HA   2  
ATOM 211  H HB2  . ASP A 1 7 ? 0.751  4.157  1.161   1.00 0.00 ? 7 ASP A HB2  2  
ATOM 212  H HB3  . ASP A 1 7 ? 1.923  3.136  1.967   1.00 0.00 ? 7 ASP A HB3  2  
ATOM 213  N N    . GLY A 1 1 ? -1.546 1.309  0.632   1.00 0.00 ? 1 GLY A N    3  
ATOM 214  C CA   . GLY A 1 1 ? -2.751 1.139  -0.128  1.00 0.00 ? 1 GLY A CA   3  
ATOM 215  C C    . GLY A 1 1 ? -2.489 0.930  -1.598  1.00 0.00 ? 1 GLY A C    3  
ATOM 216  O O    . GLY A 1 1 ? -3.234 0.217  -2.266  1.00 0.00 ? 1 GLY A O    3  
ATOM 217  H H1   . GLY A 1 1 ? -0.886 0.581  0.652   1.00 0.00 ? 1 GLY A H1   3  
ATOM 218  H HA2  . GLY A 1 1 ? -3.288 0.285  0.255   1.00 0.00 ? 1 GLY A HA2  3  
ATOM 219  H HA3  . GLY A 1 1 ? -3.363 2.021  -0.006  1.00 0.00 ? 1 GLY A HA3  3  
ATOM 220  N N    . TYR A 1 2 ? -1.434 1.518  -2.106  1.00 0.00 ? 2 TYR A N    3  
ATOM 221  C CA   . TYR A 1 2 ? -1.151 1.452  -3.518  1.00 0.00 ? 2 TYR A CA   3  
ATOM 222  C C    . TYR A 1 2 ? 0.095  0.625  -3.803  1.00 0.00 ? 2 TYR A C    3  
ATOM 223  O O    . TYR A 1 2 ? 0.024  -0.388 -4.493  1.00 0.00 ? 2 TYR A O    3  
ATOM 224  C CB   . TYR A 1 2 ? -1.017 2.868  -4.096  1.00 0.00 ? 2 TYR A CB   3  
ATOM 225  C CG   . TYR A 1 2 ? -0.792 2.929  -5.594  1.00 0.00 ? 2 TYR A CG   3  
ATOM 226  C CD1  . TYR A 1 2 ? 0.424  3.344  -6.119  1.00 0.00 ? 2 TYR A CD1  3  
ATOM 227  C CD2  . TYR A 1 2 ? -1.797 2.576  -6.482  1.00 0.00 ? 2 TYR A CD2  3  
ATOM 228  C CE1  . TYR A 1 2 ? 0.624  3.409  -7.481  1.00 0.00 ? 2 TYR A CE1  3  
ATOM 229  C CE2  . TYR A 1 2 ? -1.603 2.634  -7.841  1.00 0.00 ? 2 TYR A CE2  3  
ATOM 230  C CZ   . TYR A 1 2 ? -0.394 3.053  -8.337  1.00 0.00 ? 2 TYR A CZ   3  
ATOM 231  O OH   . TYR A 1 2 ? -0.198 3.117  -9.704  1.00 0.00 ? 2 TYR A OH   3  
ATOM 232  H H    . TYR A 1 2 ? -0.803 2.011  -1.528  1.00 0.00 ? 2 TYR A H    3  
ATOM 233  H HA   . TYR A 1 2 ? -1.991 0.973  -3.995  1.00 0.00 ? 2 TYR A HA   3  
ATOM 234  H HB2  . TYR A 1 2 ? -1.917 3.425  -3.879  1.00 0.00 ? 2 TYR A HB2  3  
ATOM 235  H HB3  . TYR A 1 2 ? -0.183 3.356  -3.614  1.00 0.00 ? 2 TYR A HB3  3  
ATOM 236  H HD1  . TYR A 1 2 ? 1.220  3.625  -5.446  1.00 0.00 ? 2 TYR A HD1  3  
ATOM 237  H HD2  . TYR A 1 2 ? -2.748 2.244  -6.093  1.00 0.00 ? 2 TYR A HD2  3  
ATOM 238  H HE1  . TYR A 1 2 ? 1.578  3.732  -7.870  1.00 0.00 ? 2 TYR A HE1  3  
ATOM 239  H HE2  . TYR A 1 2 ? -2.401 2.356  -8.512  1.00 0.00 ? 2 TYR A HE2  3  
ATOM 240  H HH   . TYR A 1 2 ? 0.705  2.823  -9.876  1.00 0.00 ? 2 TYR A HH   3  
ATOM 241  N N    . ILE A 1 3 ? 1.215  1.020  -3.246  1.00 0.00 ? 3 ILE A N    3  
ATOM 242  C CA   . ILE A 1 3 ? 2.483  0.353  -3.542  1.00 0.00 ? 3 ILE A CA   3  
ATOM 243  C C    . ILE A 1 3 ? 2.599  -0.914 -2.699  1.00 0.00 ? 3 ILE A C    3  
ATOM 244  O O    . ILE A 1 3 ? 3.082  -1.963 -3.146  1.00 0.00 ? 3 ILE A O    3  
ATOM 245  C CB   . ILE A 1 3 ? 3.691  1.289  -3.244  1.00 0.00 ? 3 ILE A CB   3  
ATOM 246  C CG1  . ILE A 1 3 ? 3.538  2.622  -3.998  1.00 0.00 ? 3 ILE A CG1  3  
ATOM 247  C CG2  . ILE A 1 3 ? 5.011  0.611  -3.628  1.00 0.00 ? 3 ILE A CG2  3  
ATOM 248  C CD1  . ILE A 1 3 ? 4.630  3.632  -3.705  1.00 0.00 ? 3 ILE A CD1  3  
ATOM 249  H H    . ILE A 1 3 ? 1.188  1.755  -2.586  1.00 0.00 ? 3 ILE A H    3  
ATOM 250  H HA   . ILE A 1 3 ? 2.489  0.086  -4.589  1.00 0.00 ? 3 ILE A HA   3  
ATOM 251  H HB   . ILE A 1 3 ? 3.706  1.488  -2.183  1.00 0.00 ? 3 ILE A HB   3  
ATOM 252  H HG12 . ILE A 1 3 ? 3.545  2.431  -5.060  1.00 0.00 ? 3 ILE A HG12 3  
ATOM 253  H HG13 . ILE A 1 3 ? 2.591  3.066  -3.728  1.00 0.00 ? 3 ILE A HG13 3  
ATOM 254  H HG21 . ILE A 1 3 ? 4.999  0.374  -4.682  1.00 0.00 ? 3 ILE A HG21 3  
ATOM 255  H HG22 . ILE A 1 3 ? 5.127  -0.298 -3.057  1.00 0.00 ? 3 ILE A HG22 3  
ATOM 256  H HG23 . ILE A 1 3 ? 5.834  1.278  -3.417  1.00 0.00 ? 3 ILE A HG23 3  
ATOM 257  H HD11 . ILE A 1 3 ? 4.634  3.861  -2.650  1.00 0.00 ? 3 ILE A HD11 3  
ATOM 258  H HD12 . ILE A 1 3 ? 4.447  4.534  -4.269  1.00 0.00 ? 3 ILE A HD12 3  
ATOM 259  H HD13 . ILE A 1 3 ? 5.588  3.219  -3.989  1.00 0.00 ? 3 ILE A HD13 3  
ATOM 260  N N    . THR A 1 4 ? 2.172  -0.803 -1.499  1.00 0.00 ? 4 THR A N    3  
ATOM 261  C CA   . THR A 1 4 ? 2.150  -1.865 -0.559  1.00 0.00 ? 4 THR A CA   3  
ATOM 262  C C    . THR A 1 4 ? 0.837  -1.732 0.216   1.00 0.00 ? 4 THR A C    3  
ATOM 263  O O    . THR A 1 4 ? 0.384  -0.616 0.419   1.00 0.00 ? 4 THR A O    3  
ATOM 264  C CB   . THR A 1 4 ? 3.362  -1.694 0.394   1.00 0.00 ? 4 THR A CB   3  
ATOM 265  O OG1  . THR A 1 4 ? 4.564  -1.579 -0.397  1.00 0.00 ? 4 THR A OG1  3  
ATOM 266  C CG2  . THR A 1 4 ? 3.511  -2.865 1.348   1.00 0.00 ? 4 THR A CG2  3  
ATOM 267  H H    . THR A 1 4 ? 1.870  0.078  -1.168  1.00 0.00 ? 4 THR A H    3  
ATOM 268  H HA   . THR A 1 4 ? 2.215  -2.816 -1.067  1.00 0.00 ? 4 THR A HA   3  
ATOM 269  H HB   . THR A 1 4 ? 3.220  -0.781 0.955   1.00 0.00 ? 4 THR A HB   3  
ATOM 270  H HG1  . THR A 1 4 ? 4.326  -1.847 -1.295  1.00 0.00 ? 4 THR A HG1  3  
ATOM 271  H HG21 . THR A 1 4 ? 3.671  -3.770 0.782   1.00 0.00 ? 4 THR A HG21 3  
ATOM 272  H HG22 . THR A 1 4 ? 2.613  -2.963 1.939   1.00 0.00 ? 4 THR A HG22 3  
ATOM 273  H HG23 . THR A 1 4 ? 4.354  -2.692 2.001   1.00 0.00 ? 4 THR A HG23 3  
ATOM 274  N N    . PRO A 1 5 ? 0.166  -2.847 0.593   1.00 0.00 ? 5 PRO A N    3  
ATOM 275  C CA   . PRO A 1 5 ? -1.081 -2.822 1.398   1.00 0.00 ? 5 PRO A CA   3  
ATOM 276  C C    . PRO A 1 5 ? -1.031 -1.839 2.599   1.00 0.00 ? 5 PRO A C    3  
ATOM 277  O O    . PRO A 1 5 ? -2.055 -1.276 2.995   1.00 0.00 ? 5 PRO A O    3  
ATOM 278  C CB   . PRO A 1 5 ? -1.185 -4.259 1.894   1.00 0.00 ? 5 PRO A CB   3  
ATOM 279  C CG   . PRO A 1 5 ? -0.595 -5.068 0.793   1.00 0.00 ? 5 PRO A CG   3  
ATOM 280  C CD   . PRO A 1 5 ? 0.514  -4.234 0.199   1.00 0.00 ? 5 PRO A CD   3  
ATOM 281  H HA   . PRO A 1 5 ? -1.938 -2.588 0.784   1.00 0.00 ? 5 PRO A HA   3  
ATOM 282  H HB2  . PRO A 1 5 ? -0.624 -4.363 2.811   1.00 0.00 ? 5 PRO A HB2  3  
ATOM 283  H HB3  . PRO A 1 5 ? -2.219 -4.516 2.062   1.00 0.00 ? 5 PRO A HB3  3  
ATOM 284  H HG2  . PRO A 1 5 ? -0.201 -5.993 1.187   1.00 0.00 ? 5 PRO A HG2  3  
ATOM 285  H HG3  . PRO A 1 5 ? -1.349 -5.271 0.045   1.00 0.00 ? 5 PRO A HG3  3  
ATOM 286  H HD2  . PRO A 1 5 ? 1.471  -4.519 0.609   1.00 0.00 ? 5 PRO A HD2  3  
ATOM 287  H HD3  . PRO A 1 5 ? 0.523  -4.335 -0.875  1.00 0.00 ? 5 PRO A HD3  3  
ATOM 288  N N    . LEU A 1 6 ? 0.167  -1.620 3.139   1.00 0.00 ? 6 LEU A N    3  
ATOM 289  C CA   . LEU A 1 6 ? 0.375  -0.696 4.256   1.00 0.00 ? 6 LEU A CA   3  
ATOM 290  C C    . LEU A 1 6 ? 0.066  0.764  3.856   1.00 0.00 ? 6 LEU A C    3  
ATOM 291  O O    . LEU A 1 6 ? -0.386 1.556  4.683   1.00 0.00 ? 6 LEU A O    3  
ATOM 292  C CB   . LEU A 1 6 ? 1.824  -0.798 4.741   1.00 0.00 ? 6 LEU A CB   3  
ATOM 293  C CG   . LEU A 1 6 ? 2.273  -2.172 5.250   1.00 0.00 ? 6 LEU A CG   3  
ATOM 294  C CD1  . LEU A 1 6 ? 3.755  -2.157 5.580   1.00 0.00 ? 6 LEU A CD1  3  
ATOM 295  C CD2  . LEU A 1 6 ? 1.471  -2.583 6.476   1.00 0.00 ? 6 LEU A CD2  3  
ATOM 296  H H    . LEU A 1 6 ? 0.928  -2.118 2.776   1.00 0.00 ? 6 LEU A H    3  
ATOM 297  H HA   . LEU A 1 6 ? -0.280 -0.989 5.062   1.00 0.00 ? 6 LEU A HA   3  
ATOM 298  H HB2  . LEU A 1 6 ? 2.469  -0.515 3.923   1.00 0.00 ? 6 LEU A HB2  3  
ATOM 299  H HB3  . LEU A 1 6 ? 1.957  -0.085 5.540   1.00 0.00 ? 6 LEU A HB3  3  
ATOM 300  H HG   . LEU A 1 6 ? 2.107  -2.905 4.472   1.00 0.00 ? 6 LEU A HG   3  
ATOM 301  H HD11 . LEU A 1 6 ? 4.053  -3.129 5.943   1.00 0.00 ? 6 LEU A HD11 3  
ATOM 302  H HD12 . LEU A 1 6 ? 3.949  -1.413 6.337   1.00 0.00 ? 6 LEU A HD12 3  
ATOM 303  H HD13 . LEU A 1 6 ? 4.319  -1.921 4.689   1.00 0.00 ? 6 LEU A HD13 3  
ATOM 304  H HD21 . LEU A 1 6 ? 0.425  -2.647 6.220   1.00 0.00 ? 6 LEU A HD21 3  
ATOM 305  H HD22 . LEU A 1 6 ? 1.605  -1.849 7.255   1.00 0.00 ? 6 LEU A HD22 3  
ATOM 306  H HD23 . LEU A 1 6 ? 1.816  -3.546 6.824   1.00 0.00 ? 6 LEU A HD23 3  
ATOM 307  N N    . ASP A 1 7 ? 0.271  1.096  2.586   1.00 0.00 ? 7 ASP A N    3  
ATOM 308  C CA   . ASP A 1 7 ? -0.020 2.448  2.092   1.00 0.00 ? 7 ASP A CA   3  
ATOM 309  C C    . ASP A 1 7 ? -1.290 2.431  1.270   1.00 0.00 ? 7 ASP A C    3  
ATOM 310  O O    . ASP A 1 7 ? -2.018 3.418  1.205   1.00 0.00 ? 7 ASP A O    3  
ATOM 311  C CB   . ASP A 1 7 ? 1.146  3.065  1.266   1.00 0.00 ? 7 ASP A CB   3  
ATOM 312  C CG   . ASP A 1 7 ? 1.406  2.388  -0.071  1.00 0.00 ? 7 ASP A CG   3  
ATOM 313  O OD1  . ASP A 1 7 ? 0.743  2.725  -1.076  1.00 0.00 ? 7 ASP A OD1  3  
ATOM 314  O OD2  . ASP A 1 7 ? 2.280  1.516  -0.142  1.00 0.00 ? 7 ASP A OD2  3  
ATOM 315  H H    . ASP A 1 7 ? 0.612  0.424  1.956   1.00 0.00 ? 7 ASP A H    3  
ATOM 316  H HA   . ASP A 1 7 ? -0.202 3.060  2.964   1.00 0.00 ? 7 ASP A HA   3  
ATOM 317  H HB2  . ASP A 1 7 ? 0.923  4.103  1.067   1.00 0.00 ? 7 ASP A HB2  3  
ATOM 318  H HB3  . ASP A 1 7 ? 2.049  3.015  1.857   1.00 0.00 ? 7 ASP A HB3  3  
ATOM 319  N N    . GLY A 1 1 ? -1.526 1.446  0.667   1.00 0.00 ? 1 GLY A N    4  
ATOM 320  C CA   . GLY A 1 1 ? -2.761 1.353  -0.049  1.00 0.00 ? 1 GLY A CA   4  
ATOM 321  C C    . GLY A 1 1 ? -2.564 0.988  -1.492  1.00 0.00 ? 1 GLY A C    4  
ATOM 322  O O    . GLY A 1 1 ? -3.406 0.295  -2.080  1.00 0.00 ? 1 GLY A O    4  
ATOM 323  H H1   . GLY A 1 1 ? -0.871 0.716  0.597   1.00 0.00 ? 1 GLY A H1   4  
ATOM 324  H HA2  . GLY A 1 1 ? -3.379 0.600  0.418   1.00 0.00 ? 1 GLY A HA2  4  
ATOM 325  H HA3  . GLY A 1 1 ? -3.270 2.303  0.004   1.00 0.00 ? 1 GLY A HA3  4  
ATOM 326  N N    . TYR A 1 2 ? -1.454 1.402  -2.065  1.00 0.00 ? 2 TYR A N    4  
ATOM 327  C CA   . TYR A 1 2 ? -1.231 1.160  -3.467  1.00 0.00 ? 2 TYR A CA   4  
ATOM 328  C C    . TYR A 1 2 ? 0.066  0.411  -3.739  1.00 0.00 ? 2 TYR A C    4  
ATOM 329  O O    . TYR A 1 2 ? 0.048  -0.650 -4.368  1.00 0.00 ? 2 TYR A O    4  
ATOM 330  C CB   . TYR A 1 2 ? -1.284 2.467  -4.274  1.00 0.00 ? 2 TYR A CB   4  
ATOM 331  C CG   . TYR A 1 2 ? -1.100 2.256  -5.762  1.00 0.00 ? 2 TYR A CG   4  
ATOM 332  C CD1  . TYR A 1 2 ? 0.008  2.757  -6.427  1.00 0.00 ? 2 TYR A CD1  4  
ATOM 333  C CD2  . TYR A 1 2 ? -2.020 1.518  -6.489  1.00 0.00 ? 2 TYR A CD2  4  
ATOM 334  C CE1  . TYR A 1 2 ? 0.194  2.527  -7.774  1.00 0.00 ? 2 TYR A CE1  4  
ATOM 335  C CE2  . TYR A 1 2 ? -1.846 1.290  -7.832  1.00 0.00 ? 2 TYR A CE2  4  
ATOM 336  C CZ   . TYR A 1 2 ? -0.738 1.794  -8.472  1.00 0.00 ? 2 TYR A CZ   4  
ATOM 337  O OH   . TYR A 1 2 ? -0.547 1.539  -9.817  1.00 0.00 ? 2 TYR A OH   4  
ATOM 338  H H    . TYR A 1 2 ? -0.763 1.869  -1.538  1.00 0.00 ? 2 TYR A H    4  
ATOM 339  H HA   . TYR A 1 2 ? -2.045 0.536  -3.804  1.00 0.00 ? 2 TYR A HA   4  
ATOM 340  H HB2  . TYR A 1 2 ? -2.237 2.946  -4.112  1.00 0.00 ? 2 TYR A HB2  4  
ATOM 341  H HB3  . TYR A 1 2 ? -0.497 3.121  -3.929  1.00 0.00 ? 2 TYR A HB3  4  
ATOM 342  H HD1  . TYR A 1 2 ? 0.735  3.336  -5.876  1.00 0.00 ? 2 TYR A HD1  4  
ATOM 343  H HD2  . TYR A 1 2 ? -2.889 1.125  -5.984  1.00 0.00 ? 2 TYR A HD2  4  
ATOM 344  H HE1  . TYR A 1 2 ? 1.064  2.925  -8.276  1.00 0.00 ? 2 TYR A HE1  4  
ATOM 345  H HE2  . TYR A 1 2 ? -2.577 0.712  -8.377  1.00 0.00 ? 2 TYR A HE2  4  
ATOM 346  H HH   . TYR A 1 2 ? -1.399 1.692  -10.252 1.00 0.00 ? 2 TYR A HH   4  
ATOM 347  N N    . ILE A 1 3 ? 1.179  0.928  -3.258  1.00 0.00 ? 3 ILE A N    4  
ATOM 348  C CA   . ILE A 1 3 ? 2.474  0.321  -3.568  1.00 0.00 ? 3 ILE A CA   4  
ATOM 349  C C    . ILE A 1 3 ? 2.657  -0.902 -2.702  1.00 0.00 ? 3 ILE A C    4  
ATOM 350  O O    . ILE A 1 3 ? 3.093  -1.955 -3.153  1.00 0.00 ? 3 ILE A O    4  
ATOM 351  C CB   . ILE A 1 3 ? 3.640  1.313  -3.293  1.00 0.00 ? 3 ILE A CB   4  
ATOM 352  C CG1  . ILE A 1 3 ? 3.451  2.623  -4.068  1.00 0.00 ? 3 ILE A CG1  4  
ATOM 353  C CG2  . ILE A 1 3 ? 4.991  0.686  -3.624  1.00 0.00 ? 3 ILE A CG2  4  
ATOM 354  C CD1  . ILE A 1 3 ? 3.408  2.459  -5.571  1.00 0.00 ? 3 ILE A CD1  4  
ATOM 355  H H    . ILE A 1 3 ? 1.137  1.706  -2.652  1.00 0.00 ? 3 ILE A H    4  
ATOM 356  H HA   . ILE A 1 3 ? 2.486  0.033  -4.609  1.00 0.00 ? 3 ILE A HA   4  
ATOM 357  H HB   . ILE A 1 3 ? 3.624  1.533  -2.235  1.00 0.00 ? 3 ILE A HB   4  
ATOM 358  H HG12 . ILE A 1 3 ? 2.515  3.066  -3.766  1.00 0.00 ? 3 ILE A HG12 4  
ATOM 359  H HG13 . ILE A 1 3 ? 4.258  3.297  -3.825  1.00 0.00 ? 3 ILE A HG13 4  
ATOM 360  H HG21 . ILE A 1 3 ? 5.145  -0.187 -3.006  1.00 0.00 ? 3 ILE A HG21 4  
ATOM 361  H HG22 . ILE A 1 3 ? 5.777  1.404  -3.443  1.00 0.00 ? 3 ILE A HG22 4  
ATOM 362  H HG23 . ILE A 1 3 ? 5.002  0.396  -4.664  1.00 0.00 ? 3 ILE A HG23 4  
ATOM 363  H HD11 . ILE A 1 3 ? 2.575  1.829  -5.844  1.00 0.00 ? 3 ILE A HD11 4  
ATOM 364  H HD12 . ILE A 1 3 ? 4.327  2.000  -5.905  1.00 0.00 ? 3 ILE A HD12 4  
ATOM 365  H HD13 . ILE A 1 3 ? 3.294  3.427  -6.031  1.00 0.00 ? 3 ILE A HD13 4  
ATOM 366  N N    . THR A 1 4 ? 2.266  -0.752 -1.492  1.00 0.00 ? 4 THR A N    4  
ATOM 367  C CA   . THR A 1 4 ? 2.276  -1.775 -0.517  1.00 0.00 ? 4 THR A CA   4  
ATOM 368  C C    . THR A 1 4 ? 0.909  -1.665 0.161   1.00 0.00 ? 4 THR A C    4  
ATOM 369  O O    . THR A 1 4 ? 0.401  -0.549 0.303   1.00 0.00 ? 4 THR A O    4  
ATOM 370  C CB   . THR A 1 4 ? 3.408  -1.482 0.510   1.00 0.00 ? 4 THR A CB   4  
ATOM 371  O OG1  . THR A 1 4 ? 4.632  -1.174 -0.190  1.00 0.00 ? 4 THR A OG1  4  
ATOM 372  C CG2  . THR A 1 4 ? 3.657  -2.662 1.438   1.00 0.00 ? 4 THR A CG2  4  
ATOM 373  H H    . THR A 1 4 ? 1.953  0.131  -1.190  1.00 0.00 ? 4 THR A H    4  
ATOM 374  H HA   . THR A 1 4 ? 2.423  -2.737 -0.984  1.00 0.00 ? 4 THR A HA   4  
ATOM 375  H HB   . THR A 1 4 ? 3.104  -0.625 1.090   1.00 0.00 ? 4 THR A HB   4  
ATOM 376  H HG1  . THR A 1 4 ? 4.557  -0.246 -0.448  1.00 0.00 ? 4 THR A HG1  4  
ATOM 377  H HG21 . THR A 1 4 ? 4.458  -2.422 2.121   1.00 0.00 ? 4 THR A HG21 4  
ATOM 378  H HG22 . THR A 1 4 ? 3.927  -3.529 0.853   1.00 0.00 ? 4 THR A HG22 4  
ATOM 379  H HG23 . THR A 1 4 ? 2.758  -2.872 1.998   1.00 0.00 ? 4 THR A HG23 4  
ATOM 380  N N    . PRO A 1 5 ? 0.258  -2.772 0.549   1.00 0.00 ? 5 PRO A N    4  
ATOM 381  C CA   . PRO A 1 5 ? -1.073 -2.729 1.193   1.00 0.00 ? 5 PRO A CA   4  
ATOM 382  C C    . PRO A 1 5 ? -1.095 -1.855 2.465   1.00 0.00 ? 5 PRO A C    4  
ATOM 383  O O    . PRO A 1 5 ? -2.149 -1.399 2.898   1.00 0.00 ? 5 PRO A O    4  
ATOM 384  C CB   . PRO A 1 5 ? -1.345 -4.189 1.538   1.00 0.00 ? 5 PRO A CB   4  
ATOM 385  C CG   . PRO A 1 5 ? -0.531 -4.957 0.563   1.00 0.00 ? 5 PRO A CG   4  
ATOM 386  C CD   . PRO A 1 5 ? 0.719  -4.162 0.362   1.00 0.00 ? 5 PRO A CD   4  
ATOM 387  H HA   . PRO A 1 5 ? -1.823 -2.365 0.506   1.00 0.00 ? 5 PRO A HA   4  
ATOM 388  H HB2  . PRO A 1 5 ? -1.028 -4.378 2.552   1.00 0.00 ? 5 PRO A HB2  4  
ATOM 389  H HB3  . PRO A 1 5 ? -2.397 -4.403 1.432   1.00 0.00 ? 5 PRO A HB3  4  
ATOM 390  H HG2  . PRO A 1 5 ? -0.300 -5.935 0.960   1.00 0.00 ? 5 PRO A HG2  4  
ATOM 391  H HG3  . PRO A 1 5 ? -1.068 -5.047 -0.370  1.00 0.00 ? 5 PRO A HG3  4  
ATOM 392  H HD2  . PRO A 1 5 ? 1.460  -4.430 1.101   1.00 0.00 ? 5 PRO A HD2  4  
ATOM 393  H HD3  . PRO A 1 5 ? 1.106  -4.309 -0.634  1.00 0.00 ? 5 PRO A HD3  4  
ATOM 394  N N    . LEU A 1 6 ? 0.085  -1.620 3.036   1.00 0.00 ? 6 LEU A N    4  
ATOM 395  C CA   . LEU A 1 6 ? 0.238  -0.764 4.208   1.00 0.00 ? 6 LEU A CA   4  
ATOM 396  C C    . LEU A 1 6 ? -0.002 0.715  3.846   1.00 0.00 ? 6 LEU A C    4  
ATOM 397  O O    . LEU A 1 6 ? -0.484 1.494  4.671   1.00 0.00 ? 6 LEU A O    4  
ATOM 398  C CB   . LEU A 1 6 ? 1.645  -0.938 4.795   1.00 0.00 ? 6 LEU A CB   4  
ATOM 399  C CG   . LEU A 1 6 ? 2.001  -2.346 5.282   1.00 0.00 ? 6 LEU A CG   4  
ATOM 400  C CD1  . LEU A 1 6 ? 3.460  -2.418 5.695   1.00 0.00 ? 6 LEU A CD1  4  
ATOM 401  C CD2  . LEU A 1 6 ? 1.114  -2.746 6.443   1.00 0.00 ? 6 LEU A CD2  4  
ATOM 402  H H    . LEU A 1 6 ? 0.870  -2.063 2.651   1.00 0.00 ? 6 LEU A H    4  
ATOM 403  H HA   . LEU A 1 6 ? -0.488 -1.066 4.946   1.00 0.00 ? 6 LEU A HA   4  
ATOM 404  H HB2  . LEU A 1 6 ? 2.357  -0.659 4.033   1.00 0.00 ? 6 LEU A HB2  4  
ATOM 405  H HB3  . LEU A 1 6 ? 1.751  -0.256 5.626   1.00 0.00 ? 6 LEU A HB3  4  
ATOM 406  H HG   . LEU A 1 6 ? 1.842  -3.046 4.476   1.00 0.00 ? 6 LEU A HG   4  
ATOM 407  H HD11 . LEU A 1 6 ? 3.688  -3.419 6.029   1.00 0.00 ? 6 LEU A HD11 4  
ATOM 408  H HD12 . LEU A 1 6 ? 3.640  -1.722 6.501   1.00 0.00 ? 6 LEU A HD12 4  
ATOM 409  H HD13 . LEU A 1 6 ? 4.087  -2.169 4.852   1.00 0.00 ? 6 LEU A HD13 4  
ATOM 410  H HD21 . LEU A 1 6 ? 1.387  -3.733 6.784   1.00 0.00 ? 6 LEU A HD21 4  
ATOM 411  H HD22 . LEU A 1 6 ? 0.081  -2.748 6.127   1.00 0.00 ? 6 LEU A HD22 4  
ATOM 412  H HD23 . LEU A 1 6 ? 1.243  -2.038 7.248   1.00 0.00 ? 6 LEU A HD23 4  
ATOM 413  N N    . ASP A 1 7 ? 0.302  1.090  2.611   1.00 0.00 ? 7 ASP A N    4  
ATOM 414  C CA   . ASP A 1 7 ? 0.045  2.460  2.157   1.00 0.00 ? 7 ASP A CA   4  
ATOM 415  C C    . ASP A 1 7 ? -1.245 2.507  1.390   1.00 0.00 ? 7 ASP A C    4  
ATOM 416  O O    . ASP A 1 7 ? -1.986 3.484  1.466   1.00 0.00 ? 7 ASP A O    4  
ATOM 417  C CB   . ASP A 1 7 ? 1.199  3.081  1.320   1.00 0.00 ? 7 ASP A CB   4  
ATOM 418  C CG   . ASP A 1 7 ? 1.535  2.344  0.034   1.00 0.00 ? 7 ASP A CG   4  
ATOM 419  O OD1  . ASP A 1 7 ? 0.854  2.555  -1.002  1.00 0.00 ? 7 ASP A OD1  4  
ATOM 420  O OD2  . ASP A 1 7 ? 2.496  1.549  0.038   1.00 0.00 ? 7 ASP A OD2  4  
ATOM 421  H H    . ASP A 1 7 ? 0.693  0.438  1.990   1.00 0.00 ? 7 ASP A H    4  
ATOM 422  H HA   . ASP A 1 7 ? -0.099 3.047  3.052   1.00 0.00 ? 7 ASP A HA   4  
ATOM 423  H HB2  . ASP A 1 7 ? 0.919  4.088  1.049   1.00 0.00 ? 7 ASP A HB2  4  
ATOM 424  H HB3  . ASP A 1 7 ? 2.088  3.129  1.934   1.00 0.00 ? 7 ASP A HB3  4  
ATOM 425  N N    . GLY A 1 1 ? -1.617 1.332  0.531   1.00 0.00 ? 1 GLY A N    5  
ATOM 426  C CA   . GLY A 1 1 ? -2.826 1.221  -0.246  1.00 0.00 ? 1 GLY A CA   5  
ATOM 427  C C    . GLY A 1 1 ? -2.566 1.227  -1.736  1.00 0.00 ? 1 GLY A C    5  
ATOM 428  O O    . GLY A 1 1 ? -3.447 0.884  -2.533  1.00 0.00 ? 1 GLY A O    5  
ATOM 429  H H1   . GLY A 1 1 ? -0.926 0.636  0.459   1.00 0.00 ? 1 GLY A H1   5  
ATOM 430  H HA2  . GLY A 1 1 ? -3.323 0.298  0.016   1.00 0.00 ? 1 GLY A HA2  5  
ATOM 431  H HA3  . GLY A 1 1 ? -3.474 2.048  0.000   1.00 0.00 ? 1 GLY A HA3  5  
ATOM 432  N N    . TYR A 1 2 ? -1.378 1.607  -2.128  1.00 0.00 ? 2 TYR A N    5  
ATOM 433  C CA   . TYR A 1 2 ? -1.045 1.647  -3.530  1.00 0.00 ? 2 TYR A CA   5  
ATOM 434  C C    . TYR A 1 2 ? 0.055  0.666  -3.860  1.00 0.00 ? 2 TYR A C    5  
ATOM 435  O O    . TYR A 1 2 ? -0.161 -0.336 -4.551  1.00 0.00 ? 2 TYR A O    5  
ATOM 436  C CB   . TYR A 1 2 ? -0.618 3.046  -3.969  1.00 0.00 ? 2 TYR A CB   5  
ATOM 437  C CG   . TYR A 1 2 ? -1.678 4.117  -3.861  1.00 0.00 ? 2 TYR A CG   5  
ATOM 438  C CD1  . TYR A 1 2 ? -1.556 5.144  -2.942  1.00 0.00 ? 2 TYR A CD1  5  
ATOM 439  C CD2  . TYR A 1 2 ? -2.789 4.109  -4.692  1.00 0.00 ? 2 TYR A CD2  5  
ATOM 440  C CE1  . TYR A 1 2 ? -2.507 6.137  -2.854  1.00 0.00 ? 2 TYR A CE1  5  
ATOM 441  C CE2  . TYR A 1 2 ? -3.749 5.095  -4.607  1.00 0.00 ? 2 TYR A CE2  5  
ATOM 442  C CZ   . TYR A 1 2 ? -3.602 6.108  -3.687  1.00 0.00 ? 2 TYR A CZ   5  
ATOM 443  O OH   . TYR A 1 2 ? -4.552 7.106  -3.605  1.00 0.00 ? 2 TYR A OH   5  
ATOM 444  H H    . TYR A 1 2 ? -0.691 1.872  -1.472  1.00 0.00 ? 2 TYR A H    5  
ATOM 445  H HA   . TYR A 1 2 ? -1.930 1.373  -4.082  1.00 0.00 ? 2 TYR A HA   5  
ATOM 446  H HB2  . TYR A 1 2 ? 0.215  3.355  -3.358  1.00 0.00 ? 2 TYR A HB2  5  
ATOM 447  H HB3  . TYR A 1 2 ? -0.290 2.996  -4.996  1.00 0.00 ? 2 TYR A HB3  5  
ATOM 448  H HD1  . TYR A 1 2 ? -0.696 5.161  -2.289  1.00 0.00 ? 2 TYR A HD1  5  
ATOM 449  H HD2  . TYR A 1 2 ? -2.900 3.312  -5.413  1.00 0.00 ? 2 TYR A HD2  5  
ATOM 450  H HE1  . TYR A 1 2 ? -2.393 6.933  -2.132  1.00 0.00 ? 2 TYR A HE1  5  
ATOM 451  H HE2  . TYR A 1 2 ? -4.607 5.071  -5.259  1.00 0.00 ? 2 TYR A HE2  5  
ATOM 452  H HH   . TYR A 1 2 ? -5.423 6.693  -3.563  1.00 0.00 ? 2 TYR A HH   5  
ATOM 453  N N    . ILE A 1 3 ? 1.216  0.917  -3.325  1.00 0.00 ? 3 ILE A N    5  
ATOM 454  C CA   . ILE A 1 3 ? 2.383  0.133  -3.666  1.00 0.00 ? 3 ILE A CA   5  
ATOM 455  C C    . ILE A 1 3 ? 2.498  -1.043 -2.718  1.00 0.00 ? 3 ILE A C    5  
ATOM 456  O O    . ILE A 1 3 ? 2.801  -2.164 -3.119  1.00 0.00 ? 3 ILE A O    5  
ATOM 457  C CB   . ILE A 1 3 ? 3.670  1.004  -3.602  1.00 0.00 ? 3 ILE A CB   5  
ATOM 458  C CG1  . ILE A 1 3 ? 3.547  2.237  -4.519  1.00 0.00 ? 3 ILE A CG1  5  
ATOM 459  C CG2  . ILE A 1 3 ? 4.909  0.197  -3.961  1.00 0.00 ? 3 ILE A CG2  5  
ATOM 460  C CD1  . ILE A 1 3 ? 3.341  1.919  -5.990  1.00 0.00 ? 3 ILE A CD1  5  
ATOM 461  H H    . ILE A 1 3 ? 1.274  1.629  -2.644  1.00 0.00 ? 3 ILE A H    5  
ATOM 462  H HA   . ILE A 1 3 ? 2.261  -0.239 -4.673  1.00 0.00 ? 3 ILE A HA   5  
ATOM 463  H HB   . ILE A 1 3 ? 3.779  1.347  -2.586  1.00 0.00 ? 3 ILE A HB   5  
ATOM 464  H HG12 . ILE A 1 3 ? 2.698  2.820  -4.198  1.00 0.00 ? 3 ILE A HG12 5  
ATOM 465  H HG13 . ILE A 1 3 ? 4.442  2.834  -4.427  1.00 0.00 ? 3 ILE A HG13 5  
ATOM 466  H HG21 . ILE A 1 3 ? 5.012  -0.624 -3.268  1.00 0.00 ? 3 ILE A HG21 5  
ATOM 467  H HG22 . ILE A 1 3 ? 5.782  0.830  -3.909  1.00 0.00 ? 3 ILE A HG22 5  
ATOM 468  H HG23 . ILE A 1 3 ? 4.806  -0.191 -4.965  1.00 0.00 ? 3 ILE A HG23 5  
ATOM 469  H HD11 . ILE A 1 3 ? 2.425  1.362  -6.118  1.00 0.00 ? 3 ILE A HD11 5  
ATOM 470  H HD12 . ILE A 1 3 ? 4.172  1.331  -6.352  1.00 0.00 ? 3 ILE A HD12 5  
ATOM 471  H HD13 . ILE A 1 3 ? 3.281  2.840  -6.552  1.00 0.00 ? 3 ILE A HD13 5  
ATOM 472  N N    . THR A 1 4 ? 2.213  -0.788 -1.487  1.00 0.00 ? 4 THR A N    5  
ATOM 473  C CA   . THR A 1 4 ? 2.242  -1.778 -0.462  1.00 0.00 ? 4 THR A CA   5  
ATOM 474  C C    . THR A 1 4 ? 0.888  -1.704 0.256   1.00 0.00 ? 4 THR A C    5  
ATOM 475  O O    . THR A 1 4 ? 0.327  -0.620 0.364   1.00 0.00 ? 4 THR A O    5  
ATOM 476  C CB   . THR A 1 4 ? 3.403  -1.448 0.521   1.00 0.00 ? 4 THR A CB   5  
ATOM 477  O OG1  . THR A 1 4 ? 4.622  -1.286 -0.225  1.00 0.00 ? 4 THR A OG1  5  
ATOM 478  C CG2  . THR A 1 4 ? 3.601  -2.537 1.565   1.00 0.00 ? 4 THR A CG2  5  
ATOM 479  H H    . THR A 1 4 ? 1.974  0.124  -1.202  1.00 0.00 ? 4 THR A H    5  
ATOM 480  H HA   . THR A 1 4 ? 2.399  -2.750 -0.904  1.00 0.00 ? 4 THR A HA   5  
ATOM 481  H HB   . THR A 1 4 ? 3.170  -0.513 1.010   1.00 0.00 ? 4 THR A HB   5  
ATOM 482  H HG1  . THR A 1 4 ? 4.702  -0.346 -0.427  1.00 0.00 ? 4 THR A HG1  5  
ATOM 483  H HG21 . THR A 1 4 ? 4.393  -2.251 2.241   1.00 0.00 ? 4 THR A HG21 5  
ATOM 484  H HG22 . THR A 1 4 ? 3.867  -3.461 1.076   1.00 0.00 ? 4 THR A HG22 5  
ATOM 485  H HG23 . THR A 1 4 ? 2.686  -2.676 2.121   1.00 0.00 ? 4 THR A HG23 5  
ATOM 486  N N    . PRO A 1 5 ? 0.302  -2.837 0.696   1.00 0.00 ? 5 PRO A N    5  
ATOM 487  C CA   . PRO A 1 5 ? -0.978 -2.843 1.441   1.00 0.00 ? 5 PRO A CA   5  
ATOM 488  C C    . PRO A 1 5 ? -0.959 -1.918 2.670   1.00 0.00 ? 5 PRO A C    5  
ATOM 489  O O    . PRO A 1 5 ? -1.993 -1.455 3.127   1.00 0.00 ? 5 PRO A O    5  
ATOM 490  C CB   . PRO A 1 5 ? -1.153 -4.308 1.871   1.00 0.00 ? 5 PRO A CB   5  
ATOM 491  C CG   . PRO A 1 5 ? 0.154  -4.968 1.584   1.00 0.00 ? 5 PRO A CG   5  
ATOM 492  C CD   . PRO A 1 5 ? 0.780  -4.203 0.461   1.00 0.00 ? 5 PRO A CD   5  
ATOM 493  H HA   . PRO A 1 5 ? -1.795 -2.545 0.800   1.00 0.00 ? 5 PRO A HA   5  
ATOM 494  H HB2  . PRO A 1 5 ? -1.390 -4.345 2.924   1.00 0.00 ? 5 PRO A HB2  5  
ATOM 495  H HB3  . PRO A 1 5 ? -1.954 -4.761 1.304   1.00 0.00 ? 5 PRO A HB3  5  
ATOM 496  H HG2  . PRO A 1 5 ? 0.785  -4.930 2.459   1.00 0.00 ? 5 PRO A HG2  5  
ATOM 497  H HG3  . PRO A 1 5 ? -0.016 -5.993 1.288   1.00 0.00 ? 5 PRO A HG3  5  
ATOM 498  H HD2  . PRO A 1 5 ? 1.856  -4.257 0.526   1.00 0.00 ? 5 PRO A HD2  5  
ATOM 499  H HD3  . PRO A 1 5 ? 0.438  -4.573 -0.493  1.00 0.00 ? 5 PRO A HD3  5  
ATOM 500  N N    . LEU A 1 6 ? 0.240  -1.631 3.166   1.00 0.00 ? 6 LEU A N    5  
ATOM 501  C CA   . LEU A 1 6 ? 0.428  -0.735 4.300   1.00 0.00 ? 6 LEU A CA   5  
ATOM 502  C C    . LEU A 1 6 ? 0.100  0.717  3.920   1.00 0.00 ? 6 LEU A C    5  
ATOM 503  O O    . LEU A 1 6 ? -0.201 1.536  4.780   1.00 0.00 ? 6 LEU A O    5  
ATOM 504  C CB   . LEU A 1 6 ? 1.866  -0.830 4.812   1.00 0.00 ? 6 LEU A CB   5  
ATOM 505  C CG   . LEU A 1 6 ? 2.320  -2.212 5.290   1.00 0.00 ? 6 LEU A CG   5  
ATOM 506  C CD1  . LEU A 1 6 ? 3.787  -2.183 5.686   1.00 0.00 ? 6 LEU A CD1  5  
ATOM 507  C CD2  . LEU A 1 6 ? 1.465  -2.692 6.459   1.00 0.00 ? 6 LEU A CD2  5  
ATOM 508  H H    . LEU A 1 6 ? 1.019  -2.049 2.748   1.00 0.00 ? 6 LEU A H    5  
ATOM 509  H HA   . LEU A 1 6 ? -0.241 -1.054 5.085   1.00 0.00 ? 6 LEU A HA   5  
ATOM 510  H HB2  . LEU A 1 6 ? 2.524  -0.519 4.015   1.00 0.00 ? 6 LEU A HB2  5  
ATOM 511  H HB3  . LEU A 1 6 ? 1.978  -0.138 5.633   1.00 0.00 ? 6 LEU A HB3  5  
ATOM 512  H HG   . LEU A 1 6 ? 2.200  -2.908 4.473   1.00 0.00 ? 6 LEU A HG   5  
ATOM 513  H HD11 . LEU A 1 6 ? 4.385  -1.894 4.834   1.00 0.00 ? 6 LEU A HD11 5  
ATOM 514  H HD12 . LEU A 1 6 ? 4.089  -3.165 6.020   1.00 0.00 ? 6 LEU A HD12 5  
ATOM 515  H HD13 . LEU A 1 6 ? 3.931  -1.472 6.485   1.00 0.00 ? 6 LEU A HD13 5  
ATOM 516  H HD21 . LEU A 1 6 ? 1.535  -1.984 7.272   1.00 0.00 ? 6 LEU A HD21 5  
ATOM 517  H HD22 . LEU A 1 6 ? 1.825  -3.655 6.792   1.00 0.00 ? 6 LEU A HD22 5  
ATOM 518  H HD23 . LEU A 1 6 ? 0.437  -2.785 6.145   1.00 0.00 ? 6 LEU A HD23 5  
ATOM 519  N N    . ASP A 1 7 ? 0.176  1.024  2.639   1.00 0.00 ? 7 ASP A N    5  
ATOM 520  C CA   . ASP A 1 7 ? -0.146 2.368  2.147   1.00 0.00 ? 7 ASP A CA   5  
ATOM 521  C C    . ASP A 1 7 ? -1.425 2.363  1.328   1.00 0.00 ? 7 ASP A C    5  
ATOM 522  O O    . ASP A 1 7 ? -2.239 3.281  1.435   1.00 0.00 ? 7 ASP A O    5  
ATOM 523  C CB   . ASP A 1 7 ? 1.019  3.023  1.360   1.00 0.00 ? 7 ASP A CB   5  
ATOM 524  C CG   . ASP A 1 7 ? 1.510  2.228  0.164   1.00 0.00 ? 7 ASP A CG   5  
ATOM 525  O OD1  . ASP A 1 7 ? 0.965  2.375  -0.951  1.00 0.00 ? 7 ASP A OD1  5  
ATOM 526  O OD2  . ASP A 1 7 ? 2.469  1.455  0.317   1.00 0.00 ? 7 ASP A OD2  5  
ATOM 527  H H    . ASP A 1 7 ? 0.440  0.329  1.999   1.00 0.00 ? 7 ASP A H    5  
ATOM 528  H HA   . ASP A 1 7 ? -0.344 2.962  3.028   1.00 0.00 ? 7 ASP A HA   5  
ATOM 529  H HB2  . ASP A 1 7 ? 0.688  3.983  0.992   1.00 0.00 ? 7 ASP A HB2  5  
ATOM 530  H HB3  . ASP A 1 7 ? 1.846  3.178  2.036   1.00 0.00 ? 7 ASP A HB3  5  
ATOM 531  N N    . GLY A 1 1 ? -1.546 1.379  0.631   1.00 0.00 ? 1 GLY A N    6  
ATOM 532  C CA   . GLY A 1 1 ? -2.765 1.236  -0.113  1.00 0.00 ? 1 GLY A CA   6  
ATOM 533  C C    . GLY A 1 1 ? -2.524 1.045  -1.586  1.00 0.00 ? 1 GLY A C    6  
ATOM 534  O O    . GLY A 1 1 ? -3.331 0.414  -2.276  1.00 0.00 ? 1 GLY A O    6  
ATOM 535  H H1   . GLY A 1 1 ? -0.871 0.664  0.587   1.00 0.00 ? 1 GLY A H1   6  
ATOM 536  H HA2  . GLY A 1 1 ? -3.304 0.381  0.263   1.00 0.00 ? 1 GLY A HA2  6  
ATOM 537  H HA3  . GLY A 1 1 ? -3.366 2.122  0.029   1.00 0.00 ? 1 GLY A HA3  6  
ATOM 538  N N    . TYR A 1 2 ? -1.423 1.560  -2.079  1.00 0.00 ? 2 TYR A N    6  
ATOM 539  C CA   . TYR A 1 2 ? -1.147 1.486  -3.490  1.00 0.00 ? 2 TYR A CA   6  
ATOM 540  C C    . TYR A 1 2 ? 0.026  0.566  -3.778  1.00 0.00 ? 2 TYR A C    6  
ATOM 541  O O    . TYR A 1 2 ? -0.143 -0.488 -4.399  1.00 0.00 ? 2 TYR A O    6  
ATOM 542  C CB   . TYR A 1 2 ? -0.886 2.885  -4.056  1.00 0.00 ? 2 TYR A CB   6  
ATOM 543  C CG   . TYR A 1 2 ? -0.824 2.967  -5.569  1.00 0.00 ? 2 TYR A CG   6  
ATOM 544  C CD1  . TYR A 1 2 ? -1.940 3.335  -6.297  1.00 0.00 ? 2 TYR A CD1  6  
ATOM 545  C CD2  . TYR A 1 2 ? 0.346  2.687  -6.263  1.00 0.00 ? 2 TYR A CD2  6  
ATOM 546  C CE1  . TYR A 1 2 ? -1.895 3.425  -7.669  1.00 0.00 ? 2 TYR A CE1  6  
ATOM 547  C CE2  . TYR A 1 2 ? 0.395  2.770  -7.635  1.00 0.00 ? 2 TYR A CE2  6  
ATOM 548  C CZ   . TYR A 1 2 ? -0.728 3.140  -8.332  1.00 0.00 ? 2 TYR A CZ   6  
ATOM 549  O OH   . TYR A 1 2 ? -0.683 3.231  -9.706  1.00 0.00 ? 2 TYR A OH   6  
ATOM 550  H H    . TYR A 1 2 ? -0.771 2.014  -1.494  1.00 0.00 ? 2 TYR A H    6  
ATOM 551  H HA   . TYR A 1 2 ? -2.021 1.082  -3.974  1.00 0.00 ? 2 TYR A HA   6  
ATOM 552  H HB2  . TYR A 1 2 ? -1.682 3.535  -3.729  1.00 0.00 ? 2 TYR A HB2  6  
ATOM 553  H HB3  . TYR A 1 2 ? 0.050  3.249  -3.659  1.00 0.00 ? 2 TYR A HB3  6  
ATOM 554  H HD1  . TYR A 1 2 ? -2.860 3.557  -5.776  1.00 0.00 ? 2 TYR A HD1  6  
ATOM 555  H HD2  . TYR A 1 2 ? 1.226  2.394  -5.713  1.00 0.00 ? 2 TYR A HD2  6  
ATOM 556  H HE1  . TYR A 1 2 ? -2.776 3.714  -8.221  1.00 0.00 ? 2 TYR A HE1  6  
ATOM 557  H HE2  . TYR A 1 2 ? 1.313  2.545  -8.156  1.00 0.00 ? 2 TYR A HE2  6  
ATOM 558  H HH   . TYR A 1 2 ? -1.117 4.054  -9.960  1.00 0.00 ? 2 TYR A HH   6  
ATOM 559  N N    . ILE A 1 3 ? 1.205  0.936  -3.314  1.00 0.00 ? 3 ILE A N    6  
ATOM 560  C CA   . ILE A 1 3 ? 2.410  0.174  -3.644  1.00 0.00 ? 3 ILE A CA   6  
ATOM 561  C C    . ILE A 1 3 ? 2.543  -1.010 -2.708  1.00 0.00 ? 3 ILE A C    6  
ATOM 562  O O    . ILE A 1 3 ? 2.859  -2.131 -3.120  1.00 0.00 ? 3 ILE A O    6  
ATOM 563  C CB   . ILE A 1 3 ? 3.685  1.071  -3.550  1.00 0.00 ? 3 ILE A CB   6  
ATOM 564  C CG1  . ILE A 1 3 ? 3.558  2.272  -4.505  1.00 0.00 ? 3 ILE A CG1  6  
ATOM 565  C CG2  . ILE A 1 3 ? 4.948  0.263  -3.864  1.00 0.00 ? 3 ILE A CG2  6  
ATOM 566  C CD1  . ILE A 1 3 ? 4.732  3.230  -4.471  1.00 0.00 ? 3 ILE A CD1  6  
ATOM 567  H H    . ILE A 1 3 ? 1.261  1.716  -2.718  1.00 0.00 ? 3 ILE A H    6  
ATOM 568  H HA   . ILE A 1 3 ? 2.311  -0.187 -4.655  1.00 0.00 ? 3 ILE A HA   6  
ATOM 569  H HB   . ILE A 1 3 ? 3.762  1.440  -2.537  1.00 0.00 ? 3 ILE A HB   6  
ATOM 570  H HG12 . ILE A 1 3 ? 3.464  1.910  -5.517  1.00 0.00 ? 3 ILE A HG12 6  
ATOM 571  H HG13 . ILE A 1 3 ? 2.669  2.827  -4.244  1.00 0.00 ? 3 ILE A HG13 6  
ATOM 572  H HG21 . ILE A 1 3 ? 5.040  -0.551 -3.160  1.00 0.00 ? 3 ILE A HG21 6  
ATOM 573  H HG22 . ILE A 1 3 ? 5.814  0.905  -3.787  1.00 0.00 ? 3 ILE A HG22 6  
ATOM 574  H HG23 . ILE A 1 3 ? 4.882  -0.132 -4.866  1.00 0.00 ? 3 ILE A HG23 6  
ATOM 575  H HD11 . ILE A 1 3 ? 4.558  4.042  -5.162  1.00 0.00 ? 3 ILE A HD11 6  
ATOM 576  H HD12 . ILE A 1 3 ? 5.631  2.703  -4.753  1.00 0.00 ? 3 ILE A HD12 6  
ATOM 577  H HD13 . ILE A 1 3 ? 4.845  3.623  -3.472  1.00 0.00 ? 3 ILE A HD13 6  
ATOM 578  N N    . THR A 1 4 ? 2.244  -0.768 -1.487  1.00 0.00 ? 4 THR A N    6  
ATOM 579  C CA   . THR A 1 4 ? 2.276  -1.744 -0.465  1.00 0.00 ? 4 THR A CA   6  
ATOM 580  C C    . THR A 1 4 ? 0.904  -1.691 0.210   1.00 0.00 ? 4 THR A C    6  
ATOM 581  O O    . THR A 1 4 ? 0.336  -0.606 0.327   1.00 0.00 ? 4 THR A O    6  
ATOM 582  C CB   . THR A 1 4 ? 3.395  -1.349 0.546   1.00 0.00 ? 4 THR A CB   6  
ATOM 583  O OG1  . THR A 1 4 ? 4.624  -1.129 -0.171  1.00 0.00 ? 4 THR A OG1  6  
ATOM 584  C CG2  . THR A 1 4 ? 3.626  -2.426 1.594   1.00 0.00 ? 4 THR A CG2  6  
ATOM 585  H H    . THR A 1 4 ? 1.999  0.146  -1.209  1.00 0.00 ? 4 THR A H    6  
ATOM 586  H HA   . THR A 1 4 ? 2.484  -2.717 -0.880  1.00 0.00 ? 4 THR A HA   6  
ATOM 587  H HB   . THR A 1 4 ? 3.104  -0.428 1.029   1.00 0.00 ? 4 THR A HB   6  
ATOM 588  H HG1  . THR A 1 4 ? 4.850  -0.196 -0.081  1.00 0.00 ? 4 THR A HG1  6  
ATOM 589  H HG21 . THR A 1 4 ? 4.404  -2.106 2.273   1.00 0.00 ? 4 THR A HG21 6  
ATOM 590  H HG22 . THR A 1 4 ? 3.928  -3.342 1.109   1.00 0.00 ? 4 THR A HG22 6  
ATOM 591  H HG23 . THR A 1 4 ? 2.715  -2.594 2.147   1.00 0.00 ? 4 THR A HG23 6  
ATOM 592  N N    . PRO A 1 5 ? 0.319  -2.832 0.627   1.00 0.00 ? 5 PRO A N    6  
ATOM 593  C CA   . PRO A 1 5 ? -0.990 -2.853 1.319   1.00 0.00 ? 5 PRO A CA   6  
ATOM 594  C C    . PRO A 1 5 ? -1.032 -1.934 2.557   1.00 0.00 ? 5 PRO A C    6  
ATOM 595  O O    . PRO A 1 5 ? -2.103 -1.513 2.998   1.00 0.00 ? 5 PRO A O    6  
ATOM 596  C CB   . PRO A 1 5 ? -1.142 -4.313 1.735   1.00 0.00 ? 5 PRO A CB   6  
ATOM 597  C CG   . PRO A 1 5 ? -0.349 -5.066 0.729   1.00 0.00 ? 5 PRO A CG   6  
ATOM 598  C CD   . PRO A 1 5 ? 0.835  -4.199 0.408   1.00 0.00 ? 5 PRO A CD   6  
ATOM 599  H HA   . PRO A 1 5 ? -1.790 -2.576 0.647   1.00 0.00 ? 5 PRO A HA   6  
ATOM 600  H HB2  . PRO A 1 5 ? -0.750 -4.438 2.733   1.00 0.00 ? 5 PRO A HB2  6  
ATOM 601  H HB3  . PRO A 1 5 ? -2.183 -4.598 1.715   1.00 0.00 ? 5 PRO A HB3  6  
ATOM 602  H HG2  . PRO A 1 5 ? -0.025 -6.007 1.146   1.00 0.00 ? 5 PRO A HG2  6  
ATOM 603  H HG3  . PRO A 1 5 ? -0.941 -5.233 -0.159  1.00 0.00 ? 5 PRO A HG3  6  
ATOM 604  H HD2  . PRO A 1 5 ? 1.655  -4.414 1.076   1.00 0.00 ? 5 PRO A HD2  6  
ATOM 605  H HD3  . PRO A 1 5 ? 1.134  -4.337 -0.621  1.00 0.00 ? 5 PRO A HD3  6  
ATOM 606  N N    . LEU A 1 6 ? 0.135  -1.620 3.095   1.00 0.00 ? 6 LEU A N    6  
ATOM 607  C CA   . LEU A 1 6 ? 0.250  -0.732 4.239   1.00 0.00 ? 6 LEU A CA   6  
ATOM 608  C C    . LEU A 1 6 ? -0.027 0.729  3.846   1.00 0.00 ? 6 LEU A C    6  
ATOM 609  O O    . LEU A 1 6 ? -0.523 1.509  4.657   1.00 0.00 ? 6 LEU A O    6  
ATOM 610  C CB   . LEU A 1 6 ? 1.636  -0.863 4.870   1.00 0.00 ? 6 LEU A CB   6  
ATOM 611  C CG   . LEU A 1 6 ? 2.011  -2.262 5.374   1.00 0.00 ? 6 LEU A CG   6  
ATOM 612  C CD1  . LEU A 1 6 ? 3.431  -2.277 5.911   1.00 0.00 ? 6 LEU A CD1  6  
ATOM 613  C CD2  . LEU A 1 6 ? 1.034  -2.737 6.445   1.00 0.00 ? 6 LEU A CD2  6  
ATOM 614  H H    . LEU A 1 6 ? 0.938  -2.025 2.709   1.00 0.00 ? 6 LEU A H    6  
ATOM 615  H HA   . LEU A 1 6 ? -0.489 -1.042 4.963   1.00 0.00 ? 6 LEU A HA   6  
ATOM 616  H HB2  . LEU A 1 6 ? 2.368  -0.560 4.136   1.00 0.00 ? 6 LEU A HB2  6  
ATOM 617  H HB3  . LEU A 1 6 ? 1.690  -0.180 5.706   1.00 0.00 ? 6 LEU A HB3  6  
ATOM 618  H HG   . LEU A 1 6 ? 1.954  -2.943 4.538   1.00 0.00 ? 6 LEU A HG   6  
ATOM 619  H HD11 . LEU A 1 6 ? 3.515  -1.577 6.729   1.00 0.00 ? 6 LEU A HD11 6  
ATOM 620  H HD12 . LEU A 1 6 ? 4.116  -1.997 5.124   1.00 0.00 ? 6 LEU A HD12 6  
ATOM 621  H HD13 . LEU A 1 6 ? 3.672  -3.270 6.261   1.00 0.00 ? 6 LEU A HD13 6  
ATOM 622  H HD21 . LEU A 1 6 ? 1.034  -2.040 7.270   1.00 0.00 ? 6 LEU A HD21 6  
ATOM 623  H HD22 . LEU A 1 6 ? 1.341  -3.710 6.800   1.00 0.00 ? 6 LEU A HD22 6  
ATOM 624  H HD23 . LEU A 1 6 ? 0.039  -2.808 6.030   1.00 0.00 ? 6 LEU A HD23 6  
ATOM 625  N N    . ASP A 1 7 ? 0.267  1.094  2.600   1.00 0.00 ? 7 ASP A N    6  
ATOM 626  C CA   . ASP A 1 7 ? -0.016 2.462  2.134   1.00 0.00 ? 7 ASP A CA   6  
ATOM 627  C C    . ASP A 1 7 ? -1.307 2.462  1.342   1.00 0.00 ? 7 ASP A C    6  
ATOM 628  O O    . ASP A 1 7 ? -2.086 3.417  1.395   1.00 0.00 ? 7 ASP A O    6  
ATOM 629  C CB   . ASP A 1 7 ? 1.137  3.094  1.300   1.00 0.00 ? 7 ASP A CB   6  
ATOM 630  C CG   . ASP A 1 7 ? 1.330  2.507  -0.086  1.00 0.00 ? 7 ASP A CG   6  
ATOM 631  O OD1  . ASP A 1 7 ? 0.701  2.989  -1.057  1.00 0.00 ? 7 ASP A OD1  6  
ATOM 632  O OD2  . ASP A 1 7 ? 2.124  1.580  -0.237  1.00 0.00 ? 7 ASP A OD2  6  
ATOM 633  H H    . ASP A 1 7 ? 0.657  0.442  1.978   1.00 0.00 ? 7 ASP A H    6  
ATOM 634  H HA   . ASP A 1 7 ? -0.186 3.053  3.022   1.00 0.00 ? 7 ASP A HA   6  
ATOM 635  H HB2  . ASP A 1 7 ? 0.935  4.147  1.175   1.00 0.00 ? 7 ASP A HB2  6  
ATOM 636  H HB3  . ASP A 1 7 ? 2.059  2.985  1.852   1.00 0.00 ? 7 ASP A HB3  6  
ATOM 637  N N    . GLY A 1 1 ? -1.576 1.302  0.653   1.00 0.00 ? 1 GLY A N    7  
ATOM 638  C CA   . GLY A 1 1 ? -2.729 1.220  -0.194  1.00 0.00 ? 1 GLY A CA   7  
ATOM 639  C C    . GLY A 1 1 ? -2.378 1.030  -1.647  1.00 0.00 ? 1 GLY A C    7  
ATOM 640  O O    . GLY A 1 1 ? -2.930 0.150  -2.309  1.00 0.00 ? 1 GLY A O    7  
ATOM 641  H H1   . GLY A 1 1 ? -1.086 0.486  0.890   1.00 0.00 ? 1 GLY A H1   7  
ATOM 642  H HA2  . GLY A 1 1 ? -3.337 0.387  0.123   1.00 0.00 ? 1 GLY A HA2  7  
ATOM 643  H HA3  . GLY A 1 1 ? -3.302 2.129  -0.093  1.00 0.00 ? 1 GLY A HA3  7  
ATOM 644  N N    . TYR A 1 2 ? -1.454 1.813  -2.145  1.00 0.00 ? 2 TYR A N    7  
ATOM 645  C CA   . TYR A 1 2 ? -1.118 1.752  -3.553  1.00 0.00 ? 2 TYR A CA   7  
ATOM 646  C C    . TYR A 1 2 ? -0.032 0.750  -3.842  1.00 0.00 ? 2 TYR A C    7  
ATOM 647  O O    . TYR A 1 2 ? -0.261 -0.245 -4.526  1.00 0.00 ? 2 TYR A O    7  
ATOM 648  C CB   . TYR A 1 2 ? -0.723 3.120  -4.126  1.00 0.00 ? 2 TYR A CB   7  
ATOM 649  C CG   . TYR A 1 2 ? -1.850 4.118  -4.206  1.00 0.00 ? 2 TYR A CG   7  
ATOM 650  C CD1  . TYR A 1 2 ? -1.861 5.253  -3.412  1.00 0.00 ? 2 TYR A CD1  7  
ATOM 651  C CD2  . TYR A 1 2 ? -2.909 3.919  -5.081  1.00 0.00 ? 2 TYR A CD2  7  
ATOM 652  C CE1  . TYR A 1 2 ? -2.898 6.163  -3.486  1.00 0.00 ? 2 TYR A CE1  7  
ATOM 653  C CE2  . TYR A 1 2 ? -3.947 4.823  -5.163  1.00 0.00 ? 2 TYR A CE2  7  
ATOM 654  C CZ   . TYR A 1 2 ? -3.937 5.943  -4.363  1.00 0.00 ? 2 TYR A CZ   7  
ATOM 655  O OH   . TYR A 1 2 ? -4.985 6.838  -4.433  1.00 0.00 ? 2 TYR A OH   7  
ATOM 656  H H    . TYR A 1 2 ? -0.960 2.413  -1.545  1.00 0.00 ? 2 TYR A H    7  
ATOM 657  H HA   . TYR A 1 2 ? -2.007 1.423  -4.070  1.00 0.00 ? 2 TYR A HA   7  
ATOM 658  H HB2  . TYR A 1 2 ? 0.048  3.548  -3.502  1.00 0.00 ? 2 TYR A HB2  7  
ATOM 659  H HB3  . TYR A 1 2 ? -0.328 2.982  -5.121  1.00 0.00 ? 2 TYR A HB3  7  
ATOM 660  H HD1  . TYR A 1 2 ? -1.040 5.415  -2.730  1.00 0.00 ? 2 TYR A HD1  7  
ATOM 661  H HD2  . TYR A 1 2 ? -2.909 3.039  -5.706  1.00 0.00 ? 2 TYR A HD2  7  
ATOM 662  H HE1  . TYR A 1 2 ? -2.891 7.044  -2.859  1.00 0.00 ? 2 TYR A HE1  7  
ATOM 663  H HE2  . TYR A 1 2 ? -4.761 4.649  -5.850  1.00 0.00 ? 2 TYR A HE2  7  
ATOM 664  H HH   . TYR A 1 2 ? -5.793 6.314  -4.349  1.00 0.00 ? 2 TYR A HH   7  
ATOM 665  N N    . ILE A 1 3 ? 1.126  0.974  -3.289  1.00 0.00 ? 3 ILE A N    7  
ATOM 666  C CA   . ILE A 1 3 ? 2.284  0.175  -3.644  1.00 0.00 ? 3 ILE A CA   7  
ATOM 667  C C    . ILE A 1 3 ? 2.420  -1.017 -2.713  1.00 0.00 ? 3 ILE A C    7  
ATOM 668  O O    . ILE A 1 3 ? 2.701  -2.141 -3.143  1.00 0.00 ? 3 ILE A O    7  
ATOM 669  C CB   . ILE A 1 3 ? 3.568  1.045  -3.578  1.00 0.00 ? 3 ILE A CB   7  
ATOM 670  C CG1  . ILE A 1 3 ? 3.407  2.277  -4.487  1.00 0.00 ? 3 ILE A CG1  7  
ATOM 671  C CG2  . ILE A 1 3 ? 4.802  0.232  -3.979  1.00 0.00 ? 3 ILE A CG2  7  
ATOM 672  C CD1  . ILE A 1 3 ? 4.562  3.248  -4.433  1.00 0.00 ? 3 ILE A CD1  7  
ATOM 673  H H    . ILE A 1 3 ? 1.194  1.670  -2.591  1.00 0.00 ? 3 ILE A H    7  
ATOM 674  H HA   . ILE A 1 3 ? 2.161  -0.175 -4.657  1.00 0.00 ? 3 ILE A HA   7  
ATOM 675  H HB   . ILE A 1 3 ? 3.693  1.382  -2.561  1.00 0.00 ? 3 ILE A HB   7  
ATOM 676  H HG12 . ILE A 1 3 ? 3.316  1.944  -5.509  1.00 0.00 ? 3 ILE A HG12 7  
ATOM 677  H HG13 . ILE A 1 3 ? 2.507  2.807  -4.206  1.00 0.00 ? 3 ILE A HG13 7  
ATOM 678  H HG21 . ILE A 1 3 ? 4.676  -0.139 -4.984  1.00 0.00 ? 3 ILE A HG21 7  
ATOM 679  H HG22 . ILE A 1 3 ? 4.923  -0.598 -3.300  1.00 0.00 ? 3 ILE A HG22 7  
ATOM 680  H HG23 . ILE A 1 3 ? 5.677  0.864  -3.935  1.00 0.00 ? 3 ILE A HG23 7  
ATOM 681  H HD11 . ILE A 1 3 ? 5.470  2.741  -4.726  1.00 0.00 ? 3 ILE A HD11 7  
ATOM 682  H HD12 . ILE A 1 3 ? 4.663  3.624  -3.426  1.00 0.00 ? 3 ILE A HD12 7  
ATOM 683  H HD13 . ILE A 1 3 ? 4.373  4.070  -5.107  1.00 0.00 ? 3 ILE A HD13 7  
ATOM 684  N N    . THR A 1 4 ? 2.171  -0.787 -1.476  1.00 0.00 ? 4 THR A N    7  
ATOM 685  C CA   . THR A 1 4 ? 2.276  -1.794 -0.471  1.00 0.00 ? 4 THR A CA   7  
ATOM 686  C C    . THR A 1 4 ? 0.954  -1.789 0.303   1.00 0.00 ? 4 THR A C    7  
ATOM 687  O O    . THR A 1 4 ? 0.368  -0.722 0.464   1.00 0.00 ? 4 THR A O    7  
ATOM 688  C CB   . THR A 1 4 ? 3.456  -1.419 0.461   1.00 0.00 ? 4 THR A CB   7  
ATOM 689  O OG1  . THR A 1 4 ? 4.617  -1.127 -0.340  1.00 0.00 ? 4 THR A OG1  7  
ATOM 690  C CG2  . THR A 1 4 ? 3.795  -2.520 1.443   1.00 0.00 ? 4 THR A CG2  7  
ATOM 691  H H    . THR A 1 4 ? 1.907  0.114  -1.177  1.00 0.00 ? 4 THR A H    7  
ATOM 692  H HA   . THR A 1 4 ? 2.460  -2.753 -0.929  1.00 0.00 ? 4 THR A HA   7  
ATOM 693  H HB   . THR A 1 4 ? 3.171  -0.526 0.996   1.00 0.00 ? 4 THR A HB   7  
ATOM 694  H HG1  . THR A 1 4 ? 4.500  -0.216 -0.634  1.00 0.00 ? 4 THR A HG1  7  
ATOM 695  H HG21 . THR A 1 4 ? 4.629  -2.213 2.055   1.00 0.00 ? 4 THR A HG21 7  
ATOM 696  H HG22 . THR A 1 4 ? 4.052  -3.417 0.899   1.00 0.00 ? 4 THR A HG22 7  
ATOM 697  H HG23 . THR A 1 4 ? 2.935  -2.707 2.070   1.00 0.00 ? 4 THR A HG23 7  
ATOM 698  N N    . PRO A 1 5 ? 0.433  -2.967 0.731   1.00 0.00 ? 5 PRO A N    7  
ATOM 699  C CA   . PRO A 1 5 ? -0.826 -3.083 1.510   1.00 0.00 ? 5 PRO A CA   7  
ATOM 700  C C    . PRO A 1 5 ? -0.976 -2.043 2.642   1.00 0.00 ? 5 PRO A C    7  
ATOM 701  O O    . PRO A 1 5 ? -2.084 -1.613 2.952   1.00 0.00 ? 5 PRO A O    7  
ATOM 702  C CB   . PRO A 1 5 ? -0.721 -4.480 2.103   1.00 0.00 ? 5 PRO A CB   7  
ATOM 703  C CG   . PRO A 1 5 ? 0.024  -5.262 1.082   1.00 0.00 ? 5 PRO A CG   7  
ATOM 704  C CD   . PRO A 1 5 ? 0.996  -4.306 0.437   1.00 0.00 ? 5 PRO A CD   7  
ATOM 705  H HA   . PRO A 1 5 ? -1.692 -3.034 0.867   1.00 0.00 ? 5 PRO A HA   7  
ATOM 706  H HB2  . PRO A 1 5 ? -0.186 -4.433 3.041   1.00 0.00 ? 5 PRO A HB2  7  
ATOM 707  H HB3  . PRO A 1 5 ? -1.708 -4.887 2.269   1.00 0.00 ? 5 PRO A HB3  7  
ATOM 708  H HG2  . PRO A 1 5 ? 0.556  -6.073 1.558   1.00 0.00 ? 5 PRO A HG2  7  
ATOM 709  H HG3  . PRO A 1 5 ? -0.662 -5.652 0.344   1.00 0.00 ? 5 PRO A HG3  7  
ATOM 710  H HD2  . PRO A 1 5 ? 1.979  -4.413 0.871   1.00 0.00 ? 5 PRO A HD2  7  
ATOM 711  H HD3  . PRO A 1 5 ? 1.035  -4.477 -0.627  1.00 0.00 ? 5 PRO A HD3  7  
ATOM 712  N N    . LEU A 1 6 ? 0.140  -1.636 3.232   1.00 0.00 ? 6 LEU A N    7  
ATOM 713  C CA   . LEU A 1 6 ? 0.133  -0.658 4.319   1.00 0.00 ? 6 LEU A CA   7  
ATOM 714  C C    . LEU A 1 6 ? -0.149 0.770  3.819   1.00 0.00 ? 6 LEU A C    7  
ATOM 715  O O    . LEU A 1 6 ? -0.720 1.590  4.546   1.00 0.00 ? 6 LEU A O    7  
ATOM 716  C CB   . LEU A 1 6 ? 1.466  -0.691 5.069   1.00 0.00 ? 6 LEU A CB   7  
ATOM 717  C CG   . LEU A 1 6 ? 1.848  -2.028 5.705   1.00 0.00 ? 6 LEU A CG   7  
ATOM 718  C CD1  . LEU A 1 6 ? 3.226  -1.943 6.338   1.00 0.00 ? 6 LEU A CD1  7  
ATOM 719  C CD2  . LEU A 1 6 ? 0.814  -2.460 6.740   1.00 0.00 ? 6 LEU A CD2  7  
ATOM 720  H H    . LEU A 1 6 ? 0.988  -2.027 2.932   1.00 0.00 ? 6 LEU A H    7  
ATOM 721  H HA   . LEU A 1 6 ? -0.650 -0.942 5.005   1.00 0.00 ? 6 LEU A HA   7  
ATOM 722  H HB2  . LEU A 1 6 ? 2.245  -0.419 4.374   1.00 0.00 ? 6 LEU A HB2  7  
ATOM 723  H HB3  . LEU A 1 6 ? 1.431  0.055  5.850   1.00 0.00 ? 6 LEU A HB3  7  
ATOM 724  H HG   . LEU A 1 6 ? 1.875  -2.772 4.923   1.00 0.00 ? 6 LEU A HG   7  
ATOM 725  H HD11 . LEU A 1 6 ? 3.956  -1.695 5.583   1.00 0.00 ? 6 LEU A HD11 7  
ATOM 726  H HD12 . LEU A 1 6 ? 3.479  -2.896 6.781   1.00 0.00 ? 6 LEU A HD12 7  
ATOM 727  H HD13 . LEU A 1 6 ? 3.225  -1.181 7.104   1.00 0.00 ? 6 LEU A HD13 7  
ATOM 728  H HD21 . LEU A 1 6 ? -0.147 -2.590 6.263   1.00 0.00 ? 6 LEU A HD21 7  
ATOM 729  H HD22 . LEU A 1 6 ? 0.734  -1.702 7.506   1.00 0.00 ? 6 LEU A HD22 7  
ATOM 730  H HD23 . LEU A 1 6 ? 1.122  -3.393 7.188   1.00 0.00 ? 6 LEU A HD23 7  
ATOM 731  N N    . ASP A 1 7 ? 0.229  1.064  2.585   1.00 0.00 ? 7 ASP A N    7  
ATOM 732  C CA   . ASP A 1 7 ? 0.022  2.415  2.036   1.00 0.00 ? 7 ASP A CA   7  
ATOM 733  C C    . ASP A 1 7 ? -1.144 2.455  1.085   1.00 0.00 ? 7 ASP A C    7  
ATOM 734  O O    . ASP A 1 7 ? -1.614 3.527  0.714   1.00 0.00 ? 7 ASP A O    7  
ATOM 735  C CB   . ASP A 1 7 ? 1.275  2.996  1.348   1.00 0.00 ? 7 ASP A CB   7  
ATOM 736  C CG   . ASP A 1 7 ? 1.722  2.251  0.103   1.00 0.00 ? 7 ASP A CG   7  
ATOM 737  O OD1  . ASP A 1 7 ? 1.143  2.463  -0.990  1.00 0.00 ? 7 ASP A OD1  7  
ATOM 738  O OD2  . ASP A 1 7 ? 2.696  1.485  0.181   1.00 0.00 ? 7 ASP A OD2  7  
ATOM 739  H H    . ASP A 1 7 ? 0.631  0.362  2.028   1.00 0.00 ? 7 ASP A H    7  
ATOM 740  H HA   . ASP A 1 7 ? -0.233 3.046  2.875   1.00 0.00 ? 7 ASP A HA   7  
ATOM 741  H HB2  . ASP A 1 7 ? 1.061  4.016  1.061   1.00 0.00 ? 7 ASP A HB2  7  
ATOM 742  H HB3  . ASP A 1 7 ? 2.089  3.006  2.058   1.00 0.00 ? 7 ASP A HB3  7  
ATOM 743  N N    . GLY A 1 1 ? -1.519 1.197  0.644   1.00 0.00 ? 1 GLY A N    8  
ATOM 744  C CA   . GLY A 1 1 ? -2.680 0.943  -0.143  1.00 0.00 ? 1 GLY A CA   8  
ATOM 745  C C    . GLY A 1 1 ? -2.372 0.787  -1.609  1.00 0.00 ? 1 GLY A C    8  
ATOM 746  O O    . GLY A 1 1 ? -2.985 -0.033 -2.285  1.00 0.00 ? 1 GLY A O    8  
ATOM 747  H H1   . GLY A 1 1 ? -0.836 0.497  0.745   1.00 0.00 ? 1 GLY A H1   8  
ATOM 748  H HA2  . GLY A 1 1 ? -3.142 0.034  0.211   1.00 0.00 ? 1 GLY A HA2  8  
ATOM 749  H HA3  . GLY A 1 1 ? -3.373 1.761  -0.017  1.00 0.00 ? 1 GLY A HA3  8  
ATOM 750  N N    . TYR A 1 2 ? -1.408 1.522  -2.102  1.00 0.00 ? 2 TYR A N    8  
ATOM 751  C CA   . TYR A 1 2 ? -1.114 1.508  -3.519  1.00 0.00 ? 2 TYR A CA   8  
ATOM 752  C C    . TYR A 1 2 ? 0.132  0.707  -3.823  1.00 0.00 ? 2 TYR A C    8  
ATOM 753  O O    . TYR A 1 2 ? 0.087  -0.253 -4.596  1.00 0.00 ? 2 TYR A O    8  
ATOM 754  C CB   . TYR A 1 2 ? -0.943 2.921  -4.059  1.00 0.00 ? 2 TYR A CB   8  
ATOM 755  C CG   . TYR A 1 2 ? -2.135 3.825  -3.874  1.00 0.00 ? 2 TYR A CG   8  
ATOM 756  C CD1  . TYR A 1 2 ? -2.216 4.680  -2.788  1.00 0.00 ? 2 TYR A CD1  8  
ATOM 757  C CD2  . TYR A 1 2 ? -3.170 3.836  -4.794  1.00 0.00 ? 2 TYR A CD2  8  
ATOM 758  C CE1  . TYR A 1 2 ? -3.293 5.521  -2.621  1.00 0.00 ? 2 TYR A CE1  8  
ATOM 759  C CE2  . TYR A 1 2 ? -4.252 4.673  -4.635  1.00 0.00 ? 2 TYR A CE2  8  
ATOM 760  C CZ   . TYR A 1 2 ? -4.308 5.515  -3.545  1.00 0.00 ? 2 TYR A CZ   8  
ATOM 761  O OH   . TYR A 1 2 ? -5.386 6.364  -3.385  1.00 0.00 ? 2 TYR A OH   8  
ATOM 762  H H    . TYR A 1 2 ? -0.836 2.076  -1.516  1.00 0.00 ? 2 TYR A H    8  
ATOM 763  H HA   . TYR A 1 2 ? -1.954 1.054  -4.020  1.00 0.00 ? 2 TYR A HA   8  
ATOM 764  H HB2  . TYR A 1 2 ? -0.096 3.380  -3.575  1.00 0.00 ? 2 TYR A HB2  8  
ATOM 765  H HB3  . TYR A 1 2 ? -0.740 2.845  -5.116  1.00 0.00 ? 2 TYR A HB3  8  
ATOM 766  H HD1  . TYR A 1 2 ? -1.417 4.677  -2.063  1.00 0.00 ? 2 TYR A HD1  8  
ATOM 767  H HD2  . TYR A 1 2 ? -3.121 3.174  -5.645  1.00 0.00 ? 2 TYR A HD2  8  
ATOM 768  H HE1  . TYR A 1 2 ? -3.336 6.182  -1.769  1.00 0.00 ? 2 TYR A HE1  8  
ATOM 769  H HE2  . TYR A 1 2 ? -5.050 4.665  -5.363  1.00 0.00 ? 2 TYR A HE2  8  
ATOM 770  H HH   . TYR A 1 2 ? -5.036 7.221  -3.104  1.00 0.00 ? 2 TYR A HH   8  
ATOM 771  N N    . ILE A 1 3 ? 1.228  1.070  -3.203  1.00 0.00 ? 3 ILE A N    8  
ATOM 772  C CA   . ILE A 1 3 ? 2.501  0.425  -3.482  1.00 0.00 ? 3 ILE A CA   8  
ATOM 773  C C    . ILE A 1 3 ? 2.570  -0.881 -2.706  1.00 0.00 ? 3 ILE A C    8  
ATOM 774  O O    . ILE A 1 3 ? 3.029  -1.916 -3.195  1.00 0.00 ? 3 ILE A O    8  
ATOM 775  C CB   . ILE A 1 3 ? 3.679  1.344  -3.042  1.00 0.00 ? 3 ILE A CB   8  
ATOM 776  C CG1  . ILE A 1 3 ? 3.556  2.727  -3.708  1.00 0.00 ? 3 ILE A CG1  8  
ATOM 777  C CG2  . ILE A 1 3 ? 5.026  0.701  -3.380  1.00 0.00 ? 3 ILE A CG2  8  
ATOM 778  C CD1  . ILE A 1 3 ? 4.582  3.740  -3.234  1.00 0.00 ? 3 ILE A CD1  8  
ATOM 779  H H    . ILE A 1 3 ? 1.186  1.783  -2.518  1.00 0.00 ? 3 ILE A H    8  
ATOM 780  H HA   . ILE A 1 3 ? 2.578  0.232  -4.542  1.00 0.00 ? 3 ILE A HA   8  
ATOM 781  H HB   . ILE A 1 3 ? 3.624  1.468  -1.970  1.00 0.00 ? 3 ILE A HB   8  
ATOM 782  H HG12 . ILE A 1 3 ? 3.679  2.613  -4.775  1.00 0.00 ? 3 ILE A HG12 8  
ATOM 783  H HG13 . ILE A 1 3 ? 2.573  3.125  -3.506  1.00 0.00 ? 3 ILE A HG13 8  
ATOM 784  H HG21 . ILE A 1 3 ? 5.827  1.354  -3.064  1.00 0.00 ? 3 ILE A HG21 8  
ATOM 785  H HG22 . ILE A 1 3 ? 5.089  0.542  -4.446  1.00 0.00 ? 3 ILE A HG22 8  
ATOM 786  H HG23 . ILE A 1 3 ? 5.110  -0.248 -2.870  1.00 0.00 ? 3 ILE A HG23 8  
ATOM 787  H HD11 . ILE A 1 3 ? 4.467  3.895  -2.172  1.00 0.00 ? 3 ILE A HD11 8  
ATOM 788  H HD12 . ILE A 1 3 ? 4.433  4.674  -3.754  1.00 0.00 ? 3 ILE A HD12 8  
ATOM 789  H HD13 . ILE A 1 3 ? 5.575  3.368  -3.436  1.00 0.00 ? 3 ILE A HD13 8  
ATOM 790  N N    . THR A 1 4 ? 2.105  -0.824 -1.512  1.00 0.00 ? 4 THR A N    8  
ATOM 791  C CA   . THR A 1 4 ? 2.054  -1.930 -0.621  1.00 0.00 ? 4 THR A CA   8  
ATOM 792  C C    . THR A 1 4 ? 0.791  -1.739 0.219   1.00 0.00 ? 4 THR A C    8  
ATOM 793  O O    . THR A 1 4 ? 0.437  -0.615 0.478   1.00 0.00 ? 4 THR A O    8  
ATOM 794  C CB   . THR A 1 4 ? 3.325  -1.888 0.271   1.00 0.00 ? 4 THR A CB   8  
ATOM 795  O OG1  . THR A 1 4 ? 4.481  -1.873 -0.581  1.00 0.00 ? 4 THR A OG1  8  
ATOM 796  C CG2  . THR A 1 4 ? 3.417  -3.085 1.199   1.00 0.00 ? 4 THR A CG2  8  
ATOM 797  H H    . THR A 1 4 ? 1.807  0.044  -1.144  1.00 0.00 ? 4 THR A H    8  
ATOM 798  H HA   . THR A 1 4 ? 2.021  -2.855 -1.178  1.00 0.00 ? 4 THR A HA   8  
ATOM 799  H HB   . THR A 1 4 ? 3.301  -0.976 0.849   1.00 0.00 ? 4 THR A HB   8  
ATOM 800  H HG1  . THR A 1 4 ? 4.145  -1.872 -1.486  1.00 0.00 ? 4 THR A HG1  8  
ATOM 801  H HG21 . THR A 1 4 ? 3.456  -3.986 0.607   1.00 0.00 ? 4 THR A HG21 8  
ATOM 802  H HG22 . THR A 1 4 ? 2.546  -3.108 1.838   1.00 0.00 ? 4 THR A HG22 8  
ATOM 803  H HG23 . THR A 1 4 ? 4.309  -3.008 1.803   1.00 0.00 ? 4 THR A HG23 8  
ATOM 804  N N    . PRO A 1 5 ? 0.051  -2.808 0.587   1.00 0.00 ? 5 PRO A N    8  
ATOM 805  C CA   . PRO A 1 5 ? -1.185 -2.711 1.425   1.00 0.00 ? 5 PRO A CA   8  
ATOM 806  C C    . PRO A 1 5 ? -1.045 -1.817 2.692   1.00 0.00 ? 5 PRO A C    8  
ATOM 807  O O    . PRO A 1 5 ? -2.039 -1.376 3.265   1.00 0.00 ? 5 PRO A O    8  
ATOM 808  C CB   . PRO A 1 5 ? -1.427 -4.155 1.819   1.00 0.00 ? 5 PRO A CB   8  
ATOM 809  C CG   . PRO A 1 5 ? -0.926 -4.934 0.663   1.00 0.00 ? 5 PRO A CG   8  
ATOM 810  C CD   . PRO A 1 5 ? 0.299  -4.211 0.175   1.00 0.00 ? 5 PRO A CD   8  
ATOM 811  H HA   . PRO A 1 5 ? -2.019 -2.353 0.839   1.00 0.00 ? 5 PRO A HA   8  
ATOM 812  H HB2  . PRO A 1 5 ? -0.876 -4.377 2.721   1.00 0.00 ? 5 PRO A HB2  8  
ATOM 813  H HB3  . PRO A 1 5 ? -2.481 -4.324 1.980   1.00 0.00 ? 5 PRO A HB3  8  
ATOM 814  H HG2  . PRO A 1 5 ? -0.676 -5.935 0.977   1.00 0.00 ? 5 PRO A HG2  8  
ATOM 815  H HG3  . PRO A 1 5 ? -1.677 -4.960 -0.114  1.00 0.00 ? 5 PRO A HG3  8  
ATOM 816  H HD2  . PRO A 1 5 ? 1.186  -4.605 0.650   1.00 0.00 ? 5 PRO A HD2  8  
ATOM 817  H HD3  . PRO A 1 5 ? 0.379  -4.287 -0.899  1.00 0.00 ? 5 PRO A HD3  8  
ATOM 818  N N    . LEU A 1 6 ? 0.190  -1.559 3.108   1.00 0.00 ? 6 LEU A N    8  
ATOM 819  C CA   . LEU A 1 6 ? 0.472  -0.675 4.234   1.00 0.00 ? 6 LEU A CA   8  
ATOM 820  C C    . LEU A 1 6 ? 0.146  0.791  3.866   1.00 0.00 ? 6 LEU A C    8  
ATOM 821  O O    . LEU A 1 6 ? -0.220 1.592  4.722   1.00 0.00 ? 6 LEU A O    8  
ATOM 822  C CB   . LEU A 1 6 ? 1.943  -0.794 4.629   1.00 0.00 ? 6 LEU A CB   8  
ATOM 823  C CG   . LEU A 1 6 ? 2.427  -2.191 5.033   1.00 0.00 ? 6 LEU A CG   8  
ATOM 824  C CD1  . LEU A 1 6 ? 3.926  -2.181 5.282   1.00 0.00 ? 6 LEU A CD1  8  
ATOM 825  C CD2  . LEU A 1 6 ? 1.694  -2.681 6.274   1.00 0.00 ? 6 LEU A CD2  8  
ATOM 826  H H    . LEU A 1 6 ? 0.929  -1.992 2.638   1.00 0.00 ? 6 LEU A H    8  
ATOM 827  H HA   . LEU A 1 6 ? -0.144 -0.988 5.063   1.00 0.00 ? 6 LEU A HA   8  
ATOM 828  H HB2  . LEU A 1 6 ? 2.544  -0.457 3.797   1.00 0.00 ? 6 LEU A HB2  8  
ATOM 829  H HB3  . LEU A 1 6 ? 2.115  -0.130 5.463   1.00 0.00 ? 6 LEU A HB3  8  
ATOM 830  H HG   . LEU A 1 6 ? 2.216  -2.870 4.221   1.00 0.00 ? 6 LEU A HG   8  
ATOM 831  H HD11 . LEU A 1 6 ? 4.155  -1.485 6.075   1.00 0.00 ? 6 LEU A HD11 8  
ATOM 832  H HD12 . LEU A 1 6 ? 4.438  -1.880 4.380   1.00 0.00 ? 6 LEU A HD12 8  
ATOM 833  H HD13 . LEU A 1 6 ? 4.249  -3.170 5.567   1.00 0.00 ? 6 LEU A HD13 8  
ATOM 834  H HD21 . LEU A 1 6 ? 2.075  -3.653 6.553   1.00 0.00 ? 6 LEU A HD21 8  
ATOM 835  H HD22 . LEU A 1 6 ? 0.639  -2.764 6.059   1.00 0.00 ? 6 LEU A HD22 8  
ATOM 836  H HD23 . LEU A 1 6 ? 1.846  -1.986 7.086   1.00 0.00 ? 6 LEU A HD23 8  
ATOM 837  N N    . ASP A 1 7 ? 0.274  1.122  2.586   1.00 0.00 ? 7 ASP A N    8  
ATOM 838  C CA   . ASP A 1 7 ? -0.072 2.458  2.082   1.00 0.00 ? 7 ASP A CA   8  
ATOM 839  C C    . ASP A 1 7 ? -1.317 2.356  1.212   1.00 0.00 ? 7 ASP A C    8  
ATOM 840  O O    . ASP A 1 7 ? -2.061 3.322  1.039   1.00 0.00 ? 7 ASP A O    8  
ATOM 841  C CB   . ASP A 1 7 ? 1.084  3.108  1.271   1.00 0.00 ? 7 ASP A CB   8  
ATOM 842  C CG   . ASP A 1 7 ? 1.367  2.435  -0.064  1.00 0.00 ? 7 ASP A CG   8  
ATOM 843  O OD1  . ASP A 1 7 ? 0.773  2.833  -1.090  1.00 0.00 ? 7 ASP A OD1  8  
ATOM 844  O OD2  . ASP A 1 7 ? 2.174  1.500  -0.107  1.00 0.00 ? 7 ASP A OD2  8  
ATOM 845  H H    . ASP A 1 7 ? 0.614  0.454  1.952   1.00 0.00 ? 7 ASP A H    8  
ATOM 846  H HA   . ASP A 1 7 ? -0.309 3.076  2.936   1.00 0.00 ? 7 ASP A HA   8  
ATOM 847  H HB2  . ASP A 1 7 ? 0.839  4.140  1.075   1.00 0.00 ? 7 ASP A HB2  8  
ATOM 848  H HB3  . ASP A 1 7 ? 1.984  3.072  1.867   1.00 0.00 ? 7 ASP A HB3  8  
ATOM 849  N N    . GLY A 1 1 ? -1.497 1.184  0.573   1.00 0.00 ? 1 GLY A N    9  
ATOM 850  C CA   . GLY A 1 1 ? -2.666 0.922  -0.223  1.00 0.00 ? 1 GLY A CA   9  
ATOM 851  C C    . GLY A 1 1 ? -2.378 0.910  -1.707  1.00 0.00 ? 1 GLY A C    9  
ATOM 852  O O    . GLY A 1 1 ? -3.034 0.195  -2.473  1.00 0.00 ? 1 GLY A O    9  
ATOM 853  H H1   . GLY A 1 1 ? -0.804 0.489  0.640   1.00 0.00 ? 1 GLY A H1   9  
ATOM 854  H HA2  . GLY A 1 1 ? -3.072 -0.037 0.061   1.00 0.00 ? 1 GLY A HA2  9  
ATOM 855  H HA3  . GLY A 1 1 ? -3.401 1.687  -0.018  1.00 0.00 ? 1 GLY A HA3  9  
ATOM 856  N N    . TYR A 1 2 ? -1.390 1.665  -2.120  1.00 0.00 ? 2 TYR A N    9  
ATOM 857  C CA   . TYR A 1 2 ? -1.101 1.823  -3.523  1.00 0.00 ? 2 TYR A CA   9  
ATOM 858  C C    . TYR A 1 2 ? 0.069  0.940  -3.944  1.00 0.00 ? 2 TYR A C    9  
ATOM 859  O O    . TYR A 1 2 ? -0.053 0.156  -4.894  1.00 0.00 ? 2 TYR A O    9  
ATOM 860  C CB   . TYR A 1 2 ? -0.829 3.301  -3.823  1.00 0.00 ? 2 TYR A CB   9  
ATOM 861  C CG   . TYR A 1 2 ? -0.695 3.670  -5.285  1.00 0.00 ? 2 TYR A CG   9  
ATOM 862  C CD1  . TYR A 1 2 ? 0.544  3.959  -5.842  1.00 0.00 ? 2 TYR A CD1  9  
ATOM 863  C CD2  . TYR A 1 2 ? -1.815 3.756  -6.101  1.00 0.00 ? 2 TYR A CD2  9  
ATOM 864  C CE1  . TYR A 1 2 ? 0.662  4.325  -7.166  1.00 0.00 ? 2 TYR A CE1  9  
ATOM 865  C CE2  . TYR A 1 2 ? -1.703 4.114  -7.429  1.00 0.00 ? 2 TYR A CE2  9  
ATOM 866  C CZ   . TYR A 1 2 ? -0.462 4.399  -7.955  1.00 0.00 ? 2 TYR A CZ   9  
ATOM 867  O OH   . TYR A 1 2 ? -0.347 4.781  -9.278  1.00 0.00 ? 2 TYR A OH   9  
ATOM 868  H H    . TYR A 1 2 ? -0.808 2.128  -1.473  1.00 0.00 ? 2 TYR A H    9  
ATOM 869  H HA   . TYR A 1 2 ? -1.974 1.517  -4.077  1.00 0.00 ? 2 TYR A HA   9  
ATOM 870  H HB2  . TYR A 1 2 ? -1.624 3.902  -3.408  1.00 0.00 ? 2 TYR A HB2  9  
ATOM 871  H HB3  . TYR A 1 2 ? 0.097  3.561  -3.333  1.00 0.00 ? 2 TYR A HB3  9  
ATOM 872  H HD1  . TYR A 1 2 ? 1.426  3.898  -5.223  1.00 0.00 ? 2 TYR A HD1  9  
ATOM 873  H HD2  . TYR A 1 2 ? -2.786 3.532  -5.684  1.00 0.00 ? 2 TYR A HD2  9  
ATOM 874  H HE1  . TYR A 1 2 ? 1.632  4.549  -7.583  1.00 0.00 ? 2 TYR A HE1  9  
ATOM 875  H HE2  . TYR A 1 2 ? -2.584 4.172  -8.050  1.00 0.00 ? 2 TYR A HE2  9  
ATOM 876  H HH   . TYR A 1 2 ? -0.966 5.515  -9.389  1.00 0.00 ? 2 TYR A HH   9  
ATOM 877  N N    . ILE A 1 3 ? 1.183  1.034  -3.244  1.00 0.00 ? 3 ILE A N    9  
ATOM 878  C CA   . ILE A 1 3 ? 2.356  0.243  -3.617  1.00 0.00 ? 3 ILE A CA   9  
ATOM 879  C C    . ILE A 1 3 ? 2.428  -1.014 -2.753  1.00 0.00 ? 3 ILE A C    9  
ATOM 880  O O    . ILE A 1 3 ? 2.694  -2.122 -3.243  1.00 0.00 ? 3 ILE A O    9  
ATOM 881  C CB   . ILE A 1 3 ? 3.667  1.060  -3.425  1.00 0.00 ? 3 ILE A CB   9  
ATOM 882  C CG1  . ILE A 1 3 ? 3.568  2.411  -4.150  1.00 0.00 ? 3 ILE A CG1  9  
ATOM 883  C CG2  . ILE A 1 3 ? 4.872  0.265  -3.943  1.00 0.00 ? 3 ILE A CG2  9  
ATOM 884  C CD1  . ILE A 1 3 ? 4.770  3.312  -3.955  1.00 0.00 ? 3 ILE A CD1  9  
ATOM 885  H H    . ILE A 1 3 ? 1.214  1.641  -2.464  1.00 0.00 ? 3 ILE A H    9  
ATOM 886  H HA   . ILE A 1 3 ? 2.263  -0.037 -4.655  1.00 0.00 ? 3 ILE A HA   9  
ATOM 887  H HB   . ILE A 1 3 ? 3.803  1.235  -2.369  1.00 0.00 ? 3 ILE A HB   9  
ATOM 888  H HG12 . ILE A 1 3 ? 3.456  2.240  -5.209  1.00 0.00 ? 3 ILE A HG12 9  
ATOM 889  H HG13 . ILE A 1 3 ? 2.697  2.934  -3.783  1.00 0.00 ? 3 ILE A HG13 9  
ATOM 890  H HG21 . ILE A 1 3 ? 4.740  0.054  -4.993  1.00 0.00 ? 3 ILE A HG21 9  
ATOM 891  H HG22 . ILE A 1 3 ? 4.955  -0.664 -3.398  1.00 0.00 ? 3 ILE A HG22 9  
ATOM 892  H HG23 . ILE A 1 3 ? 5.773  0.845  -3.804  1.00 0.00 ? 3 ILE A HG23 9  
ATOM 893  H HD11 . ILE A 1 3 ? 5.651  2.828  -4.347  1.00 0.00 ? 3 ILE A HD11 9  
ATOM 894  H HD12 . ILE A 1 3 ? 4.905  3.500  -2.900  1.00 0.00 ? 3 ILE A HD12 9  
ATOM 895  H HD13 . ILE A 1 3 ? 4.609  4.247  -4.469  1.00 0.00 ? 3 ILE A HD13 9  
ATOM 896  N N    . THR A 1 4 ? 2.139  -0.844 -1.494  1.00 0.00 ? 4 THR A N    9  
ATOM 897  C CA   . THR A 1 4 ? 2.141  -1.908 -0.527  1.00 0.00 ? 4 THR A CA   9  
ATOM 898  C C    . THR A 1 4 ? 0.865  -1.794 0.278   1.00 0.00 ? 4 THR A C    9  
ATOM 899  O O    . THR A 1 4 ? 0.395  -0.685 0.466   1.00 0.00 ? 4 THR A O    9  
ATOM 900  C CB   . THR A 1 4 ? 3.374  -1.813 0.437   1.00 0.00 ? 4 THR A CB   9  
ATOM 901  O OG1  . THR A 1 4 ? 3.384  -0.547 1.131   1.00 0.00 ? 4 THR A OG1  9  
ATOM 902  C CG2  . THR A 1 4 ? 4.687  -1.978 -0.320  1.00 0.00 ? 4 THR A CG2  9  
ATOM 903  H H    . THR A 1 4 ? 1.916  0.058  -1.162  1.00 0.00 ? 4 THR A H    9  
ATOM 904  H HA   . THR A 1 4 ? 2.160  -2.853 -1.047  1.00 0.00 ? 4 THR A HA   9  
ATOM 905  H HB   . THR A 1 4 ? 3.289  -2.602 1.168   1.00 0.00 ? 4 THR A HB   9  
ATOM 906  H HG1  . THR A 1 4 ? 2.936  0.117  0.578   1.00 0.00 ? 4 THR A HG1  9  
ATOM 907  H HG21 . THR A 1 4 ? 4.708  -2.945 -0.800  1.00 0.00 ? 4 THR A HG21 9  
ATOM 908  H HG22 . THR A 1 4 ? 5.512  -1.900 0.372   1.00 0.00 ? 4 THR A HG22 9  
ATOM 909  H HG23 . THR A 1 4 ? 4.770  -1.203 -1.068  1.00 0.00 ? 4 THR A HG23 9  
ATOM 910  N N    . PRO A 1 5 ? 0.236  -2.913 0.688   1.00 0.00 ? 5 PRO A N    9  
ATOM 911  C CA   . PRO A 1 5 ? -0.986 -2.911 1.527   1.00 0.00 ? 5 PRO A CA   9  
ATOM 912  C C    . PRO A 1 5 ? -0.981 -1.846 2.661   1.00 0.00 ? 5 PRO A C    9  
ATOM 913  O O    . PRO A 1 5 ? -2.015 -1.234 2.940   1.00 0.00 ? 5 PRO A O    9  
ATOM 914  C CB   . PRO A 1 5 ? -0.984 -4.316 2.116   1.00 0.00 ? 5 PRO A CB   9  
ATOM 915  C CG   . PRO A 1 5 ? -0.384 -5.160 1.041   1.00 0.00 ? 5 PRO A CG   9  
ATOM 916  C CD   . PRO A 1 5 ? 0.630  -4.292 0.325   1.00 0.00 ? 5 PRO A CD   9  
ATOM 917  H HA   . PRO A 1 5 ? -1.871 -2.777 0.923   1.00 0.00 ? 5 PRO A HA   9  
ATOM 918  H HB2  . PRO A 1 5 ? -0.388 -4.327 3.017   1.00 0.00 ? 5 PRO A HB2  9  
ATOM 919  H HB3  . PRO A 1 5 ? -1.994 -4.623 2.341   1.00 0.00 ? 5 PRO A HB3  9  
ATOM 920  H HG2  . PRO A 1 5 ? 0.099  -6.021 1.477   1.00 0.00 ? 5 PRO A HG2  9  
ATOM 921  H HG3  . PRO A 1 5 ? -1.155 -5.476 0.353   1.00 0.00 ? 5 PRO A HG3  9  
ATOM 922  H HD2  . PRO A 1 5 ? 1.631  -4.514 0.663   1.00 0.00 ? 5 PRO A HD2  9  
ATOM 923  H HD3  . PRO A 1 5 ? 0.557  -4.442 -0.742  1.00 0.00 ? 5 PRO A HD3  9  
ATOM 924  N N    . LEU A 1 6 ? 0.191  -1.601 3.270   1.00 0.00 ? 6 LEU A N    9  
ATOM 925  C CA   . LEU A 1 6 ? 0.320  -0.602 4.348   1.00 0.00 ? 6 LEU A CA   9  
ATOM 926  C C    . LEU A 1 6 ? 0.007  0.816  3.874   1.00 0.00 ? 6 LEU A C    9  
ATOM 927  O O    . LEU A 1 6 ? -0.451 1.649  4.658   1.00 0.00 ? 6 LEU A O    9  
ATOM 928  C CB   . LEU A 1 6 ? 1.717  -0.631 4.968   1.00 0.00 ? 6 LEU A CB   9  
ATOM 929  C CG   . LEU A 1 6 ? 2.100  -1.911 5.697   1.00 0.00 ? 6 LEU A CG   9  
ATOM 930  C CD1  . LEU A 1 6 ? 3.546  -1.850 6.162   1.00 0.00 ? 6 LEU A CD1  9  
ATOM 931  C CD2  . LEU A 1 6 ? 1.171  -2.165 6.880   1.00 0.00 ? 6 LEU A CD2  9  
ATOM 932  H H    . LEU A 1 6 ? 0.974  -2.125 2.989   1.00 0.00 ? 6 LEU A H    9  
ATOM 933  H HA   . LEU A 1 6 ? -0.397 -0.860 5.113   1.00 0.00 ? 6 LEU A HA   9  
ATOM 934  H HB2  . LEU A 1 6 ? 2.436  -0.467 4.177   1.00 0.00 ? 6 LEU A HB2  9  
ATOM 935  H HB3  . LEU A 1 6 ? 1.791  0.189  5.666   1.00 0.00 ? 6 LEU A HB3  9  
ATOM 936  H HG   . LEU A 1 6 ? 1.982  -2.719 4.995   1.00 0.00 ? 6 LEU A HG   9  
ATOM 937  H HD11 . LEU A 1 6 ? 4.194  -1.729 5.306   1.00 0.00 ? 6 LEU A HD11 9  
ATOM 938  H HD12 . LEU A 1 6 ? 3.796  -2.765 6.677   1.00 0.00 ? 6 LEU A HD12 9  
ATOM 939  H HD13 . LEU A 1 6 ? 3.673  -1.012 6.832   1.00 0.00 ? 6 LEU A HD13 9  
ATOM 940  H HD21 . LEU A 1 6 ? 1.214  -1.326 7.559   1.00 0.00 ? 6 LEU A HD21 9  
ATOM 941  H HD22 . LEU A 1 6 ? 1.490  -3.058 7.397   1.00 0.00 ? 6 LEU A HD22 9  
ATOM 942  H HD23 . LEU A 1 6 ? 0.157  -2.300 6.531   1.00 0.00 ? 6 LEU A HD23 9  
ATOM 943  N N    . ASP A 1 7 ? 0.251  1.095  2.615   1.00 0.00 ? 7 ASP A N    9  
ATOM 944  C CA   . ASP A 1 7 ? -0.068 2.419  2.061   1.00 0.00 ? 7 ASP A CA   9  
ATOM 945  C C    . ASP A 1 7 ? -1.315 2.329  1.194   1.00 0.00 ? 7 ASP A C    9  
ATOM 946  O O    . ASP A 1 7 ? -2.098 3.272  1.106   1.00 0.00 ? 7 ASP A O    9  
ATOM 947  C CB   . ASP A 1 7 ? 1.117  3.057  1.277   1.00 0.00 ? 7 ASP A CB   9  
ATOM 948  C CG   . ASP A 1 7 ? 1.443  2.389  -0.046  1.00 0.00 ? 7 ASP A CG   9  
ATOM 949  O OD1  . ASP A 1 7 ? 0.890  2.783  -1.079  1.00 0.00 ? 7 ASP A OD1  9  
ATOM 950  O OD2  . ASP A 1 7 ? 2.274  1.471  -0.078  1.00 0.00 ? 7 ASP A OD2  9  
ATOM 951  H H    . ASP A 1 7 ? 0.638  0.388  2.052   1.00 0.00 ? 7 ASP A H    9  
ATOM 952  H HA   . ASP A 1 7 ? -0.315 3.044  2.908   1.00 0.00 ? 7 ASP A HA   9  
ATOM 953  H HB2  . ASP A 1 7 ? 0.878  4.089  1.067   1.00 0.00 ? 7 ASP A HB2  9  
ATOM 954  H HB3  . ASP A 1 7 ? 1.997  3.030  1.902   1.00 0.00 ? 7 ASP A HB3  9  
ATOM 955  N N    . GLY A 1 1 ? -1.519 1.255  0.570   1.00 0.00 ? 1 GLY A N    10 
ATOM 956  C CA   . GLY A 1 1 ? -2.688 1.042  -0.231  1.00 0.00 ? 1 GLY A CA   10 
ATOM 957  C C    . GLY A 1 1 ? -2.389 0.976  -1.714  1.00 0.00 ? 1 GLY A C    10 
ATOM 958  O O    . GLY A 1 1 ? -3.049 0.241  -2.447  1.00 0.00 ? 1 GLY A O    10 
ATOM 959  H H1   . GLY A 1 1 ? -0.833 0.551  0.605   1.00 0.00 ? 1 GLY A H1   10 
ATOM 960  H HA2  . GLY A 1 1 ? -3.152 0.116  0.073   1.00 0.00 ? 1 GLY A HA2  10 
ATOM 961  H HA3  . GLY A 1 1 ? -3.381 1.851  -0.053  1.00 0.00 ? 1 GLY A HA3  10 
ATOM 962  N N    . TYR A 1 2 ? -1.382 1.688  -2.153  1.00 0.00 ? 2 TYR A N    10 
ATOM 963  C CA   . TYR A 1 2 ? -1.093 1.806  -3.566  1.00 0.00 ? 2 TYR A CA   10 
ATOM 964  C C    . TYR A 1 2 ? 0.045  0.875  -3.962  1.00 0.00 ? 2 TYR A C    10 
ATOM 965  O O    . TYR A 1 2 ? -0.114 0.036  -4.850  1.00 0.00 ? 2 TYR A O    10 
ATOM 966  C CB   . TYR A 1 2 ? -0.760 3.268  -3.890  1.00 0.00 ? 2 TYR A CB   10 
ATOM 967  C CG   . TYR A 1 2 ? -0.688 3.630  -5.362  1.00 0.00 ? 2 TYR A CG   10 
ATOM 968  C CD1  . TYR A 1 2 ? -1.845 3.751  -6.117  1.00 0.00 ? 2 TYR A CD1  10 
ATOM 969  C CD2  . TYR A 1 2 ? 0.525  3.895  -5.981  1.00 0.00 ? 2 TYR A CD2  10 
ATOM 970  C CE1  . TYR A 1 2 ? -1.797 4.119  -7.447  1.00 0.00 ? 2 TYR A CE1  10 
ATOM 971  C CE2  . TYR A 1 2 ? 0.581  4.259  -7.312  1.00 0.00 ? 2 TYR A CE2  10 
ATOM 972  C CZ   . TYR A 1 2 ? -0.582 4.371  -8.040  1.00 0.00 ? 2 TYR A CZ   10 
ATOM 973  O OH   . TYR A 1 2 ? -0.531 4.746  -9.374  1.00 0.00 ? 2 TYR A OH   10 
ATOM 974  H H    . TYR A 1 2 ? -0.775 2.145  -1.524  1.00 0.00 ? 2 TYR A H    10 
ATOM 975  H HA   . TYR A 1 2 ? -1.980 1.526  -4.113  1.00 0.00 ? 2 TYR A HA   10 
ATOM 976  H HB2  . TYR A 1 2 ? -1.525 3.891  -3.455  1.00 0.00 ? 2 TYR A HB2  10 
ATOM 977  H HB3  . TYR A 1 2 ? 0.189  3.514  -3.436  1.00 0.00 ? 2 TYR A HB3  10 
ATOM 978  H HD1  . TYR A 1 2 ? -2.796 3.550  -5.649  1.00 0.00 ? 2 TYR A HD1  10 
ATOM 979  H HD2  . TYR A 1 2 ? 1.439  3.807  -5.410  1.00 0.00 ? 2 TYR A HD2  10 
ATOM 980  H HE1  . TYR A 1 2 ? -2.710 4.207  -8.017  1.00 0.00 ? 2 TYR A HE1  10 
ATOM 981  H HE2  . TYR A 1 2 ? 1.533  4.457  -7.781  1.00 0.00 ? 2 TYR A HE2  10 
ATOM 982  H HH   . TYR A 1 2 ? -1.247 5.380  -9.519  1.00 0.00 ? 2 TYR A HH   10 
ATOM 983  N N    . ILE A 1 3 ? 1.182  0.994  -3.297  1.00 0.00 ? 3 ILE A N    10 
ATOM 984  C CA   . ILE A 1 3 ? 2.329  0.155  -3.652  1.00 0.00 ? 3 ILE A CA   10 
ATOM 985  C C    . ILE A 1 3 ? 2.401  -1.052 -2.722  1.00 0.00 ? 3 ILE A C    10 
ATOM 986  O O    . ILE A 1 3 ? 2.626  -2.190 -3.151  1.00 0.00 ? 3 ILE A O    10 
ATOM 987  C CB   . ILE A 1 3 ? 3.674  0.937  -3.534  1.00 0.00 ? 3 ILE A CB   10 
ATOM 988  C CG1  . ILE A 1 3 ? 3.645  2.210  -4.391  1.00 0.00 ? 3 ILE A CG1  10 
ATOM 989  C CG2  . ILE A 1 3 ? 4.858  0.047  -3.936  1.00 0.00 ? 3 ILE A CG2  10 
ATOM 990  C CD1  . ILE A 1 3 ? 4.913  3.040  -4.296  1.00 0.00 ? 3 ILE A CD1  10 
ATOM 991  H H    . ILE A 1 3 ? 1.237  1.644  -2.556  1.00 0.00 ? 3 ILE A H    10 
ATOM 992  H HA   . ILE A 1 3 ? 2.208  -0.180 -4.670  1.00 0.00 ? 3 ILE A HA   10 
ATOM 993  H HB   . ILE A 1 3 ? 3.804  1.214  -2.498  1.00 0.00 ? 3 ILE A HB   10 
ATOM 994  H HG12 . ILE A 1 3 ? 3.505  1.938  -5.427  1.00 0.00 ? 3 ILE A HG12 10 
ATOM 995  H HG13 . ILE A 1 3 ? 2.819  2.826  -4.070  1.00 0.00 ? 3 ILE A HG13 10 
ATOM 996  H HG21 . ILE A 1 3 ? 4.736  -0.273 -4.961  1.00 0.00 ? 3 ILE A HG21 10 
ATOM 997  H HG22 . ILE A 1 3 ? 4.893  -0.818 -3.292  1.00 0.00 ? 3 ILE A HG22 10 
ATOM 998  H HG23 . ILE A 1 3 ? 5.776  0.606  -3.840  1.00 0.00 ? 3 ILE A HG23 10 
ATOM 999  H HD11 . ILE A 1 3 ? 5.075  3.339  -3.272  1.00 0.00 ? 3 ILE A HD11 10 
ATOM 1000 H HD12 . ILE A 1 3 ? 4.821  3.920  -4.913  1.00 0.00 ? 3 ILE A HD12 10 
ATOM 1001 H HD13 . ILE A 1 3 ? 5.753  2.451  -4.634  1.00 0.00 ? 3 ILE A HD13 10 
ATOM 1002 N N    . THR A 1 4 ? 2.149  -0.806 -1.480  1.00 0.00 ? 4 THR A N    10 
ATOM 1003 C CA   . THR A 1 4 ? 2.205  -1.801 -0.456  1.00 0.00 ? 4 THR A CA   10 
ATOM 1004 C C    . THR A 1 4 ? 0.875  -1.748 0.292   1.00 0.00 ? 4 THR A C    10 
ATOM 1005 O O    . THR A 1 4 ? 0.330  -0.672 0.443   1.00 0.00 ? 4 THR A O    10 
ATOM 1006 C CB   . THR A 1 4 ? 3.376  -1.441 0.501   1.00 0.00 ? 4 THR A CB   10 
ATOM 1007 O OG1  . THR A 1 4 ? 4.576  -1.258 -0.272  1.00 0.00 ? 4 THR A OG1  10 
ATOM 1008 C CG2  . THR A 1 4 ? 3.618  -2.519 1.556   1.00 0.00 ? 4 THR A CG2  10 
ATOM 1009 H H    . THR A 1 4 ? 1.928  0.111  -1.191  1.00 0.00 ? 4 THR A H    10 
ATOM 1010 H HA   . THR A 1 4 ? 2.379  -2.772 -0.892  1.00 0.00 ? 4 THR A HA   10 
ATOM 1011 H HB   . THR A 1 4 ? 3.135  -0.506 0.987   1.00 0.00 ? 4 THR A HB   10 
ATOM 1012 H HG1  . THR A 1 4 ? 4.516  -0.367 -0.633  1.00 0.00 ? 4 THR A HG1  10 
ATOM 1013 H HG21 . THR A 1 4 ? 4.447  -2.230 2.184   1.00 0.00 ? 4 THR A HG21 10 
ATOM 1014 H HG22 . THR A 1 4 ? 3.841  -3.458 1.071   1.00 0.00 ? 4 THR A HG22 10 
ATOM 1015 H HG23 . THR A 1 4 ? 2.731  -2.633 2.161   1.00 0.00 ? 4 THR A HG23 10 
ATOM 1016 N N    . PRO A 1 5 ? 0.303  -2.897 0.740   1.00 0.00 ? 5 PRO A N    10 
ATOM 1017 C CA   . PRO A 1 5 ? -0.978 -2.921 1.500   1.00 0.00 ? 5 PRO A CA   10 
ATOM 1018 C C    . PRO A 1 5 ? -0.979 -1.989 2.735   1.00 0.00 ? 5 PRO A C    10 
ATOM 1019 O O    . PRO A 1 5 ? -2.031 -1.629 3.257   1.00 0.00 ? 5 PRO A O    10 
ATOM 1020 C CB   . PRO A 1 5 ? -1.099 -4.381 1.932   1.00 0.00 ? 5 PRO A CB   10 
ATOM 1021 C CG   . PRO A 1 5 ? -0.366 -5.132 0.879   1.00 0.00 ? 5 PRO A CG   10 
ATOM 1022 C CD   . PRO A 1 5 ? 0.809  -4.272 0.510   1.00 0.00 ? 5 PRO A CD   10 
ATOM 1023 H HA   . PRO A 1 5 ? -1.809 -2.658 0.861   1.00 0.00 ? 5 PRO A HA   10 
ATOM 1024 H HB2  . PRO A 1 5 ? -0.644 -4.505 2.903   1.00 0.00 ? 5 PRO A HB2  10 
ATOM 1025 H HB3  . PRO A 1 5 ? -2.139 -4.670 1.972   1.00 0.00 ? 5 PRO A HB3  10 
ATOM 1026 H HG2  . PRO A 1 5 ? -0.035 -6.084 1.266   1.00 0.00 ? 5 PRO A HG2  10 
ATOM 1027 H HG3  . PRO A 1 5 ? -1.005 -5.278 0.022   1.00 0.00 ? 5 PRO A HG3  10 
ATOM 1028 H HD2  . PRO A 1 5 ? 1.654  -4.488 1.148   1.00 0.00 ? 5 PRO A HD2  10 
ATOM 1029 H HD3  . PRO A 1 5 ? 1.070  -4.417 -0.527  1.00 0.00 ? 5 PRO A HD3  10 
ATOM 1030 N N    . LEU A 1 6 ? 0.202  -1.599 3.184   1.00 0.00 ? 6 LEU A N    10 
ATOM 1031 C CA   . LEU A 1 6 ? 0.342  -0.684 4.306   1.00 0.00 ? 6 LEU A CA   10 
ATOM 1032 C C    . LEU A 1 6 ? -0.004 0.760  3.890   1.00 0.00 ? 6 LEU A C    10 
ATOM 1033 O O    . LEU A 1 6 ? -0.489 1.543  4.699   1.00 0.00 ? 6 LEU A O    10 
ATOM 1034 C CB   . LEU A 1 6 ? 1.768  -0.747 4.860   1.00 0.00 ? 6 LEU A CB   10 
ATOM 1035 C CG   . LEU A 1 6 ? 2.226  -2.116 5.379   1.00 0.00 ? 6 LEU A CG   10 
ATOM 1036 C CD1  . LEU A 1 6 ? 3.678  -2.063 5.817   1.00 0.00 ? 6 LEU A CD1  10 
ATOM 1037 C CD2  . LEU A 1 6 ? 1.343  -2.585 6.531   1.00 0.00 ? 6 LEU A CD2  10 
ATOM 1038 H H    . LEU A 1 6 ? 0.996  -1.963 2.743   1.00 0.00 ? 6 LEU A H    10 
ATOM 1039 H HA   . LEU A 1 6 ? -0.344 -1.002 5.076   1.00 0.00 ? 6 LEU A HA   10 
ATOM 1040 H HB2  . LEU A 1 6 ? 2.443  -0.441 4.076   1.00 0.00 ? 6 LEU A HB2  10 
ATOM 1041 H HB3  . LEU A 1 6 ? 1.845  -0.039 5.671   1.00 0.00 ? 6 LEU A HB3  10 
ATOM 1042 H HG   . LEU A 1 6 ? 2.140  -2.832 4.574   1.00 0.00 ? 6 LEU A HG   10 
ATOM 1043 H HD11 . LEU A 1 6 ? 3.981  -3.034 6.179   1.00 0.00 ? 6 LEU A HD11 10 
ATOM 1044 H HD12 . LEU A 1 6 ? 3.791  -1.335 6.605   1.00 0.00 ? 6 LEU A HD12 10 
ATOM 1045 H HD13 . LEU A 1 6 ? 4.298  -1.784 4.977   1.00 0.00 ? 6 LEU A HD13 10 
ATOM 1046 H HD21 . LEU A 1 6 ? 1.379  -1.859 7.331   1.00 0.00 ? 6 LEU A HD21 10 
ATOM 1047 H HD22 . LEU A 1 6 ? 1.705  -3.535 6.894   1.00 0.00 ? 6 LEU A HD22 10 
ATOM 1048 H HD23 . LEU A 1 6 ? 0.325  -2.697 6.189   1.00 0.00 ? 6 LEU A HD23 10 
ATOM 1049 N N    . ASP A 1 7 ? 0.219  1.086  2.622   1.00 0.00 ? 7 ASP A N    10 
ATOM 1050 C CA   . ASP A 1 7 ? -0.088 2.429  2.108   1.00 0.00 ? 7 ASP A CA   10 
ATOM 1051 C C    . ASP A 1 7 ? -1.329 2.379  1.224   1.00 0.00 ? 7 ASP A C    10 
ATOM 1052 O O    . ASP A 1 7 ? -2.090 3.347  1.132   1.00 0.00 ? 7 ASP A O    10 
ATOM 1053 C CB   . ASP A 1 7 ? 1.107  3.062  1.335   1.00 0.00 ? 7 ASP A CB   10 
ATOM 1054 C CG   . ASP A 1 7 ? 1.453  2.381  0.014   1.00 0.00 ? 7 ASP A CG   10 
ATOM 1055 O OD1  . ASP A 1 7 ? 0.830  2.694  -1.013  1.00 0.00 ? 7 ASP A OD1  10 
ATOM 1056 O OD2  . ASP A 1 7 ? 2.376  1.555  -0.024  1.00 0.00 ? 7 ASP A OD2  10 
ATOM 1057 H H    . ASP A 1 7 ? 0.590  0.419  2.005   1.00 0.00 ? 7 ASP A H    10 
ATOM 1058 H HA   . ASP A 1 7 ? -0.321 3.042  2.965   1.00 0.00 ? 7 ASP A HA   10 
ATOM 1059 H HB2  . ASP A 1 7 ? 0.873  4.093  1.121   1.00 0.00 ? 7 ASP A HB2  10 
ATOM 1060 H HB3  . ASP A 1 7 ? 1.978  3.033  1.973   1.00 0.00 ? 7 ASP A HB3  10 
ATOM 1061 N N    . GLY A 1 1 ? -1.527 1.242  0.639   1.00 0.00 ? 1 GLY A N    11 
ATOM 1062 C CA   . GLY A 1 1 ? -2.706 1.045  -0.142  1.00 0.00 ? 1 GLY A CA   11 
ATOM 1063 C C    . GLY A 1 1 ? -2.442 1.009  -1.626  1.00 0.00 ? 1 GLY A C    11 
ATOM 1064 O O    . GLY A 1 1 ? -3.174 0.350  -2.369  1.00 0.00 ? 1 GLY A O    11 
ATOM 1065 H H1   . GLY A 1 1 ? -0.904 0.493  0.766   1.00 0.00 ? 1 GLY A H1   11 
ATOM 1066 H HA2  . GLY A 1 1 ? -3.160 0.110  0.153   1.00 0.00 ? 1 GLY A HA2  11 
ATOM 1067 H HA3  . GLY A 1 1 ? -3.397 1.848  0.070   1.00 0.00 ? 1 GLY A HA3  11 
ATOM 1068 N N    . TYR A 1 2 ? -1.396 1.674  -2.068  1.00 0.00 ? 2 TYR A N    11 
ATOM 1069 C CA   . TYR A 1 2 ? -1.128 1.778  -3.484  1.00 0.00 ? 2 TYR A CA   11 
ATOM 1070 C C    . TYR A 1 2 ? 0.013  0.859  -3.909  1.00 0.00 ? 2 TYR A C    11 
ATOM 1071 O O    . TYR A 1 2 ? -0.147 0.053  -4.822  1.00 0.00 ? 2 TYR A O    11 
ATOM 1072 C CB   . TYR A 1 2 ? -0.845 3.237  -3.865  1.00 0.00 ? 2 TYR A CB   11 
ATOM 1073 C CG   . TYR A 1 2 ? -0.729 3.496  -5.350  1.00 0.00 ? 2 TYR A CG   11 
ATOM 1074 C CD1  . TYR A 1 2 ? -1.856 3.494  -6.155  1.00 0.00 ? 2 TYR A CD1  11 
ATOM 1075 C CD2  . TYR A 1 2 ? 0.497  3.762  -5.941  1.00 0.00 ? 2 TYR A CD2  11 
ATOM 1076 C CE1  . TYR A 1 2 ? -1.764 3.745  -7.505  1.00 0.00 ? 2 TYR A CE1  11 
ATOM 1077 C CE2  . TYR A 1 2 ? 0.599  4.013  -7.292  1.00 0.00 ? 2 TYR A CE2  11 
ATOM 1078 C CZ   . TYR A 1 2 ? -0.535 4.002  -8.070  1.00 0.00 ? 2 TYR A CZ   11 
ATOM 1079 O OH   . TYR A 1 2 ? -0.441 4.259  -9.421  1.00 0.00 ? 2 TYR A OH   11 
ATOM 1080 H H    . TYR A 1 2 ? -0.771 2.110  -1.445  1.00 0.00 ? 2 TYR A H    11 
ATOM 1081 H HA   . TYR A 1 2 ? -2.023 1.463  -4.000  1.00 0.00 ? 2 TYR A HA   11 
ATOM 1082 H HB2  . TYR A 1 2 ? -1.643 3.857  -3.489  1.00 0.00 ? 2 TYR A HB2  11 
ATOM 1083 H HB3  . TYR A 1 2 ? 0.082  3.539  -3.398  1.00 0.00 ? 2 TYR A HB3  11 
ATOM 1084 H HD1  . TYR A 1 2 ? -2.816 3.287  -5.708  1.00 0.00 ? 2 TYR A HD1  11 
ATOM 1085 H HD2  . TYR A 1 2 ? 1.387  3.773  -5.329  1.00 0.00 ? 2 TYR A HD2  11 
ATOM 1086 H HE1  . TYR A 1 2 ? -2.658 3.738  -8.112  1.00 0.00 ? 2 TYR A HE1  11 
ATOM 1087 H HE2  . TYR A 1 2 ? 1.562  4.215  -7.734  1.00 0.00 ? 2 TYR A HE2  11 
ATOM 1088 H HH   . TYR A 1 2 ? 0.332  3.787  -9.757  1.00 0.00 ? 2 TYR A HH   11 
ATOM 1089 N N    . ILE A 1 3 ? 1.160  0.963  -3.263  1.00 0.00 ? 3 ILE A N    11 
ATOM 1090 C CA   . ILE A 1 3 ? 2.292  0.115  -3.648  1.00 0.00 ? 3 ILE A CA   11 
ATOM 1091 C C    . ILE A 1 3 ? 2.412  -1.065 -2.695  1.00 0.00 ? 3 ILE A C    11 
ATOM 1092 O O    . ILE A 1 3 ? 2.625  -2.207 -3.109  1.00 0.00 ? 3 ILE A O    11 
ATOM 1093 C CB   . ILE A 1 3 ? 3.637  0.913  -3.686  1.00 0.00 ? 3 ILE A CB   11 
ATOM 1094 C CG1  . ILE A 1 3 ? 3.527  2.078  -4.684  1.00 0.00 ? 3 ILE A CG1  11 
ATOM 1095 C CG2  . ILE A 1 3 ? 4.810  -0.003 -4.058  1.00 0.00 ? 3 ILE A CG2  11 
ATOM 1096 C CD1  . ILE A 1 3 ? 4.779  2.929  -4.805  1.00 0.00 ? 3 ILE A CD1  11 
ATOM 1097 H H    . ILE A 1 3 ? 1.237  1.605  -2.517  1.00 0.00 ? 3 ILE A H    11 
ATOM 1098 H HA   . ILE A 1 3 ? 2.084  -0.267 -4.636  1.00 0.00 ? 3 ILE A HA   11 
ATOM 1099 H HB   . ILE A 1 3 ? 3.820  1.315  -2.701  1.00 0.00 ? 3 ILE A HB   11 
ATOM 1100 H HG12 . ILE A 1 3 ? 3.293  1.690  -5.665  1.00 0.00 ? 3 ILE A HG12 11 
ATOM 1101 H HG13 . ILE A 1 3 ? 2.723  2.717  -4.354  1.00 0.00 ? 3 ILE A HG13 11 
ATOM 1102 H HG21 . ILE A 1 3 ? 5.723  0.573  -4.081  1.00 0.00 ? 3 ILE A HG21 11 
ATOM 1103 H HG22 . ILE A 1 3 ? 4.633  -0.438 -5.032  1.00 0.00 ? 3 ILE A HG22 11 
ATOM 1104 H HG23 . ILE A 1 3 ? 4.897  -0.790 -3.324  1.00 0.00 ? 3 ILE A HG23 11 
ATOM 1105 H HD11 . ILE A 1 3 ? 4.609  3.717  -5.523  1.00 0.00 ? 3 ILE A HD11 11 
ATOM 1106 H HD12 . ILE A 1 3 ? 5.602  2.313  -5.136  1.00 0.00 ? 3 ILE A HD12 11 
ATOM 1107 H HD13 . ILE A 1 3 ? 5.017  3.361  -3.846  1.00 0.00 ? 3 ILE A HD13 11 
ATOM 1108 N N    . THR A 1 4 ? 2.220  -0.806 -1.455  1.00 0.00 ? 4 THR A N    11 
ATOM 1109 C CA   . THR A 1 4 ? 2.260  -1.804 -0.440  1.00 0.00 ? 4 THR A CA   11 
ATOM 1110 C C    . THR A 1 4 ? 0.926  -1.765 0.268   1.00 0.00 ? 4 THR A C    11 
ATOM 1111 O O    . THR A 1 4 ? 0.339  -0.695 0.356   1.00 0.00 ? 4 THR A O    11 
ATOM 1112 C CB   . THR A 1 4 ? 3.412  -1.554 0.582   1.00 0.00 ? 4 THR A CB   11 
ATOM 1113 O OG1  . THR A 1 4 ? 3.254  -0.276 1.218   1.00 0.00 ? 4 THR A OG1  11 
ATOM 1114 C CG2  . THR A 1 4 ? 4.771  -1.610 -0.098  1.00 0.00 ? 4 THR A CG2  11 
ATOM 1115 H H    . THR A 1 4 ? 2.039  0.122  -1.164  1.00 0.00 ? 4 THR A H    11 
ATOM 1116 H HA   . THR A 1 4 ? 2.396  -2.766 -0.915  1.00 0.00 ? 4 THR A HA   11 
ATOM 1117 H HB   . THR A 1 4 ? 3.367  -2.323 1.338   1.00 0.00 ? 4 THR A HB   11 
ATOM 1118 H HG1  . THR A 1 4 ? 2.950  0.379  0.564   1.00 0.00 ? 4 THR A HG1  11 
ATOM 1119 H HG21 . THR A 1 4 ? 4.821  -0.848 -0.862  1.00 0.00 ? 4 THR A HG21 11 
ATOM 1120 H HG22 . THR A 1 4 ? 4.906  -2.580 -0.553  1.00 0.00 ? 4 THR A HG22 11 
ATOM 1121 H HG23 . THR A 1 4 ? 5.548  -1.441 0.632   1.00 0.00 ? 4 THR A HG23 11 
ATOM 1122 N N    . PRO A 1 5 ? 0.381  -2.904 0.708   1.00 0.00 ? 5 PRO A N    11 
ATOM 1123 C CA   . PRO A 1 5 ? -0.906 -2.949 1.431   1.00 0.00 ? 5 PRO A CA   11 
ATOM 1124 C C    . PRO A 1 5 ? -0.994 -1.922 2.572   1.00 0.00 ? 5 PRO A C    11 
ATOM 1125 O O    . PRO A 1 5 ? -2.060 -1.398 2.856   1.00 0.00 ? 5 PRO A O    11 
ATOM 1126 C CB   . PRO A 1 5 ? -0.940 -4.363 1.993   1.00 0.00 ? 5 PRO A CB   11 
ATOM 1127 C CG   . PRO A 1 5 ? -0.160 -5.160 1.015   1.00 0.00 ? 5 PRO A CG   11 
ATOM 1128 C CD   . PRO A 1 5 ? 0.941  -4.259 0.524   1.00 0.00 ? 5 PRO A CD   11 
ATOM 1129 H HA   . PRO A 1 5 ? -1.739 -2.802 0.760   1.00 0.00 ? 5 PRO A HA   11 
ATOM 1130 H HB2  . PRO A 1 5 ? -0.482 -4.369 2.973   1.00 0.00 ? 5 PRO A HB2  11 
ATOM 1131 H HB3  . PRO A 1 5 ? -1.961 -4.708 2.063   1.00 0.00 ? 5 PRO A HB3  11 
ATOM 1132 H HG2  . PRO A 1 5 ? 0.252  -6.032 1.501   1.00 0.00 ? 5 PRO A HG2  11 
ATOM 1133 H HG3  . PRO A 1 5 ? -0.795 -5.456 0.193   1.00 0.00 ? 5 PRO A HG3  11 
ATOM 1134 H HD2  . PRO A 1 5 ? 1.835  -4.392 1.113   1.00 0.00 ? 5 PRO A HD2  11 
ATOM 1135 H HD3  . PRO A 1 5 ? 1.143  -4.452 -0.520  1.00 0.00 ? 5 PRO A HD3  11 
ATOM 1136 N N    . LEU A 1 6 ? 0.144  -1.603 3.173   1.00 0.00 ? 6 LEU A N    11 
ATOM 1137 C CA   . LEU A 1 6 ? 0.179  -0.664 4.279   1.00 0.00 ? 6 LEU A CA   11 
ATOM 1138 C C    . LEU A 1 6 ? -0.098 0.780  3.815   1.00 0.00 ? 6 LEU A C    11 
ATOM 1139 O O    . LEU A 1 6 ? -0.670 1.573  4.560   1.00 0.00 ? 6 LEU A O    11 
ATOM 1140 C CB   . LEU A 1 6 ? 1.526  -0.743 4.990   1.00 0.00 ? 6 LEU A CB   11 
ATOM 1141 C CG   . LEU A 1 6 ? 1.904  -2.111 5.571   1.00 0.00 ? 6 LEU A CG   11 
ATOM 1142 C CD1  . LEU A 1 6 ? 3.292  -2.064 6.181   1.00 0.00 ? 6 LEU A CD1  11 
ATOM 1143 C CD2  . LEU A 1 6 ? 0.888  -2.564 6.612   1.00 0.00 ? 6 LEU A CD2  11 
ATOM 1144 H H    . LEU A 1 6 ? 0.973  -2.023 2.864   1.00 0.00 ? 6 LEU A H    11 
ATOM 1145 H HA   . LEU A 1 6 ? -0.592 -0.957 4.974   1.00 0.00 ? 6 LEU A HA   11 
ATOM 1146 H HB2  . LEU A 1 6 ? 2.290  -0.457 4.282   1.00 0.00 ? 6 LEU A HB2  11 
ATOM 1147 H HB3  . LEU A 1 6 ? 1.523  -0.026 5.798   1.00 0.00 ? 6 LEU A HB3  11 
ATOM 1148 H HG   . LEU A 1 6 ? 1.908  -2.828 4.764   1.00 0.00 ? 6 LEU A HG   11 
ATOM 1149 H HD11 . LEU A 1 6 ? 3.312  -1.335 6.978   1.00 0.00 ? 6 LEU A HD11 11 
ATOM 1150 H HD12 . LEU A 1 6 ? 4.009  -1.787 5.423   1.00 0.00 ? 6 LEU A HD12 11 
ATOM 1151 H HD13 . LEU A 1 6 ? 3.545  -3.035 6.578   1.00 0.00 ? 6 LEU A HD13 11 
ATOM 1152 H HD21 . LEU A 1 6 ? 0.835  -1.836 7.407   1.00 0.00 ? 6 LEU A HD21 11 
ATOM 1153 H HD22 . LEU A 1 6 ? 1.196  -3.516 7.018   1.00 0.00 ? 6 LEU A HD22 11 
ATOM 1154 H HD23 . LEU A 1 6 ? -0.083 -2.670 6.151   1.00 0.00 ? 6 LEU A HD23 11 
ATOM 1155 N N    . ASP A 1 7 ? 0.264  1.105  2.574   1.00 0.00 ? 7 ASP A N    11 
ATOM 1156 C CA   . ASP A 1 7 ? -0.009 2.451  2.043   1.00 0.00 ? 7 ASP A CA   11 
ATOM 1157 C C    . ASP A 1 7 ? -1.241 2.408  1.164   1.00 0.00 ? 7 ASP A C    11 
ATOM 1158 O O    . ASP A 1 7 ? -1.902 3.412  0.946   1.00 0.00 ? 7 ASP A O    11 
ATOM 1159 C CB   . ASP A 1 7 ? 1.183  3.060  1.258   1.00 0.00 ? 7 ASP A CB   11 
ATOM 1160 C CG   . ASP A 1 7 ? 1.406  2.474  -0.121  1.00 0.00 ? 7 ASP A CG   11 
ATOM 1161 O OD1  . ASP A 1 7 ? 0.839  2.982  -1.102  1.00 0.00 ? 7 ASP A OD1  11 
ATOM 1162 O OD2  . ASP A 1 7 ? 2.156  1.530  -0.256  1.00 0.00 ? 7 ASP A OD2  11 
ATOM 1163 H H    . ASP A 1 7 ? 0.713  0.438  2.011   1.00 0.00 ? 7 ASP A H    11 
ATOM 1164 H HA   . ASP A 1 7 ? -0.237 3.077  2.894   1.00 0.00 ? 7 ASP A HA   11 
ATOM 1165 H HB2  . ASP A 1 7 ? 1.006  4.117  1.129   1.00 0.00 ? 7 ASP A HB2  11 
ATOM 1166 H HB3  . ASP A 1 7 ? 2.085  2.925  1.837   1.00 0.00 ? 7 ASP A HB3  11 
ATOM 1167 N N    . GLY A 1 1 ? -1.501 1.266  0.610   1.00 0.00 ? 1 GLY A N    12 
ATOM 1168 C CA   . GLY A 1 1 ? -2.714 1.076  -0.134  1.00 0.00 ? 1 GLY A CA   12 
ATOM 1169 C C    . GLY A 1 1 ? -2.521 1.045  -1.634  1.00 0.00 ? 1 GLY A C    12 
ATOM 1170 O O    . GLY A 1 1 ? -3.420 0.631  -2.365  1.00 0.00 ? 1 GLY A O    12 
ATOM 1171 H H1   . GLY A 1 1 ? -0.817 0.560  0.604   1.00 0.00 ? 1 GLY A H1   12 
ATOM 1172 H HA2  . GLY A 1 1 ? -3.169 0.147  0.175   1.00 0.00 ? 1 GLY A HA2  12 
ATOM 1173 H HA3  . GLY A 1 1 ? -3.382 1.887  0.111   1.00 0.00 ? 1 GLY A HA3  12 
ATOM 1174 N N    . TYR A 1 2 ? -1.372 1.458  -2.110  1.00 0.00 ? 2 TYR A N    12 
ATOM 1175 C CA   . TYR A 1 2 ? -1.160 1.521  -3.547  1.00 0.00 ? 2 TYR A CA   12 
ATOM 1176 C C    . TYR A 1 2 ? 0.074  0.735  -3.966  1.00 0.00 ? 2 TYR A C    12 
ATOM 1177 O O    . TYR A 1 2 ? 0.041  -0.038 -4.935  1.00 0.00 ? 2 TYR A O    12 
ATOM 1178 C CB   . TYR A 1 2 ? -1.048 2.986  -4.003  1.00 0.00 ? 2 TYR A CB   12 
ATOM 1179 C CG   . TYR A 1 2 ? -0.935 3.172  -5.505  1.00 0.00 ? 2 TYR A CG   12 
ATOM 1180 C CD1  . TYR A 1 2 ? -2.063 3.142  -6.305  1.00 0.00 ? 2 TYR A CD1  12 
ATOM 1181 C CD2  . TYR A 1 2 ? 0.295  3.389  -6.117  1.00 0.00 ? 2 TYR A CD2  12 
ATOM 1182 C CE1  . TYR A 1 2 ? -1.977 3.319  -7.670  1.00 0.00 ? 2 TYR A CE1  12 
ATOM 1183 C CE2  . TYR A 1 2 ? 0.389  3.567  -7.480  1.00 0.00 ? 2 TYR A CE2  12 
ATOM 1184 C CZ   . TYR A 1 2 ? -0.748 3.531  -8.253  1.00 0.00 ? 2 TYR A CZ   12 
ATOM 1185 O OH   . TYR A 1 2 ? -0.655 3.701  -9.626  1.00 0.00 ? 2 TYR A OH   12 
ATOM 1186 H H    . TYR A 1 2 ? -0.643 1.719  -1.497  1.00 0.00 ? 2 TYR A H    12 
ATOM 1187 H HA   . TYR A 1 2 ? -2.024 1.083  -4.024  1.00 0.00 ? 2 TYR A HA   12 
ATOM 1188 H HB2  . TYR A 1 2 ? -1.921 3.526  -3.669  1.00 0.00 ? 2 TYR A HB2  12 
ATOM 1189 H HB3  . TYR A 1 2 ? -0.171 3.421  -3.547  1.00 0.00 ? 2 TYR A HB3  12 
ATOM 1190 H HD1  . TYR A 1 2 ? -3.026 2.973  -5.845  1.00 0.00 ? 2 TYR A HD1  12 
ATOM 1191 H HD2  . TYR A 1 2 ? 1.187  3.417  -5.509  1.00 0.00 ? 2 TYR A HD2  12 
ATOM 1192 H HE1  . TYR A 1 2 ? -2.873 3.290  -8.270  1.00 0.00 ? 2 TYR A HE1  12 
ATOM 1193 H HE2  . TYR A 1 2 ? 1.355  3.733  -7.936  1.00 0.00 ? 2 TYR A HE2  12 
ATOM 1194 H HH   . TYR A 1 2 ? 0.031  3.084  -9.916  1.00 0.00 ? 2 TYR A HH   12 
ATOM 1195 N N    . ILE A 1 3 ? 1.148  0.933  -3.257  1.00 0.00 ? 3 ILE A N    12 
ATOM 1196 C CA   . ILE A 1 3 ? 2.404  0.296  -3.583  1.00 0.00 ? 3 ILE A CA   12 
ATOM 1197 C C    . ILE A 1 3 ? 2.564  -0.937 -2.713  1.00 0.00 ? 3 ILE A C    12 
ATOM 1198 O O    . ILE A 1 3 ? 3.009  -2.001 -3.164  1.00 0.00 ? 3 ILE A O    12 
ATOM 1199 C CB   . ILE A 1 3 ? 3.577  1.270  -3.312  1.00 0.00 ? 3 ILE A CB   12 
ATOM 1200 C CG1  . ILE A 1 3 ? 3.367  2.584  -4.087  1.00 0.00 ? 3 ILE A CG1  12 
ATOM 1201 C CG2  . ILE A 1 3 ? 4.913  0.632  -3.679  1.00 0.00 ? 3 ILE A CG2  12 
ATOM 1202 C CD1  . ILE A 1 3 ? 4.426  3.637  -3.833  1.00 0.00 ? 3 ILE A CD1  12 
ATOM 1203 H H    . ILE A 1 3 ? 1.104  1.519  -2.463  1.00 0.00 ? 3 ILE A H    12 
ATOM 1204 H HA   . ILE A 1 3 ? 2.404  0.020  -4.627  1.00 0.00 ? 3 ILE A HA   12 
ATOM 1205 H HB   . ILE A 1 3 ? 3.584  1.491  -2.256  1.00 0.00 ? 3 ILE A HB   12 
ATOM 1206 H HG12 . ILE A 1 3 ? 3.360  2.373  -5.147  1.00 0.00 ? 3 ILE A HG12 12 
ATOM 1207 H HG13 . ILE A 1 3 ? 2.412  2.998  -3.805  1.00 0.00 ? 3 ILE A HG13 12 
ATOM 1208 H HG21 . ILE A 1 3 ? 5.710  1.332  -3.480  1.00 0.00 ? 3 ILE A HG21 12 
ATOM 1209 H HG22 . ILE A 1 3 ? 4.912  0.374  -4.728  1.00 0.00 ? 3 ILE A HG22 12 
ATOM 1210 H HG23 . ILE A 1 3 ? 5.060  -0.261 -3.089  1.00 0.00 ? 3 ILE A HG23 12 
ATOM 1211 H HD11 . ILE A 1 3 ? 5.391  3.250  -4.125  1.00 0.00 ? 3 ILE A HD11 12 
ATOM 1212 H HD12 . ILE A 1 3 ? 4.439  3.887  -2.782  1.00 0.00 ? 3 ILE A HD12 12 
ATOM 1213 H HD13 . ILE A 1 3 ? 4.201  4.520  -4.411  1.00 0.00 ? 3 ILE A HD13 12 
ATOM 1214 N N    . THR A 1 4 ? 2.177  -0.780 -1.490  1.00 0.00 ? 4 THR A N    12 
ATOM 1215 C CA   . THR A 1 4 ? 2.208  -1.812 -0.506  1.00 0.00 ? 4 THR A CA   12 
ATOM 1216 C C    . THR A 1 4 ? 0.874  -1.706 0.232   1.00 0.00 ? 4 THR A C    12 
ATOM 1217 O O    . THR A 1 4 ? 0.398  -0.600 0.404   1.00 0.00 ? 4 THR A O    12 
ATOM 1218 C CB   . THR A 1 4 ? 3.358  -1.511 0.490   1.00 0.00 ? 4 THR A CB   12 
ATOM 1219 O OG1  . THR A 1 4 ? 4.568  -1.209 -0.227  1.00 0.00 ? 4 THR A OG1  12 
ATOM 1220 C CG2  . THR A 1 4 ? 3.615  -2.679 1.420   1.00 0.00 ? 4 THR A CG2  12 
ATOM 1221 H H    . THR A 1 4 ? 1.854  0.098  -1.186  1.00 0.00 ? 4 THR A H    12 
ATOM 1222 H HA   . THR A 1 4 ? 2.349  -2.779 -0.962  1.00 0.00 ? 4 THR A HA   12 
ATOM 1223 H HB   . THR A 1 4 ? 3.078  -0.647 1.076   1.00 0.00 ? 4 THR A HB   12 
ATOM 1224 H HG1  . THR A 1 4 ? 4.908  -0.409 0.198   1.00 0.00 ? 4 THR A HG1  12 
ATOM 1225 H HG21 . THR A 1 4 ? 3.873  -3.551 0.836   1.00 0.00 ? 4 THR A HG21 12 
ATOM 1226 H HG22 . THR A 1 4 ? 2.725  -2.876 1.998   1.00 0.00 ? 4 THR A HG22 12 
ATOM 1227 H HG23 . THR A 1 4 ? 4.431  -2.436 2.084   1.00 0.00 ? 4 THR A HG23 12 
ATOM 1228 N N    . PRO A 1 5 ? 0.223  -2.825 0.629   1.00 0.00 ? 5 PRO A N    12 
ATOM 1229 C CA   . PRO A 1 5 ? -1.048 -2.798 1.393   1.00 0.00 ? 5 PRO A CA   12 
ATOM 1230 C C    . PRO A 1 5 ? -1.035 -1.805 2.577   1.00 0.00 ? 5 PRO A C    12 
ATOM 1231 O O    . PRO A 1 5 ? -2.056 -1.192 2.888   1.00 0.00 ? 5 PRO A O    12 
ATOM 1232 C CB   . PRO A 1 5 ? -1.179 -4.227 1.899   1.00 0.00 ? 5 PRO A CB   12 
ATOM 1233 C CG   . PRO A 1 5 ? -0.520 -5.045 0.846   1.00 0.00 ? 5 PRO A CG   12 
ATOM 1234 C CD   . PRO A 1 5 ? 0.619  -4.210 0.306   1.00 0.00 ? 5 PRO A CD   12 
ATOM 1235 H HA   . PRO A 1 5 ? -1.882 -2.561 0.748   1.00 0.00 ? 5 PRO A HA   12 
ATOM 1236 H HB2  . PRO A 1 5 ? -0.683 -4.318 2.853   1.00 0.00 ? 5 PRO A HB2  12 
ATOM 1237 H HB3  . PRO A 1 5 ? -2.222 -4.485 2.002   1.00 0.00 ? 5 PRO A HB3  12 
ATOM 1238 H HG2  . PRO A 1 5 ? -0.143 -5.961 1.276   1.00 0.00 ? 5 PRO A HG2  12 
ATOM 1239 H HG3  . PRO A 1 5 ? -1.226 -5.264 0.060   1.00 0.00 ? 5 PRO A HG3  12 
ATOM 1240 H HD2  . PRO A 1 5 ? 1.549  -4.464 0.793   1.00 0.00 ? 5 PRO A HD2  12 
ATOM 1241 H HD3  . PRO A 1 5 ? 0.706  -4.341 -0.762  1.00 0.00 ? 5 PRO A HD3  12 
ATOM 1242 N N    . LEU A 1 6 ? 0.134  -1.635 3.202   1.00 0.00 ? 6 LEU A N    12 
ATOM 1243 C CA   . LEU A 1 6 ? 0.300  -0.694 4.317   1.00 0.00 ? 6 LEU A CA   12 
ATOM 1244 C C    . LEU A 1 6 ? 0.036  0.758  3.890   1.00 0.00 ? 6 LEU A C    12 
ATOM 1245 O O    . LEU A 1 6 ? -0.386 1.578  4.695   1.00 0.00 ? 6 LEU A O    12 
ATOM 1246 C CB   . LEU A 1 6 ? 1.697  -0.810 4.921   1.00 0.00 ? 6 LEU A CB   12 
ATOM 1247 C CG   . LEU A 1 6 ? 2.068  -2.169 5.507   1.00 0.00 ? 6 LEU A CG   12 
ATOM 1248 C CD1  . LEU A 1 6 ? 3.483  -2.143 6.041   1.00 0.00 ? 6 LEU A CD1  12 
ATOM 1249 C CD2  . LEU A 1 6 ? 1.096  -2.578 6.604   1.00 0.00 ? 6 LEU A CD2  12 
ATOM 1250 H H    . LEU A 1 6 ? 0.889  -2.191 2.915   1.00 0.00 ? 6 LEU A H    12 
ATOM 1251 H HA   . LEU A 1 6 ? -0.424 -0.965 5.071   1.00 0.00 ? 6 LEU A HA   12 
ATOM 1252 H HB2  . LEU A 1 6 ? 2.415  -0.571 4.151   1.00 0.00 ? 6 LEU A HB2  12 
ATOM 1253 H HB3  . LEU A 1 6 ? 1.783  -0.074 5.706   1.00 0.00 ? 6 LEU A HB3  12 
ATOM 1254 H HG   . LEU A 1 6 ? 2.012  -2.896 4.713   1.00 0.00 ? 6 LEU A HG   12 
ATOM 1255 H HD11 . LEU A 1 6 ? 4.164  -1.897 5.240   1.00 0.00 ? 6 LEU A HD11 12 
ATOM 1256 H HD12 . LEU A 1 6 ? 3.735  -3.113 6.442   1.00 0.00 ? 6 LEU A HD12 12 
ATOM 1257 H HD13 . LEU A 1 6 ? 3.560  -1.399 6.819   1.00 0.00 ? 6 LEU A HD13 12 
ATOM 1258 H HD21 . LEU A 1 6 ? 1.407  -3.522 7.027   1.00 0.00 ? 6 LEU A HD21 12 
ATOM 1259 H HD22 . LEU A 1 6 ? 0.107  -2.691 6.184   1.00 0.00 ? 6 LEU A HD22 12 
ATOM 1260 H HD23 . LEU A 1 6 ? 1.078  -1.825 7.377   1.00 0.00 ? 6 LEU A HD23 12 
ATOM 1261 N N    . ASP A 1 7 ? 0.287  1.068  2.633   1.00 0.00 ? 7 ASP A N    12 
ATOM 1262 C CA   . ASP A 1 7 ? -0.005 2.404  2.114   1.00 0.00 ? 7 ASP A CA   12 
ATOM 1263 C C    . ASP A 1 7 ? -1.270 2.376  1.280   1.00 0.00 ? 7 ASP A C    12 
ATOM 1264 O O    . ASP A 1 7 ? -2.032 3.344  1.261   1.00 0.00 ? 7 ASP A O    12 
ATOM 1265 C CB   . ASP A 1 7 ? 1.166  3.039  1.327   1.00 0.00 ? 7 ASP A CB   12 
ATOM 1266 C CG   . ASP A 1 7 ? 1.646  2.231  0.142   1.00 0.00 ? 7 ASP A CG   12 
ATOM 1267 O OD1  . ASP A 1 7 ? 0.978  2.236  -0.920  1.00 0.00 ? 7 ASP A OD1  12 
ATOM 1268 O OD2  . ASP A 1 7 ? 2.714  1.587  0.249   1.00 0.00 ? 7 ASP A OD2  12 
ATOM 1269 H H    . ASP A 1 7 ? 0.657  0.380  2.040   1.00 0.00 ? 7 ASP A H    12 
ATOM 1270 H HA   . ASP A 1 7 ? -0.221 3.013  2.980   1.00 0.00 ? 7 ASP A HA   12 
ATOM 1271 H HB2  . ASP A 1 7 ? 0.843  4.001  0.957   1.00 0.00 ? 7 ASP A HB2  12 
ATOM 1272 H HB3  . ASP A 1 7 ? 1.995  3.198  1.999   1.00 0.00 ? 7 ASP A HB3  12 
ATOM 1273 N N    . GLY A 1 1 ? -1.495 1.248  0.686   1.00 0.00 ? 1 GLY A N    13 
ATOM 1274 C CA   . GLY A 1 1 ? -2.698 1.051  -0.068  1.00 0.00 ? 1 GLY A CA   13 
ATOM 1275 C C    . GLY A 1 1 ? -2.459 0.930  -1.554  1.00 0.00 ? 1 GLY A C    13 
ATOM 1276 O O    . GLY A 1 1 ? -3.229 0.280  -2.260  1.00 0.00 ? 1 GLY A O    13 
ATOM 1277 H H1   . GLY A 1 1 ? -0.865 0.499  0.783   1.00 0.00 ? 1 GLY A H1   13 
ATOM 1278 H HA2  . GLY A 1 1 ? -3.169 0.144  0.281   1.00 0.00 ? 1 GLY A HA2  13 
ATOM 1279 H HA3  . GLY A 1 1 ? -3.364 1.882  0.115   1.00 0.00 ? 1 GLY A HA3  13 
ATOM 1280 N N    . TYR A 1 2 ? -1.400 1.527  -2.046  1.00 0.00 ? 2 TYR A N    13 
ATOM 1281 C CA   . TYR A 1 2 ? -1.156 1.528  -3.468  1.00 0.00 ? 2 TYR A CA   13 
ATOM 1282 C C    . TYR A 1 2 ? 0.056  0.684  -3.827  1.00 0.00 ? 2 TYR A C    13 
ATOM 1283 O O    . TYR A 1 2 ? -0.068 -0.301 -4.549  1.00 0.00 ? 2 TYR A O    13 
ATOM 1284 C CB   . TYR A 1 2 ? -1.014 2.964  -3.991  1.00 0.00 ? 2 TYR A CB   13 
ATOM 1285 C CG   . TYR A 1 2 ? -0.858 3.068  -5.493  1.00 0.00 ? 2 TYR A CG   13 
ATOM 1286 C CD1  . TYR A 1 2 ? -1.926 2.827  -6.335  1.00 0.00 ? 2 TYR A CD1  13 
ATOM 1287 C CD2  . TYR A 1 2 ? 0.349  3.421  -6.063  1.00 0.00 ? 2 TYR A CD2  13 
ATOM 1288 C CE1  . TYR A 1 2 ? -1.796 2.928  -7.703  1.00 0.00 ? 2 TYR A CE1  13 
ATOM 1289 C CE2  . TYR A 1 2 ? 0.489  3.525  -7.428  1.00 0.00 ? 2 TYR A CE2  13 
ATOM 1290 C CZ   . TYR A 1 2 ? -0.585 3.277  -8.242  1.00 0.00 ? 2 TYR A CZ   13 
ATOM 1291 O OH   . TYR A 1 2 ? -0.450 3.384  -9.608  1.00 0.00 ? 2 TYR A OH   13 
ATOM 1292 H H    . TYR A 1 2 ? -0.748 1.969  -1.453  1.00 0.00 ? 2 TYR A H    13 
ATOM 1293 H HA   . TYR A 1 2 ? -2.022 1.082  -3.934  1.00 0.00 ? 2 TYR A HA   13 
ATOM 1294 H HB2  . TYR A 1 2 ? -1.897 3.522  -3.716  1.00 0.00 ? 2 TYR A HB2  13 
ATOM 1295 H HB3  . TYR A 1 2 ? -0.150 3.418  -3.530  1.00 0.00 ? 2 TYR A HB3  13 
ATOM 1296 H HD1  . TYR A 1 2 ? -2.874 2.550  -5.900  1.00 0.00 ? 2 TYR A HD1  13 
ATOM 1297 H HD2  . TYR A 1 2 ? 1.196  3.617  -5.422  1.00 0.00 ? 2 TYR A HD2  13 
ATOM 1298 H HE1  . TYR A 1 2 ? -2.644 2.734  -8.342  1.00 0.00 ? 2 TYR A HE1  13 
ATOM 1299 H HE2  . TYR A 1 2 ? 1.443  3.799  -7.851  1.00 0.00 ? 2 TYR A HE2  13 
ATOM 1300 H HH   . TYR A 1 2 ? -1.264 3.795  -9.924  1.00 0.00 ? 2 TYR A HH   13 
ATOM 1301 N N    . ILE A 1 3 ? 1.215  1.032  -3.296  1.00 0.00 ? 3 ILE A N    13 
ATOM 1302 C CA   . ILE A 1 3 ? 2.440  0.314  -3.643  1.00 0.00 ? 3 ILE A CA   13 
ATOM 1303 C C    . ILE A 1 3 ? 2.546  -0.942 -2.793  1.00 0.00 ? 3 ILE A C    13 
ATOM 1304 O O    . ILE A 1 3 ? 2.909  -2.016 -3.273  1.00 0.00 ? 3 ILE A O    13 
ATOM 1305 C CB   . ILE A 1 3 ? 3.710  1.201  -3.437  1.00 0.00 ? 3 ILE A CB   13 
ATOM 1306 C CG1  . ILE A 1 3 ? 3.656  2.468  -4.314  1.00 0.00 ? 3 ILE A CG1  13 
ATOM 1307 C CG2  . ILE A 1 3 ? 4.989  0.415  -3.725  1.00 0.00 ? 3 ILE A CG2  13 
ATOM 1308 C CD1  . ILE A 1 3 ? 3.654  2.197  -5.814  1.00 0.00 ? 3 ILE A CD1  13 
ATOM 1309 H H    . ILE A 1 3 ? 1.233  1.763  -2.634  1.00 0.00 ? 3 ILE A H    13 
ATOM 1310 H HA   . ILE A 1 3 ? 2.373  0.024  -4.681  1.00 0.00 ? 3 ILE A HA   13 
ATOM 1311 H HB   . ILE A 1 3 ? 3.733  1.500  -2.399  1.00 0.00 ? 3 ILE A HB   13 
ATOM 1312 H HG12 . ILE A 1 3 ? 2.759  3.018  -4.078  1.00 0.00 ? 3 ILE A HG12 13 
ATOM 1313 H HG13 . ILE A 1 3 ? 4.513  3.085  -4.088  1.00 0.00 ? 3 ILE A HG13 13 
ATOM 1314 H HG21 . ILE A 1 3 ? 4.956  0.042  -4.739  1.00 0.00 ? 3 ILE A HG21 13 
ATOM 1315 H HG22 . ILE A 1 3 ? 5.076  -0.412 -3.037  1.00 0.00 ? 3 ILE A HG22 13 
ATOM 1316 H HG23 . ILE A 1 3 ? 5.840  1.071  -3.616  1.00 0.00 ? 3 ILE A HG23 13 
ATOM 1317 H HD11 . ILE A 1 3 ? 4.545  1.650  -6.082  1.00 0.00 ? 3 ILE A HD11 13 
ATOM 1318 H HD12 . ILE A 1 3 ? 3.637  3.135  -6.348  1.00 0.00 ? 3 ILE A HD12 13 
ATOM 1319 H HD13 . ILE A 1 3 ? 2.781  1.619  -6.079  1.00 0.00 ? 3 ILE A HD13 13 
ATOM 1320 N N    . THR A 1 4 ? 2.195  -0.805 -1.562  1.00 0.00 ? 4 THR A N    13 
ATOM 1321 C CA   . THR A 1 4 ? 2.179  -1.876 -0.619  1.00 0.00 ? 4 THR A CA   13 
ATOM 1322 C C    . THR A 1 4 ? 0.912  -1.748 0.221   1.00 0.00 ? 4 THR A C    13 
ATOM 1323 O O    . THR A 1 4 ? 0.480  -0.632 0.464   1.00 0.00 ? 4 THR A O    13 
ATOM 1324 C CB   . THR A 1 4 ? 3.451  -1.848 0.277   1.00 0.00 ? 4 THR A CB   13 
ATOM 1325 O OG1  . THR A 1 4 ? 3.732  -0.507 0.737   1.00 0.00 ? 4 THR A OG1  13 
ATOM 1326 C CG2  . THR A 1 4 ? 4.663  -2.402 -0.452  1.00 0.00 ? 4 THR A CG2  13 
ATOM 1327 H H    . THR A 1 4 ? 1.929  0.087  -1.232  1.00 0.00 ? 4 THR A H    13 
ATOM 1328 H HA   . THR A 1 4 ? 2.148  -2.804 -1.171  1.00 0.00 ? 4 THR A HA   13 
ATOM 1329 H HB   . THR A 1 4 ? 3.257  -2.459 1.141   1.00 0.00 ? 4 THR A HB   13 
ATOM 1330 H HG1  . THR A 1 4 ? 3.083  0.112  0.355   1.00 0.00 ? 4 THR A HG1  13 
ATOM 1331 H HG21 . THR A 1 4 ? 4.479  -3.430 -0.730  1.00 0.00 ? 4 THR A HG21 13 
ATOM 1332 H HG22 . THR A 1 4 ? 5.527  -2.350 0.194   1.00 0.00 ? 4 THR A HG22 13 
ATOM 1333 H HG23 . THR A 1 4 ? 4.844  -1.818 -1.343  1.00 0.00 ? 4 THR A HG23 13 
ATOM 1334 N N    . PRO A 1 5 ? 0.268  -2.868 0.609   1.00 0.00 ? 5 PRO A N    13 
ATOM 1335 C CA   . PRO A 1 5 ? -0.988 -2.877 1.408   1.00 0.00 ? 5 PRO A CA   13 
ATOM 1336 C C    . PRO A 1 5 ? -1.056 -1.826 2.550   1.00 0.00 ? 5 PRO A C    13 
ATOM 1337 O O    . PRO A 1 5 ? -2.111 -1.236 2.791   1.00 0.00 ? 5 PRO A O    13 
ATOM 1338 C CB   . PRO A 1 5 ? -1.004 -4.285 1.980   1.00 0.00 ? 5 PRO A CB   13 
ATOM 1339 C CG   . PRO A 1 5 ? -0.365 -5.115 0.926   1.00 0.00 ? 5 PRO A CG   13 
ATOM 1340 C CD   . PRO A 1 5 ? 0.685  -4.247 0.270   1.00 0.00 ? 5 PRO A CD   13 
ATOM 1341 H HA   . PRO A 1 5 ? -1.845 -2.748 0.765   1.00 0.00 ? 5 PRO A HA   13 
ATOM 1342 H HB2  . PRO A 1 5 ? -0.440 -4.304 2.901   1.00 0.00 ? 5 PRO A HB2  13 
ATOM 1343 H HB3  . PRO A 1 5 ? -2.022 -4.596 2.166   1.00 0.00 ? 5 PRO A HB3  13 
ATOM 1344 H HG2  . PRO A 1 5 ? 0.096  -5.980 1.380   1.00 0.00 ? 5 PRO A HG2  13 
ATOM 1345 H HG3  . PRO A 1 5 ? -1.104 -5.422 0.201   1.00 0.00 ? 5 PRO A HG3  13 
ATOM 1346 H HD2  . PRO A 1 5 ? 1.664  -4.467 0.670   1.00 0.00 ? 5 PRO A HD2  13 
ATOM 1347 H HD3  . PRO A 1 5 ? 0.677  -4.398 -0.799  1.00 0.00 ? 5 PRO A HD3  13 
ATOM 1348 N N    . LEU A 1 6 ? 0.068  -1.583 3.225   1.00 0.00 ? 6 LEU A N    13 
ATOM 1349 C CA   . LEU A 1 6 ? 0.123  -0.611 4.326   1.00 0.00 ? 6 LEU A CA   13 
ATOM 1350 C C    . LEU A 1 6 ? -0.084 0.820  3.851   1.00 0.00 ? 6 LEU A C    13 
ATOM 1351 O O    . LEU A 1 6 ? -0.580 1.659  4.596   1.00 0.00 ? 6 LEU A O    13 
ATOM 1352 C CB   . LEU A 1 6 ? 1.431  -0.728 5.101   1.00 0.00 ? 6 LEU A CB   13 
ATOM 1353 C CG   . LEU A 1 6 ? 1.629  -2.035 5.854   1.00 0.00 ? 6 LEU A CG   13 
ATOM 1354 C CD1  . LEU A 1 6 ? 3.019  -2.102 6.453   1.00 0.00 ? 6 LEU A CD1  13 
ATOM 1355 C CD2  . LEU A 1 6 ? 0.578  -2.192 6.944   1.00 0.00 ? 6 LEU A CD2  13 
ATOM 1356 H H    . LEU A 1 6 ? 0.873  -2.091 2.982   1.00 0.00 ? 6 LEU A H    13 
ATOM 1357 H HA   . LEU A 1 6 ? -0.691 -0.849 4.995   1.00 0.00 ? 6 LEU A HA   13 
ATOM 1358 H HB2  . LEU A 1 6 ? 2.246  -0.614 4.402   1.00 0.00 ? 6 LEU A HB2  13 
ATOM 1359 H HB3  . LEU A 1 6 ? 1.475  0.082  5.814   1.00 0.00 ? 6 LEU A HB3  13 
ATOM 1360 H HG   . LEU A 1 6 ? 1.497  -2.833 5.141   1.00 0.00 ? 6 LEU A HG   13 
ATOM 1361 H HD11 . LEU A 1 6 ? 3.754  -2.033 5.666   1.00 0.00 ? 6 LEU A HD11 13 
ATOM 1362 H HD12 . LEU A 1 6 ? 3.140  -3.038 6.978   1.00 0.00 ? 6 LEU A HD12 13 
ATOM 1363 H HD13 . LEU A 1 6 ? 3.154  -1.282 7.144   1.00 0.00 ? 6 LEU A HD13 13 
ATOM 1364 H HD21 . LEU A 1 6 ? 0.641  -1.353 7.622   1.00 0.00 ? 6 LEU A HD21 13 
ATOM 1365 H HD22 . LEU A 1 6 ? 0.769  -3.103 7.492   1.00 0.00 ? 6 LEU A HD22 13 
ATOM 1366 H HD23 . LEU A 1 6 ? -0.409 -2.234 6.508   1.00 0.00 ? 6 LEU A HD23 13 
ATOM 1367 N N    . ASP A 1 7 ? 0.292  1.103  2.629   1.00 0.00 ? 7 ASP A N    13 
ATOM 1368 C CA   . ASP A 1 7 ? 0.052  2.438  2.077   1.00 0.00 ? 7 ASP A CA   13 
ATOM 1369 C C    . ASP A 1 7 ? -1.205 2.407  1.231   1.00 0.00 ? 7 ASP A C    13 
ATOM 1370 O O    . ASP A 1 7 ? -1.890 3.413  1.072   1.00 0.00 ? 7 ASP A O    13 
ATOM 1371 C CB   . ASP A 1 7 ? 1.244  3.005  1.264   1.00 0.00 ? 7 ASP A CB   13 
ATOM 1372 C CG   . ASP A 1 7 ? 1.472  2.357  -0.087  1.00 0.00 ? 7 ASP A CG   13 
ATOM 1373 O OD1  . ASP A 1 7 ? 0.816  2.738  -1.072  1.00 0.00 ? 7 ASP A OD1  13 
ATOM 1374 O OD2  . ASP A 1 7 ? 2.349  1.492  -0.198  1.00 0.00 ? 7 ASP A OD2  13 
ATOM 1375 H H    . ASP A 1 7 ? 0.715  0.389  2.103   1.00 0.00 ? 7 ASP A H    13 
ATOM 1376 H HA   . ASP A 1 7 ? -0.150 3.081  2.922   1.00 0.00 ? 7 ASP A HA   13 
ATOM 1377 H HB2  . ASP A 1 7 ? 1.076  4.057  1.090   1.00 0.00 ? 7 ASP A HB2  13 
ATOM 1378 H HB3  . ASP A 1 7 ? 2.143  2.894  1.853   1.00 0.00 ? 7 ASP A HB3  13 
ATOM 1379 N N    . GLY A 1 1 ? -1.444 1.215  0.619   1.00 0.00 ? 1 GLY A N    14 
ATOM 1380 C CA   . GLY A 1 1 ? -2.639 0.988  -0.143  1.00 0.00 ? 1 GLY A CA   14 
ATOM 1381 C C    . GLY A 1 1 ? -2.462 1.130  -1.639  1.00 0.00 ? 1 GLY A C    14 
ATOM 1382 O O    . GLY A 1 1 ? -3.367 0.781  -2.401  1.00 0.00 ? 1 GLY A O    14 
ATOM 1383 H H1   . GLY A 1 1 ? -0.785 0.492  0.724   1.00 0.00 ? 1 GLY A H1   14 
ATOM 1384 H HA2  . GLY A 1 1 ? -2.996 -0.011 0.064   1.00 0.00 ? 1 GLY A HA2  14 
ATOM 1385 H HA3  . GLY A 1 1 ? -3.388 1.693  0.185   1.00 0.00 ? 1 GLY A HA3  14 
ATOM 1386 N N    . TYR A 1 2 ? -1.336 1.628  -2.074  1.00 0.00 ? 2 TYR A N    14 
ATOM 1387 C CA   . TYR A 1 2 ? -1.129 1.844  -3.489  1.00 0.00 ? 2 TYR A CA   14 
ATOM 1388 C C    . TYR A 1 2 ? 0.014  0.972  -4.015  1.00 0.00 ? 2 TYR A C    14 
ATOM 1389 O O    . TYR A 1 2 ? -0.127 0.285  -5.035  1.00 0.00 ? 2 TYR A O    14 
ATOM 1390 C CB   . TYR A 1 2 ? -0.885 3.335  -3.757  1.00 0.00 ? 2 TYR A CB   14 
ATOM 1391 C CG   . TYR A 1 2 ? -0.767 3.715  -5.215  1.00 0.00 ? 2 TYR A CG   14 
ATOM 1392 C CD1  . TYR A 1 2 ? -1.873 3.674  -6.055  1.00 0.00 ? 2 TYR A CD1  14 
ATOM 1393 C CD2  . TYR A 1 2 ? 0.438  4.138  -5.743  1.00 0.00 ? 2 TYR A CD2  14 
ATOM 1394 C CE1  . TYR A 1 2 ? -1.774 4.042  -7.382  1.00 0.00 ? 2 TYR A CE1  14 
ATOM 1395 C CE2  . TYR A 1 2 ? 0.547  4.505  -7.065  1.00 0.00 ? 2 TYR A CE2  14 
ATOM 1396 C CZ   . TYR A 1 2 ? -0.558 4.457  -7.882  1.00 0.00 ? 2 TYR A CZ   14 
ATOM 1397 O OH   . TYR A 1 2 ? -0.450 4.834  -9.213  1.00 0.00 ? 2 TYR A OH   14 
ATOM 1398 H H    . TYR A 1 2 ? -0.611 1.866  -1.450  1.00 0.00 ? 2 TYR A H    14 
ATOM 1399 H HA   . TYR A 1 2 ? -2.036 1.548  -3.993  1.00 0.00 ? 2 TYR A HA   14 
ATOM 1400 H HB2  . TYR A 1 2 ? -1.698 3.907  -3.335  1.00 0.00 ? 2 TYR A HB2  14 
ATOM 1401 H HB3  . TYR A 1 2 ? 0.033  3.621  -3.265  1.00 0.00 ? 2 TYR A HB3  14 
ATOM 1402 H HD1  . TYR A 1 2 ? -2.823 3.347  -5.658  1.00 0.00 ? 2 TYR A HD1  14 
ATOM 1403 H HD2  . TYR A 1 2 ? 1.307  4.176  -5.103  1.00 0.00 ? 2 TYR A HD2  14 
ATOM 1404 H HE1  . TYR A 1 2 ? -2.645 4.004  -8.020  1.00 0.00 ? 2 TYR A HE1  14 
ATOM 1405 H HE2  . TYR A 1 2 ? 1.499  4.831  -7.452  1.00 0.00 ? 2 TYR A HE2  14 
ATOM 1406 H HH   . TYR A 1 2 ? -1.220 5.384  -9.412  1.00 0.00 ? 2 TYR A HH   14 
ATOM 1407 N N    . ILE A 1 3 ? 1.139  0.992  -3.341  1.00 0.00 ? 3 ILE A N    14 
ATOM 1408 C CA   . ILE A 1 3 ? 2.252  0.162  -3.755  1.00 0.00 ? 3 ILE A CA   14 
ATOM 1409 C C    . ILE A 1 3 ? 2.412  -1.053 -2.845  1.00 0.00 ? 3 ILE A C    14 
ATOM 1410 O O    . ILE A 1 3 ? 2.681  -2.168 -3.310  1.00 0.00 ? 3 ILE A O    14 
ATOM 1411 C CB   . ILE A 1 3 ? 3.584  0.947  -3.931  1.00 0.00 ? 3 ILE A CB   14 
ATOM 1412 C CG1  . ILE A 1 3 ? 3.937  1.764  -2.683  1.00 0.00 ? 3 ILE A CG1  14 
ATOM 1413 C CG2  . ILE A 1 3 ? 3.516  1.840  -5.169  1.00 0.00 ? 3 ILE A CG2  14 
ATOM 1414 C CD1  . ILE A 1 3 ? 5.230  2.539  -2.796  1.00 0.00 ? 3 ILE A CD1  14 
ATOM 1415 H H    . ILE A 1 3 ? 1.219  1.567  -2.541  1.00 0.00 ? 3 ILE A H    14 
ATOM 1416 H HA   . ILE A 1 3 ? 1.955  -0.228 -4.719  1.00 0.00 ? 3 ILE A HA   14 
ATOM 1417 H HB   . ILE A 1 3 ? 4.355  0.211  -4.101  1.00 0.00 ? 3 ILE A HB   14 
ATOM 1418 H HG12 . ILE A 1 3 ? 3.145  2.474  -2.492  1.00 0.00 ? 3 ILE A HG12 14 
ATOM 1419 H HG13 . ILE A 1 3 ? 4.018  1.096  -1.838  1.00 0.00 ? 3 ILE A HG13 14 
ATOM 1420 H HG21 . ILE A 1 3 ? 4.443  2.384  -5.272  1.00 0.00 ? 3 ILE A HG21 14 
ATOM 1421 H HG22 . ILE A 1 3 ? 2.700  2.539  -5.059  1.00 0.00 ? 3 ILE A HG22 14 
ATOM 1422 H HG23 . ILE A 1 3 ? 3.353  1.234  -6.047  1.00 0.00 ? 3 ILE A HG23 14 
ATOM 1423 H HD11 . ILE A 1 3 ? 5.166  3.217  -3.635  1.00 0.00 ? 3 ILE A HD11 14 
ATOM 1424 H HD12 . ILE A 1 3 ? 6.050  1.851  -2.948  1.00 0.00 ? 3 ILE A HD12 14 
ATOM 1425 H HD13 . ILE A 1 3 ? 5.393  3.105  -1.890  1.00 0.00 ? 3 ILE A HD13 14 
ATOM 1426 N N    . THR A 1 4 ? 2.222  -0.847 -1.569  1.00 0.00 ? 4 THR A N    14 
ATOM 1427 C CA   . THR A 1 4 ? 2.244  -1.906 -0.595  1.00 0.00 ? 4 THR A CA   14 
ATOM 1428 C C    . THR A 1 4 ? 1.011  -1.816 0.313   1.00 0.00 ? 4 THR A C    14 
ATOM 1429 O O    . THR A 1 4 ? 0.518  -0.722 0.547   1.00 0.00 ? 4 THR A O    14 
ATOM 1430 C CB   . THR A 1 4 ? 3.572  -1.958 0.213   1.00 0.00 ? 4 THR A CB   14 
ATOM 1431 O OG1  . THR A 1 4 ? 4.058  -0.642 0.517   1.00 0.00 ? 4 THR A OG1  14 
ATOM 1432 C CG2  . THR A 1 4 ? 4.629  -2.732 -0.535  1.00 0.00 ? 4 THR A CG2  14 
ATOM 1433 H H    . THR A 1 4 ? 2.071  0.065  -1.225  1.00 0.00 ? 4 THR A H    14 
ATOM 1434 H HA   . THR A 1 4 ? 2.144  -2.819 -1.164  1.00 0.00 ? 4 THR A HA   14 
ATOM 1435 H HB   . THR A 1 4 ? 3.372  -2.464 1.143   1.00 0.00 ? 4 THR A HB   14 
ATOM 1436 H HG1  . THR A 1 4 ? 3.353  0.011  0.363   1.00 0.00 ? 4 THR A HG1  14 
ATOM 1437 H HG21 . THR A 1 4 ? 5.531  -2.760 0.059   1.00 0.00 ? 4 THR A HG21 14 
ATOM 1438 H HG22 . THR A 1 4 ? 4.823  -2.236 -1.475  1.00 0.00 ? 4 THR A HG22 14 
ATOM 1439 H HG23 . THR A 1 4 ? 4.276  -3.735 -0.715  1.00 0.00 ? 4 THR A HG23 14 
ATOM 1440 N N    . PRO A 1 5 ? 0.447  -2.973 0.738   1.00 0.00 ? 5 PRO A N    14 
ATOM 1441 C CA   . PRO A 1 5 ? -0.777 -3.069 1.574   1.00 0.00 ? 5 PRO A CA   14 
ATOM 1442 C C    . PRO A 1 5 ? -0.985 -1.947 2.624   1.00 0.00 ? 5 PRO A C    14 
ATOM 1443 O O    . PRO A 1 5 ? -2.096 -1.423 2.748   1.00 0.00 ? 5 PRO A O    14 
ATOM 1444 C CB   . PRO A 1 5 ? -0.594 -4.411 2.267   1.00 0.00 ? 5 PRO A CB   14 
ATOM 1445 C CG   . PRO A 1 5 ? 0.098  -5.255 1.254   1.00 0.00 ? 5 PRO A CG   14 
ATOM 1446 C CD   . PRO A 1 5 ? 0.962  -4.326 0.426   1.00 0.00 ? 5 PRO A CD   14 
ATOM 1447 H HA   . PRO A 1 5 ? -1.659 -3.125 0.952   1.00 0.00 ? 5 PRO A HA   14 
ATOM 1448 H HB2  . PRO A 1 5 ? 0.005  -4.277 3.156   1.00 0.00 ? 5 PRO A HB2  14 
ATOM 1449 H HB3  . PRO A 1 5 ? -1.557 -4.823 2.533   1.00 0.00 ? 5 PRO A HB3  14 
ATOM 1450 H HG2  . PRO A 1 5 ? 0.710  -5.994 1.748   1.00 0.00 ? 5 PRO A HG2  14 
ATOM 1451 H HG3  . PRO A 1 5 ? -0.635 -5.741 0.625   1.00 0.00 ? 5 PRO A HG3  14 
ATOM 1452 H HD2  . PRO A 1 5 ? 1.998  -4.414 0.716   1.00 0.00 ? 5 PRO A HD2  14 
ATOM 1453 H HD3  . PRO A 1 5 ? 0.847  -4.546 -0.626  1.00 0.00 ? 5 PRO A HD3  14 
ATOM 1454 N N    . LEU A 1 6 ? 0.069  -1.576 3.351   1.00 0.00 ? 6 LEU A N    14 
ATOM 1455 C CA   . LEU A 1 6 ? -0.054 -0.562 4.409   1.00 0.00 ? 6 LEU A CA   14 
ATOM 1456 C C    . LEU A 1 6 ? -0.269 0.842  3.856   1.00 0.00 ? 6 LEU A C    14 
ATOM 1457 O O    . LEU A 1 6 ? -0.929 1.668  4.495   1.00 0.00 ? 6 LEU A O    14 
ATOM 1458 C CB   . LEU A 1 6 ? 1.159  -0.581 5.341   1.00 0.00 ? 6 LEU A CB   14 
ATOM 1459 C CG   . LEU A 1 6 ? 1.392  -1.876 6.117   1.00 0.00 ? 6 LEU A CG   14 
ATOM 1460 C CD1  . LEU A 1 6 ? 2.656  -1.776 6.956   1.00 0.00 ? 6 LEU A CD1  14 
ATOM 1461 C CD2  . LEU A 1 6 ? 0.194  -2.212 6.998   1.00 0.00 ? 6 LEU A CD2  14 
ATOM 1462 H H    . LEU A 1 6 ? 0.937  -1.999 3.176   1.00 0.00 ? 6 LEU A H    14 
ATOM 1463 H HA   . LEU A 1 6 ? -0.928 -0.819 4.988   1.00 0.00 ? 6 LEU A HA   14 
ATOM 1464 H HB2  . LEU A 1 6 ? 2.039  -0.382 4.747   1.00 0.00 ? 6 LEU A HB2  14 
ATOM 1465 H HB3  . LEU A 1 6 ? 1.045  0.222  6.055   1.00 0.00 ? 6 LEU A HB3  14 
ATOM 1466 H HG   . LEU A 1 6 ? 1.513  -2.665 5.389   1.00 0.00 ? 6 LEU A HG   14 
ATOM 1467 H HD11 . LEU A 1 6 ? 2.808  -2.703 7.489   1.00 0.00 ? 6 LEU A HD11 14 
ATOM 1468 H HD12 . LEU A 1 6 ? 2.553  -0.967 7.664   1.00 0.00 ? 6 LEU A HD12 14 
ATOM 1469 H HD13 . LEU A 1 6 ? 3.503  -1.586 6.315   1.00 0.00 ? 6 LEU A HD13 14 
ATOM 1470 H HD21 . LEU A 1 6 ? 0.012  -1.398 7.684   1.00 0.00 ? 6 LEU A HD21 14 
ATOM 1471 H HD22 . LEU A 1 6 ? 0.407  -3.110 7.557   1.00 0.00 ? 6 LEU A HD22 14 
ATOM 1472 H HD23 . LEU A 1 6 ? -0.679 -2.374 6.384   1.00 0.00 ? 6 LEU A HD23 14 
ATOM 1473 N N    . ASP A 1 7 ? 0.252  1.113  2.673   1.00 0.00 ? 7 ASP A N    14 
ATOM 1474 C CA   . ASP A 1 7 ? 0.031  2.430  2.062   1.00 0.00 ? 7 ASP A CA   14 
ATOM 1475 C C    . ASP A 1 7 ? -1.194 2.380  1.180   1.00 0.00 ? 7 ASP A C    14 
ATOM 1476 O O    . ASP A 1 7 ? -1.900 3.382  1.017   1.00 0.00 ? 7 ASP A O    14 
ATOM 1477 C CB   . ASP A 1 7 ? 1.249  2.974  1.282   1.00 0.00 ? 7 ASP A CB   14 
ATOM 1478 C CG   . ASP A 1 7 ? 1.605  2.188  0.046   1.00 0.00 ? 7 ASP A CG   14 
ATOM 1479 O OD1  . ASP A 1 7 ? 1.038  2.440  -1.031  1.00 0.00 ? 7 ASP A OD1  14 
ATOM 1480 O OD2  . ASP A 1 7 ? 2.472  1.328  0.124   1.00 0.00 ? 7 ASP A OD2  14 
ATOM 1481 H H    . ASP A 1 7 ? 0.780  0.418  2.218   1.00 0.00 ? 7 ASP A H    14 
ATOM 1482 H HA   . ASP A 1 7 ? -0.199 3.098  2.880   1.00 0.00 ? 7 ASP A HA   14 
ATOM 1483 H HB2  . ASP A 1 7 ? 1.043  3.990  0.976   1.00 0.00 ? 7 ASP A HB2  14 
ATOM 1484 H HB3  . ASP A 1 7 ? 2.103  2.981  1.942   1.00 0.00 ? 7 ASP A HB3  14 
ATOM 1485 N N    . GLY A 1 1 ? -1.568 1.377  0.577   1.00 0.00 ? 1 GLY A N    15 
ATOM 1486 C CA   . GLY A 1 1 ? -2.769 1.273  -0.200  1.00 0.00 ? 1 GLY A CA   15 
ATOM 1487 C C    . GLY A 1 1 ? -2.497 1.094  -1.674  1.00 0.00 ? 1 GLY A C    15 
ATOM 1488 O O    . GLY A 1 1 ? -3.268 0.446  -2.375  1.00 0.00 ? 1 GLY A O    15 
ATOM 1489 H H1   . GLY A 1 1 ? -0.912 0.644  0.533   1.00 0.00 ? 1 GLY A H1   15 
ATOM 1490 H HA2  . GLY A 1 1 ? -3.341 0.428  0.155   1.00 0.00 ? 1 GLY A HA2  15 
ATOM 1491 H HA3  . GLY A 1 1 ? -3.350 2.172  -0.060  1.00 0.00 ? 1 GLY A HA3  15 
ATOM 1492 N N    . TYR A 1 2 ? -1.402 1.639  -2.151  1.00 0.00 ? 2 TYR A N    15 
ATOM 1493 C CA   . TYR A 1 2 ? -1.097 1.576  -3.569  1.00 0.00 ? 2 TYR A CA   15 
ATOM 1494 C C    . TYR A 1 2 ? 0.033  0.633  -3.860  1.00 0.00 ? 2 TYR A C    15 
ATOM 1495 O O    . TYR A 1 2 ? -0.139 -0.368 -4.558  1.00 0.00 ? 2 TYR A O    15 
ATOM 1496 C CB   . TYR A 1 2 ? -0.756 2.953  -4.132  1.00 0.00 ? 2 TYR A CB   15 
ATOM 1497 C CG   . TYR A 1 2 ? -1.898 3.926  -4.145  1.00 0.00 ? 2 TYR A CG   15 
ATOM 1498 C CD1  . TYR A 1 2 ? -2.111 4.787  -3.086  1.00 0.00 ? 2 TYR A CD1  15 
ATOM 1499 C CD2  . TYR A 1 2 ? -2.754 3.991  -5.231  1.00 0.00 ? 2 TYR A CD2  15 
ATOM 1500 C CE1  . TYR A 1 2 ? -3.150 5.694  -3.107  1.00 0.00 ? 2 TYR A CE1  15 
ATOM 1501 C CE2  . TYR A 1 2 ? -3.797 4.889  -5.261  1.00 0.00 ? 2 TYR A CE2  15 
ATOM 1502 C CZ   . TYR A 1 2 ? -3.989 5.739  -4.198  1.00 0.00 ? 2 TYR A CZ   15 
ATOM 1503 O OH   . TYR A 1 2 ? -5.019 6.652  -4.229  1.00 0.00 ? 2 TYR A OH   15 
ATOM 1504 H H    . TYR A 1 2 ? -0.758 2.080  -1.546  1.00 0.00 ? 2 TYR A H    15 
ATOM 1505 H HA   . TYR A 1 2 ? -1.978 1.217  -4.077  1.00 0.00 ? 2 TYR A HA   15 
ATOM 1506 H HB2  . TYR A 1 2 ? 0.032  3.387  -3.536  1.00 0.00 ? 2 TYR A HB2  15 
ATOM 1507 H HB3  . TYR A 1 2 ? -0.402 2.838  -5.145  1.00 0.00 ? 2 TYR A HB3  15 
ATOM 1508 H HD1  . TYR A 1 2 ? -1.440 4.736  -2.241  1.00 0.00 ? 2 TYR A HD1  15 
ATOM 1509 H HD2  . TYR A 1 2 ? -2.594 3.318  -6.060  1.00 0.00 ? 2 TYR A HD2  15 
ATOM 1510 H HE1  . TYR A 1 2 ? -3.304 6.361  -2.273  1.00 0.00 ? 2 TYR A HE1  15 
ATOM 1511 H HE2  . TYR A 1 2 ? -4.457 4.924  -6.116  1.00 0.00 ? 2 TYR A HE2  15 
ATOM 1512 H HH   . TYR A 1 2 ? -5.823 6.184  -4.484  1.00 0.00 ? 2 TYR A HH   15 
ATOM 1513 N N    . ILE A 1 3 ? 1.177  0.927  -3.316  1.00 0.00 ? 3 ILE A N    15 
ATOM 1514 C CA   . ILE A 1 3 ? 2.363  0.166  -3.641  1.00 0.00 ? 3 ILE A CA   15 
ATOM 1515 C C    . ILE A 1 3 ? 2.488  -1.007 -2.690  1.00 0.00 ? 3 ILE A C    15 
ATOM 1516 O O    . ILE A 1 3 ? 2.808  -2.132 -3.082  1.00 0.00 ? 3 ILE A O    15 
ATOM 1517 C CB   . ILE A 1 3 ? 3.623  1.058  -3.538  1.00 0.00 ? 3 ILE A CB   15 
ATOM 1518 C CG1  . ILE A 1 3 ? 3.432  2.343  -4.366  1.00 0.00 ? 3 ILE A CG1  15 
ATOM 1519 C CG2  . ILE A 1 3 ? 4.857  0.293  -4.012  1.00 0.00 ? 3 ILE A CG2  15 
ATOM 1520 C CD1  . ILE A 1 3 ? 4.584  3.328  -4.268  1.00 0.00 ? 3 ILE A CD1  15 
ATOM 1521 H H    . ILE A 1 3 ? 1.214  1.659  -2.658  1.00 0.00 ? 3 ILE A H    15 
ATOM 1522 H HA   . ILE A 1 3 ? 2.278  -0.201 -4.652  1.00 0.00 ? 3 ILE A HA   15 
ATOM 1523 H HB   . ILE A 1 3 ? 3.758  1.326  -2.502  1.00 0.00 ? 3 ILE A HB   15 
ATOM 1524 H HG12 . ILE A 1 3 ? 3.315  2.076  -5.405  1.00 0.00 ? 3 ILE A HG12 15 
ATOM 1525 H HG13 . ILE A 1 3 ? 2.532  2.841  -4.031  1.00 0.00 ? 3 ILE A HG13 15 
ATOM 1526 H HG21 . ILE A 1 3 ? 5.722  0.937  -3.941  1.00 0.00 ? 3 ILE A HG21 15 
ATOM 1527 H HG22 . ILE A 1 3 ? 4.719  -0.011 -5.039  1.00 0.00 ? 3 ILE A HG22 15 
ATOM 1528 H HG23 . ILE A 1 3 ? 5.004  -0.579 -3.393  1.00 0.00 ? 3 ILE A HG23 15 
ATOM 1529 H HD11 . ILE A 1 3 ? 4.373  4.191  -4.884  1.00 0.00 ? 3 ILE A HD11 15 
ATOM 1530 H HD12 . ILE A 1 3 ? 5.493  2.854  -4.610  1.00 0.00 ? 3 ILE A HD12 15 
ATOM 1531 H HD13 . ILE A 1 3 ? 4.706  3.640  -3.241  1.00 0.00 ? 3 ILE A HD13 15 
ATOM 1532 N N    . THR A 1 4 ? 2.186  -0.750 -1.472  1.00 0.00 ? 4 THR A N    15 
ATOM 1533 C CA   . THR A 1 4 ? 2.249  -1.721 -0.437  1.00 0.00 ? 4 THR A CA   15 
ATOM 1534 C C    . THR A 1 4 ? 0.886  -1.706 0.257   1.00 0.00 ? 4 THR A C    15 
ATOM 1535 O O    . THR A 1 4 ? 0.295  -0.636 0.380   1.00 0.00 ? 4 THR A O    15 
ATOM 1536 C CB   . THR A 1 4 ? 3.342  -1.286 0.567   1.00 0.00 ? 4 THR A CB   15 
ATOM 1537 O OG1  . THR A 1 4 ? 4.523  -0.888 -0.156  1.00 0.00 ? 4 THR A OG1  15 
ATOM 1538 C CG2  . THR A 1 4 ? 3.701  -2.400 1.535   1.00 0.00 ? 4 THR A CG2  15 
ATOM 1539 H H    . THR A 1 4 ? 1.908  0.158  -1.208  1.00 0.00 ? 4 THR A H    15 
ATOM 1540 H HA   . THR A 1 4 ? 2.488  -2.692 -0.843  1.00 0.00 ? 4 THR A HA   15 
ATOM 1541 H HB   . THR A 1 4 ? 2.959  -0.438 1.116   1.00 0.00 ? 4 THR A HB   15 
ATOM 1542 H HG1  . THR A 1 4 ? 4.402  0.047  -0.366  1.00 0.00 ? 4 THR A HG1  15 
ATOM 1543 H HG21 . THR A 1 4 ? 4.445  -2.043 2.233   1.00 0.00 ? 4 THR A HG21 15 
ATOM 1544 H HG22 . THR A 1 4 ? 4.103  -3.233 0.981   1.00 0.00 ? 4 THR A HG22 15 
ATOM 1545 H HG23 . THR A 1 4 ? 2.819  -2.711 2.075   1.00 0.00 ? 4 THR A HG23 15 
ATOM 1546 N N    . PRO A 1 5 ? 0.343  -2.865 0.700   1.00 0.00 ? 5 PRO A N    15 
ATOM 1547 C CA   . PRO A 1 5 ? -0.960 -2.926 1.415   1.00 0.00 ? 5 PRO A CA   15 
ATOM 1548 C C    . PRO A 1 5 ? -1.003 -2.022 2.668   1.00 0.00 ? 5 PRO A C    15 
ATOM 1549 O O    . PRO A 1 5 ? -2.076 -1.693 3.188   1.00 0.00 ? 5 PRO A O    15 
ATOM 1550 C CB   . PRO A 1 5 ? -1.092 -4.410 1.814   1.00 0.00 ? 5 PRO A CB   15 
ATOM 1551 C CG   . PRO A 1 5 ? 0.270  -4.995 1.612   1.00 0.00 ? 5 PRO A CG   15 
ATOM 1552 C CD   . PRO A 1 5 ? 0.895  -4.215 0.497   1.00 0.00 ? 5 PRO A CD   15 
ATOM 1553 H HA   . PRO A 1 5 ? -1.770 -2.648 0.759   1.00 0.00 ? 5 PRO A HA   15 
ATOM 1554 H HB2  . PRO A 1 5 ? -1.400 -4.476 2.847   1.00 0.00 ? 5 PRO A HB2  15 
ATOM 1555 H HB3  . PRO A 1 5 ? -1.824 -4.892 1.186   1.00 0.00 ? 5 PRO A HB3  15 
ATOM 1556 H HG2  . PRO A 1 5 ? 0.852  -4.887 2.515   1.00 0.00 ? 5 PRO A HG2  15 
ATOM 1557 H HG3  . PRO A 1 5 ? 0.187  -6.037 1.342   1.00 0.00 ? 5 PRO A HG3  15 
ATOM 1558 H HD2  . PRO A 1 5 ? 1.971  -4.218 0.590   1.00 0.00 ? 5 PRO A HD2  15 
ATOM 1559 H HD3  . PRO A 1 5 ? 0.592  -4.614 -0.460  1.00 0.00 ? 5 PRO A HD3  15 
ATOM 1560 N N    . LEU A 1 6 ? 0.173  -1.624 3.124   1.00 0.00 ? 6 LEU A N    15 
ATOM 1561 C CA   . LEU A 1 6 ? 0.328  -0.745 4.263   1.00 0.00 ? 6 LEU A CA   15 
ATOM 1562 C C    . LEU A 1 6 ? 0.041  0.716  3.883   1.00 0.00 ? 6 LEU A C    15 
ATOM 1563 O O    . LEU A 1 6 ? -0.342 1.522  4.729   1.00 0.00 ? 6 LEU A O    15 
ATOM 1564 C CB   . LEU A 1 6 ? 1.737  -0.878 4.835   1.00 0.00 ? 6 LEU A CB   15 
ATOM 1565 C CG   . LEU A 1 6 ? 2.125  -2.281 5.315   1.00 0.00 ? 6 LEU A CG   15 
ATOM 1566 C CD1  . LEU A 1 6 ? 3.559  -2.298 5.799   1.00 0.00 ? 6 LEU A CD1  15 
ATOM 1567 C CD2  . LEU A 1 6 ? 1.189  -2.760 6.420   1.00 0.00 ? 6 LEU A CD2  15 
ATOM 1568 H H    . LEU A 1 6 ? 0.963  -1.964 2.659   1.00 0.00 ? 6 LEU A H    15 
ATOM 1569 H HA   . LEU A 1 6 ? -0.377 -1.060 5.016   1.00 0.00 ? 6 LEU A HA   15 
ATOM 1570 H HB2  . LEU A 1 6 ? 2.435  -0.580 4.066   1.00 0.00 ? 6 LEU A HB2  15 
ATOM 1571 H HB3  . LEU A 1 6 ? 1.833  -0.197 5.666   1.00 0.00 ? 6 LEU A HB3  15 
ATOM 1572 H HG   . LEU A 1 6 ? 2.042  -2.962 4.481   1.00 0.00 ? 6 LEU A HG   15 
ATOM 1573 H HD11 . LEU A 1 6 ? 3.819  -3.294 6.123   1.00 0.00 ? 6 LEU A HD11 15 
ATOM 1574 H HD12 . LEU A 1 6 ? 3.661  -1.612 6.628   1.00 0.00 ? 6 LEU A HD12 15 
ATOM 1575 H HD13 . LEU A 1 6 ? 4.215  -1.994 4.996   1.00 0.00 ? 6 LEU A HD13 15 
ATOM 1576 H HD21 . LEU A 1 6 ? 1.502  -3.739 6.755   1.00 0.00 ? 6 LEU A HD21 15 
ATOM 1577 H HD22 . LEU A 1 6 ? 0.180  -2.823 6.038   1.00 0.00 ? 6 LEU A HD22 15 
ATOM 1578 H HD23 . LEU A 1 6 ? 1.220  -2.069 7.249   1.00 0.00 ? 6 LEU A HD23 15 
ATOM 1579 N N    . ASP A 1 7 ? 0.221  1.052  2.615   1.00 0.00 ? 7 ASP A N    15 
ATOM 1580 C CA   . ASP A 1 7 ? -0.060 2.416  2.139   1.00 0.00 ? 7 ASP A CA   15 
ATOM 1581 C C    . ASP A 1 7 ? -1.327 2.444  1.307   1.00 0.00 ? 7 ASP A C    15 
ATOM 1582 O O    . ASP A 1 7 ? -2.072 3.426  1.330   1.00 0.00 ? 7 ASP A O    15 
ATOM 1583 C CB   . ASP A 1 7 ? 1.119  3.056  1.359   1.00 0.00 ? 7 ASP A CB   15 
ATOM 1584 C CG   . ASP A 1 7 ? 1.504  2.346  0.072   1.00 0.00 ? 7 ASP A CG   15 
ATOM 1585 O OD1  . ASP A 1 7 ? 0.882  2.584  -0.988  1.00 0.00 ? 7 ASP A OD1  15 
ATOM 1586 O OD2  . ASP A 1 7 ? 2.467  1.560  0.091   1.00 0.00 ? 7 ASP A OD2  15 
ATOM 1587 H H    . ASP A 1 7 ? 0.527  0.372  1.976   1.00 0.00 ? 7 ASP A H    15 
ATOM 1588 H HA   . ASP A 1 7 ? -0.253 3.004  3.026   1.00 0.00 ? 7 ASP A HA   15 
ATOM 1589 H HB2  . ASP A 1 7 ? 0.848  4.069  1.099   1.00 0.00 ? 7 ASP A HB2  15 
ATOM 1590 H HB3  . ASP A 1 7 ? 1.982  3.087  2.007   1.00 0.00 ? 7 ASP A HB3  15 
ATOM 1591 N N    . GLY A 1 1 ? -1.502 1.325  0.591   1.00 0.00 ? 1 GLY A N    16 
ATOM 1592 C CA   . GLY A 1 1 ? -2.681 1.116  -0.186  1.00 0.00 ? 1 GLY A CA   16 
ATOM 1593 C C    . GLY A 1 1 ? -2.396 1.016  -1.667  1.00 0.00 ? 1 GLY A C    16 
ATOM 1594 O O    . GLY A 1 1 ? -3.079 0.282  -2.389  1.00 0.00 ? 1 GLY A O    16 
ATOM 1595 H H1   . GLY A 1 1 ? -0.776 0.664  0.531   1.00 0.00 ? 1 GLY A H1   16 
ATOM 1596 H HA2  . GLY A 1 1 ? -3.151 0.201  0.139   1.00 0.00 ? 1 GLY A HA2  16 
ATOM 1597 H HA3  . GLY A 1 1 ? -3.359 1.939  -0.014  1.00 0.00 ? 1 GLY A HA3  16 
ATOM 1598 N N    . TYR A 1 2 ? -1.378 1.702  -2.133  1.00 0.00 ? 2 TYR A N    16 
ATOM 1599 C CA   . TYR A 1 2 ? -1.121 1.746  -3.556  1.00 0.00 ? 2 TYR A CA   16 
ATOM 1600 C C    . TYR A 1 2 ? -0.026 0.756  -3.950  1.00 0.00 ? 2 TYR A C    16 
ATOM 1601 O O    . TYR A 1 2 ? -0.257 -0.133 -4.779  1.00 0.00 ? 2 TYR A O    16 
ATOM 1602 C CB   . TYR A 1 2 ? -0.758 3.167  -3.980  1.00 0.00 ? 2 TYR A CB   16 
ATOM 1603 C CG   . TYR A 1 2 ? -0.915 3.448  -5.459  1.00 0.00 ? 2 TYR A CG   16 
ATOM 1604 C CD1  . TYR A 1 2 ? 0.139  3.290  -6.345  1.00 0.00 ? 2 TYR A CD1  16 
ATOM 1605 C CD2  . TYR A 1 2 ? -2.128 3.895  -5.958  1.00 0.00 ? 2 TYR A CD2  16 
ATOM 1606 C CE1  . TYR A 1 2 ? -0.017 3.572  -7.690  1.00 0.00 ? 2 TYR A CE1  16 
ATOM 1607 C CE2  . TYR A 1 2 ? -2.294 4.174  -7.295  1.00 0.00 ? 2 TYR A CE2  16 
ATOM 1608 C CZ   . TYR A 1 2 ? -1.236 4.013  -8.157  1.00 0.00 ? 2 TYR A CZ   16 
ATOM 1609 O OH   . TYR A 1 2 ? -1.396 4.303  -9.490  1.00 0.00 ? 2 TYR A OH   16 
ATOM 1610 H H    . TYR A 1 2 ? -0.774 2.190  -1.525  1.00 0.00 ? 2 TYR A H    16 
ATOM 1611 H HA   . TYR A 1 2 ? -2.031 1.458  -4.060  1.00 0.00 ? 2 TYR A HA   16 
ATOM 1612 H HB2  . TYR A 1 2 ? -1.385 3.867  -3.446  1.00 0.00 ? 2 TYR A HB2  16 
ATOM 1613 H HB3  . TYR A 1 2 ? 0.273  3.349  -3.715  1.00 0.00 ? 2 TYR A HB3  16 
ATOM 1614 H HD1  . TYR A 1 2 ? 1.090  2.942  -5.976  1.00 0.00 ? 2 TYR A HD1  16 
ATOM 1615 H HD2  . TYR A 1 2 ? -2.957 4.020  -5.278  1.00 0.00 ? 2 TYR A HD2  16 
ATOM 1616 H HE1  . TYR A 1 2 ? 0.813  3.444  -8.369  1.00 0.00 ? 2 TYR A HE1  16 
ATOM 1617 H HE2  . TYR A 1 2 ? -3.249 4.521  -7.661  1.00 0.00 ? 2 TYR A HE2  16 
ATOM 1618 H HH   . TYR A 1 2 ? -1.046 3.556  -9.989  1.00 0.00 ? 2 TYR A HH   16 
ATOM 1619 N N    . ILE A 1 3 ? 1.154  0.889  -3.365  1.00 0.00 ? 3 ILE A N    16 
ATOM 1620 C CA   . ILE A 1 3 ? 2.248  -0.018 -3.713  1.00 0.00 ? 3 ILE A CA   16 
ATOM 1621 C C    . ILE A 1 3 ? 2.406  -1.118 -2.681  1.00 0.00 ? 3 ILE A C    16 
ATOM 1622 O O    . ILE A 1 3 ? 2.643  -2.288 -3.015  1.00 0.00 ? 3 ILE A O    16 
ATOM 1623 C CB   . ILE A 1 3 ? 3.608  0.704  -3.960  1.00 0.00 ? 3 ILE A CB   16 
ATOM 1624 C CG1  . ILE A 1 3 ? 4.020  1.581  -2.764  1.00 0.00 ? 3 ILE A CG1  16 
ATOM 1625 C CG2  . ILE A 1 3 ? 3.550  1.521  -5.239  1.00 0.00 ? 3 ILE A CG2  16 
ATOM 1626 C CD1  . ILE A 1 3 ? 5.382  2.234  -2.906  1.00 0.00 ? 3 ILE A CD1  16 
ATOM 1627 H H    . ILE A 1 3 ? 1.283  1.588  -2.684  1.00 0.00 ? 3 ILE A H    16 
ATOM 1628 H HA   . ILE A 1 3 ? 1.945  -0.499 -4.633  1.00 0.00 ? 3 ILE A HA   16 
ATOM 1629 H HB   . ILE A 1 3 ? 4.347  -0.069 -4.098  1.00 0.00 ? 3 ILE A HB   16 
ATOM 1630 H HG12 . ILE A 1 3 ? 3.291  2.367  -2.637  1.00 0.00 ? 3 ILE A HG12 16 
ATOM 1631 H HG13 . ILE A 1 3 ? 4.033  0.969  -1.874  1.00 0.00 ? 3 ILE A HG13 16 
ATOM 1632 H HG21 . ILE A 1 3 ? 4.510  1.984  -5.414  1.00 0.00 ? 3 ILE A HG21 16 
ATOM 1633 H HG22 . ILE A 1 3 ? 2.801  2.290  -5.126  1.00 0.00 ? 3 ILE A HG22 16 
ATOM 1634 H HG23 . ILE A 1 3 ? 3.295  0.882  -6.072  1.00 0.00 ? 3 ILE A HG23 16 
ATOM 1635 H HD11 . ILE A 1 3 ? 5.389  2.864  -3.783  1.00 0.00 ? 3 ILE A HD11 16 
ATOM 1636 H HD12 . ILE A 1 3 ? 6.139  1.469  -3.009  1.00 0.00 ? 3 ILE A HD12 16 
ATOM 1637 H HD13 . ILE A 1 3 ? 5.592  2.831  -2.031  1.00 0.00 ? 3 ILE A HD13 16 
ATOM 1638 N N    . THR A 1 4 ? 2.252  -0.762 -1.456  1.00 0.00 ? 4 THR A N    16 
ATOM 1639 C CA   . THR A 1 4 ? 2.330  -1.669 -0.371  1.00 0.00 ? 4 THR A CA   16 
ATOM 1640 C C    . THR A 1 4 ? 0.947  -1.665 0.272   1.00 0.00 ? 4 THR A C    16 
ATOM 1641 O O    . THR A 1 4 ? 0.347  -0.609 0.371   1.00 0.00 ? 4 THR A O    16 
ATOM 1642 C CB   . THR A 1 4 ? 3.371  -1.135 0.647   1.00 0.00 ? 4 THR A CB   16 
ATOM 1643 O OG1  . THR A 1 4 ? 4.562  -0.729 -0.054  1.00 0.00 ? 4 THR A OG1  16 
ATOM 1644 C CG2  . THR A 1 4 ? 3.740  -2.194 1.672   1.00 0.00 ? 4 THR A CG2  16 
ATOM 1645 H H    . THR A 1 4 ? 2.072  0.179  -1.218  1.00 0.00 ? 4 THR A H    16 
ATOM 1646 H HA   . THR A 1 4 ? 2.615  -2.652 -0.715  1.00 0.00 ? 4 THR A HA   16 
ATOM 1647 H HB   . THR A 1 4 ? 2.948  -0.278 1.150   1.00 0.00 ? 4 THR A HB   16 
ATOM 1648 H HG1  . THR A 1 4 ? 4.507  0.228  -0.165  1.00 0.00 ? 4 THR A HG1  16 
ATOM 1649 H HG21 . THR A 1 4 ? 4.472  -1.793 2.357   1.00 0.00 ? 4 THR A HG21 16 
ATOM 1650 H HG22 . THR A 1 4 ? 4.151  -3.057 1.168   1.00 0.00 ? 4 THR A HG22 16 
ATOM 1651 H HG23 . THR A 1 4 ? 2.857  -2.485 2.222   1.00 0.00 ? 4 THR A HG23 16 
ATOM 1652 N N    . PRO A 1 5 ? 0.396  -2.817 0.699   1.00 0.00 ? 5 PRO A N    16 
ATOM 1653 C CA   . PRO A 1 5 ? -0.939 -2.867 1.356   1.00 0.00 ? 5 PRO A CA   16 
ATOM 1654 C C    . PRO A 1 5 ? -1.025 -1.922 2.578   1.00 0.00 ? 5 PRO A C    16 
ATOM 1655 O O    . PRO A 1 5 ? -2.104 -1.452 2.962   1.00 0.00 ? 5 PRO A O    16 
ATOM 1656 C CB   . PRO A 1 5 ? -1.052 -4.324 1.803   1.00 0.00 ? 5 PRO A CB   16 
ATOM 1657 C CG   . PRO A 1 5 ? -0.184 -5.077 0.858   1.00 0.00 ? 5 PRO A CG   16 
ATOM 1658 C CD   . PRO A 1 5 ? 0.974  -4.171 0.541   1.00 0.00 ? 5 PRO A CD   16 
ATOM 1659 H HA   . PRO A 1 5 ? -1.730 -2.624 0.661   1.00 0.00 ? 5 PRO A HA   16 
ATOM 1660 H HB2  . PRO A 1 5 ? -0.710 -4.414 2.824   1.00 0.00 ? 5 PRO A HB2  16 
ATOM 1661 H HB3  . PRO A 1 5 ? -2.081 -4.645 1.733   1.00 0.00 ? 5 PRO A HB3  16 
ATOM 1662 H HG2  . PRO A 1 5 ? 0.163  -5.986 1.325   1.00 0.00 ? 5 PRO A HG2  16 
ATOM 1663 H HG3  . PRO A 1 5 ? -0.737 -5.308 -0.039  1.00 0.00 ? 5 PRO A HG3  16 
ATOM 1664 H HD2  . PRO A 1 5 ? 1.785  -4.331 1.236   1.00 0.00 ? 5 PRO A HD2  16 
ATOM 1665 H HD3  . PRO A 1 5 ? 1.307  -4.331 -0.474  1.00 0.00 ? 5 PRO A HD3  16 
ATOM 1666 N N    . LEU A 1 6 ? 0.130  -1.633 3.144   1.00 0.00 ? 6 LEU A N    16 
ATOM 1667 C CA   . LEU A 1 6 ? 0.269  -0.747 4.284   1.00 0.00 ? 6 LEU A CA   16 
ATOM 1668 C C    . LEU A 1 6 ? -0.028 0.714  3.901   1.00 0.00 ? 6 LEU A C    16 
ATOM 1669 O O    . LEU A 1 6 ? -0.489 1.490  4.729   1.00 0.00 ? 6 LEU A O    16 
ATOM 1670 C CB   . LEU A 1 6 ? 1.678  -0.889 4.858   1.00 0.00 ? 6 LEU A CB   16 
ATOM 1671 C CG   . LEU A 1 6 ? 2.056  -2.309 5.304   1.00 0.00 ? 6 LEU A CG   16 
ATOM 1672 C CD1  . LEU A 1 6 ? 3.517  -2.389 5.702   1.00 0.00 ? 6 LEU A CD1  16 
ATOM 1673 C CD2  . LEU A 1 6 ? 1.159  -2.778 6.447   1.00 0.00 ? 6 LEU A CD2  16 
ATOM 1674 H H    . LEU A 1 6 ? 0.924  -2.066 2.771   1.00 0.00 ? 6 LEU A H    16 
ATOM 1675 H HA   . LEU A 1 6 ? -0.442 -1.057 5.035   1.00 0.00 ? 6 LEU A HA   16 
ATOM 1676 H HB2  . LEU A 1 6 ? 2.382  -0.566 4.104   1.00 0.00 ? 6 LEU A HB2  16 
ATOM 1677 H HB3  . LEU A 1 6 ? 1.765  -0.234 5.713   1.00 0.00 ? 6 LEU A HB3  16 
ATOM 1678 H HG   . LEU A 1 6 ? 1.909  -2.976 4.468   1.00 0.00 ? 6 LEU A HG   16 
ATOM 1679 H HD11 . LEU A 1 6 ? 3.745  -3.392 6.030   1.00 0.00 ? 6 LEU A HD11 16 
ATOM 1680 H HD12 . LEU A 1 6 ? 3.726  -1.692 6.498   1.00 0.00 ? 6 LEU A HD12 16 
ATOM 1681 H HD13 . LEU A 1 6 ? 4.131  -2.150 4.846   1.00 0.00 ? 6 LEU A HD13 16 
ATOM 1682 H HD21 . LEU A 1 6 ? 1.458  -3.770 6.752   1.00 0.00 ? 6 LEU A HD21 16 
ATOM 1683 H HD22 . LEU A 1 6 ? 0.133  -2.806 6.114   1.00 0.00 ? 6 LEU A HD22 16 
ATOM 1684 H HD23 . LEU A 1 6 ? 1.251  -2.101 7.283   1.00 0.00 ? 6 LEU A HD23 16 
ATOM 1685 N N    . ASP A 1 7 ? 0.223  1.079  2.647   1.00 0.00 ? 7 ASP A N    16 
ATOM 1686 C CA   . ASP A 1 7 ? -0.094 2.435  2.186   1.00 0.00 ? 7 ASP A CA   16 
ATOM 1687 C C    . ASP A 1 7 ? -1.361 2.386  1.356   1.00 0.00 ? 7 ASP A C    16 
ATOM 1688 O O    . ASP A 1 7 ? -2.211 3.274  1.436   1.00 0.00 ? 7 ASP A O    16 
ATOM 1689 C CB   . ASP A 1 7 ? 1.063  3.105  1.384   1.00 0.00 ? 7 ASP A CB   16 
ATOM 1690 C CG   . ASP A 1 7 ? 1.283  2.552  -0.018  1.00 0.00 ? 7 ASP A CG   16 
ATOM 1691 O OD1  . ASP A 1 7 ? 0.693  3.078  -0.989  1.00 0.00 ? 7 ASP A OD1  16 
ATOM 1692 O OD2  . ASP A 1 7 ? 2.051  1.599  -0.174  1.00 0.00 ? 7 ASP A OD2  16 
ATOM 1693 H H    . ASP A 1 7 ? 0.601  0.434  2.013   1.00 0.00 ? 7 ASP A H    16 
ATOM 1694 H HA   . ASP A 1 7 ? -0.308 3.018  3.071   1.00 0.00 ? 7 ASP A HA   16 
ATOM 1695 H HB2  . ASP A 1 7 ? 0.857  4.161  1.289   1.00 0.00 ? 7 ASP A HB2  16 
ATOM 1696 H HB3  . ASP A 1 7 ? 1.979  2.986  1.946   1.00 0.00 ? 7 ASP A HB3  16 
ATOM 1697 N N    . GLY A 1 1 ? -1.488 1.430  0.629   1.00 0.00 ? 1 GLY A N    17 
ATOM 1698 C CA   . GLY A 1 1 ? -2.706 1.269  -0.098  1.00 0.00 ? 1 GLY A CA   17 
ATOM 1699 C C    . GLY A 1 1 ? -2.469 0.984  -1.558  1.00 0.00 ? 1 GLY A C    17 
ATOM 1700 O O    . GLY A 1 1 ? -3.217 0.220  -2.183  1.00 0.00 ? 1 GLY A O    17 
ATOM 1701 H H1   . GLY A 1 1 ? -0.788 0.745  0.546   1.00 0.00 ? 1 GLY A H1   17 
ATOM 1702 H HA2  . GLY A 1 1 ? -3.264 0.454  0.338   1.00 0.00 ? 1 GLY A HA2  17 
ATOM 1703 H HA3  . GLY A 1 1 ? -3.285 2.175  -0.008  1.00 0.00 ? 1 GLY A HA3  17 
ATOM 1704 N N    . TYR A 1 2 ? -1.428 1.554  -2.111  1.00 0.00 ? 2 TYR A N    17 
ATOM 1705 C CA   . TYR A 1 2 ? -1.190 1.431  -3.521  1.00 0.00 ? 2 TYR A CA   17 
ATOM 1706 C C    . TYR A 1 2 ? 0.043  0.571  -3.813  1.00 0.00 ? 2 TYR A C    17 
ATOM 1707 O O    . TYR A 1 2 ? -0.063 -0.484 -4.449  1.00 0.00 ? 2 TYR A O    17 
ATOM 1708 C CB   . TYR A 1 2 ? -1.049 2.824  -4.144  1.00 0.00 ? 2 TYR A CB   17 
ATOM 1709 C CG   . TYR A 1 2 ? -1.124 2.847  -5.652  1.00 0.00 ? 2 TYR A CG   17 
ATOM 1710 C CD1  . TYR A 1 2 ? -2.352 2.808  -6.287  1.00 0.00 ? 2 TYR A CD1  17 
ATOM 1711 C CD2  . TYR A 1 2 ? 0.017  2.927  -6.438  1.00 0.00 ? 2 TYR A CD2  17 
ATOM 1712 C CE1  . TYR A 1 2 ? -2.448 2.848  -7.656  1.00 0.00 ? 2 TYR A CE1  17 
ATOM 1713 C CE2  . TYR A 1 2 ? -0.068 2.966  -7.816  1.00 0.00 ? 2 TYR A CE2  17 
ATOM 1714 C CZ   . TYR A 1 2 ? -1.308 2.927  -8.419  1.00 0.00 ? 2 TYR A CZ   17 
ATOM 1715 O OH   . TYR A 1 2 ? -1.411 2.973  -9.798  1.00 0.00 ? 2 TYR A OH   17 
ATOM 1716 H H    . TYR A 1 2 ? -0.787 2.072  -1.563  1.00 0.00 ? 2 TYR A H    17 
ATOM 1717 H HA   . TYR A 1 2 ? -2.054 0.953  -3.957  1.00 0.00 ? 2 TYR A HA   17 
ATOM 1718 H HB2  . TYR A 1 2 ? -1.837 3.460  -3.768  1.00 0.00 ? 2 TYR A HB2  17 
ATOM 1719 H HB3  . TYR A 1 2 ? -0.096 3.239  -3.850  1.00 0.00 ? 2 TYR A HB3  17 
ATOM 1720 H HD1  . TYR A 1 2 ? -3.250 2.745  -5.689  1.00 0.00 ? 2 TYR A HD1  17 
ATOM 1721 H HD2  . TYR A 1 2 ? 0.985  2.956  -5.959  1.00 0.00 ? 2 TYR A HD2  17 
ATOM 1722 H HE1  . TYR A 1 2 ? -3.418 2.815  -8.129  1.00 0.00 ? 2 TYR A HE1  17 
ATOM 1723 H HE2  . TYR A 1 2 ? 0.828  3.028  -8.413  1.00 0.00 ? 2 TYR A HE2  17 
ATOM 1724 H HH   . TYR A 1 2 ? -2.095 3.632  -9.983  1.00 0.00 ? 2 TYR A HH   17 
ATOM 1725 N N    . ILE A 1 3 ? 1.195  0.982  -3.327  1.00 0.00 ? 3 ILE A N    17 
ATOM 1726 C CA   . ILE A 1 3 ? 2.432  0.261  -3.639  1.00 0.00 ? 3 ILE A CA   17 
ATOM 1727 C C    . ILE A 1 3 ? 2.553  -0.965 -2.743  1.00 0.00 ? 3 ILE A C    17 
ATOM 1728 O O    . ILE A 1 3 ? 2.902  -2.061 -3.191  1.00 0.00 ? 3 ILE A O    17 
ATOM 1729 C CB   . ILE A 1 3 ? 3.688  1.179  -3.445  1.00 0.00 ? 3 ILE A CB   17 
ATOM 1730 C CG1  . ILE A 1 3 ? 3.617  2.416  -4.363  1.00 0.00 ? 3 ILE A CG1  17 
ATOM 1731 C CG2  . ILE A 1 3 ? 4.995  0.409  -3.673  1.00 0.00 ? 3 ILE A CG2  17 
ATOM 1732 C CD1  . ILE A 1 3 ? 3.608  2.103  -5.851  1.00 0.00 ? 3 ILE A CD1  17 
ATOM 1733 H H    . ILE A 1 3 ? 1.209  1.760  -2.722  1.00 0.00 ? 3 ILE A H    17 
ATOM 1734 H HA   . ILE A 1 3 ? 2.386  -0.062 -4.668  1.00 0.00 ? 3 ILE A HA   17 
ATOM 1735 H HB   . ILE A 1 3 ? 3.686  1.513  -2.418  1.00 0.00 ? 3 ILE A HB   17 
ATOM 1736 H HG12 . ILE A 1 3 ? 2.710  2.957  -4.148  1.00 0.00 ? 3 ILE A HG12 17 
ATOM 1737 H HG13 . ILE A 1 3 ? 4.465  3.054  -4.161  1.00 0.00 ? 3 ILE A HG13 17 
ATOM 1738 H HG21 . ILE A 1 3 ? 5.059  -0.410 -2.971  1.00 0.00 ? 3 ILE A HG21 17 
ATOM 1739 H HG22 . ILE A 1 3 ? 5.836  1.073  -3.529  1.00 0.00 ? 3 ILE A HG22 17 
ATOM 1740 H HG23 . ILE A 1 3 ? 5.014  0.022  -4.682  1.00 0.00 ? 3 ILE A HG23 17 
ATOM 1741 H HD11 . ILE A 1 3 ? 2.746  1.498  -6.091  1.00 0.00 ? 3 ILE A HD11 17 
ATOM 1742 H HD12 . ILE A 1 3 ? 4.507  1.566  -6.110  1.00 0.00 ? 3 ILE A HD12 17 
ATOM 1743 H HD13 . ILE A 1 3 ? 3.566  3.027  -6.409  1.00 0.00 ? 3 ILE A HD13 17 
ATOM 1744 N N    . THR A 1 4 ? 2.200  -0.778 -1.519  1.00 0.00 ? 4 THR A N    17 
ATOM 1745 C CA   . THR A 1 4 ? 2.238  -1.785 -0.511  1.00 0.00 ? 4 THR A CA   17 
ATOM 1746 C C    . THR A 1 4 ? 0.886  -1.742 0.208   1.00 0.00 ? 4 THR A C    17 
ATOM 1747 O O    . THR A 1 4 ? 0.315  -0.662 0.348   1.00 0.00 ? 4 THR A O    17 
ATOM 1748 C CB   . THR A 1 4 ? 3.381  -1.435 0.477   1.00 0.00 ? 4 THR A CB   17 
ATOM 1749 O OG1  . THR A 1 4 ? 4.588  -1.193 -0.271  1.00 0.00 ? 4 THR A OG1  17 
ATOM 1750 C CG2  . THR A 1 4 ? 3.640  -2.546 1.492   1.00 0.00 ? 4 THR A CG2  17 
ATOM 1751 H H    . THR A 1 4 ? 1.918  0.121  -1.220  1.00 0.00 ? 4 THR A H    17 
ATOM 1752 H HA   . THR A 1 4 ? 2.419  -2.750 -0.956  1.00 0.00 ? 4 THR A HA   17 
ATOM 1753 H HB   . THR A 1 4 ? 3.104  -0.527 0.991   1.00 0.00 ? 4 THR A HB   17 
ATOM 1754 H HG1  . THR A 1 4 ? 4.645  -0.230 -0.340  1.00 0.00 ? 4 THR A HG1  17 
ATOM 1755 H HG21 . THR A 1 4 ? 2.742  -2.728 2.062   1.00 0.00 ? 4 THR A HG21 17 
ATOM 1756 H HG22 . THR A 1 4 ? 4.435  -2.244 2.159   1.00 0.00 ? 4 THR A HG22 17 
ATOM 1757 H HG23 . THR A 1 4 ? 3.932  -3.448 0.976   1.00 0.00 ? 4 THR A HG23 17 
ATOM 1758 N N    . PRO A 1 5 ? 0.319  -2.894 0.633   1.00 0.00 ? 5 PRO A N    17 
ATOM 1759 C CA   . PRO A 1 5 ? -0.976 -2.941 1.354   1.00 0.00 ? 5 PRO A CA   17 
ATOM 1760 C C    . PRO A 1 5 ? -1.023 -2.063 2.641   1.00 0.00 ? 5 PRO A C    17 
ATOM 1761 O O    . PRO A 1 5 ? -2.084 -1.861 3.222   1.00 0.00 ? 5 PRO A O    17 
ATOM 1762 C CB   . PRO A 1 5 ? -1.148 -4.430 1.713   1.00 0.00 ? 5 PRO A CB   17 
ATOM 1763 C CG   . PRO A 1 5 ? 0.198  -5.043 1.502   1.00 0.00 ? 5 PRO A CG   17 
ATOM 1764 C CD   . PRO A 1 5 ? 0.843  -4.254 0.405   1.00 0.00 ? 5 PRO A CD   17 
ATOM 1765 H HA   . PRO A 1 5 ? -1.780 -2.634 0.702   1.00 0.00 ? 5 PRO A HA   17 
ATOM 1766 H HB2  . PRO A 1 5 ? -1.466 -4.518 2.740   1.00 0.00 ? 5 PRO A HB2  17 
ATOM 1767 H HB3  . PRO A 1 5 ? -1.889 -4.875 1.064   1.00 0.00 ? 5 PRO A HB3  17 
ATOM 1768 H HG2  . PRO A 1 5 ? 0.781  -4.969 2.409   1.00 0.00 ? 5 PRO A HG2  17 
ATOM 1769 H HG3  . PRO A 1 5 ? 0.091  -6.077 1.210   1.00 0.00 ? 5 PRO A HG3  17 
ATOM 1770 H HD2  . PRO A 1 5 ? 1.918  -4.283 0.503   1.00 0.00 ? 5 PRO A HD2  17 
ATOM 1771 H HD3  . PRO A 1 5 ? 0.539  -4.627 -0.561  1.00 0.00 ? 5 PRO A HD3  17 
ATOM 1772 N N    . LEU A 1 6 ? 0.119  -1.552 3.075   1.00 0.00 ? 6 LEU A N    17 
ATOM 1773 C CA   . LEU A 1 6 ? 0.148  -0.693 4.241   1.00 0.00 ? 6 LEU A CA   17 
ATOM 1774 C C    . LEU A 1 6 ? -0.104 0.766  3.843   1.00 0.00 ? 6 LEU A C    17 
ATOM 1775 O O    . LEU A 1 6 ? -0.708 1.533  4.604   1.00 0.00 ? 6 LEU A O    17 
ATOM 1776 C CB   . LEU A 1 6 ? 1.479  -0.832 4.983   1.00 0.00 ? 6 LEU A CB   17 
ATOM 1777 C CG   . LEU A 1 6 ? 1.811  -2.233 5.513   1.00 0.00 ? 6 LEU A CG   17 
ATOM 1778 C CD1  . LEU A 1 6 ? 3.190  -2.246 6.148   1.00 0.00 ? 6 LEU A CD1  17 
ATOM 1779 C CD2  . LEU A 1 6 ? 0.761  -2.698 6.517   1.00 0.00 ? 6 LEU A CD2  17 
ATOM 1780 H H    . LEU A 1 6 ? 0.945  -1.757 2.594   1.00 0.00 ? 6 LEU A H    17 
ATOM 1781 H HA   . LEU A 1 6 ? -0.653 -1.013 4.893   1.00 0.00 ? 6 LEU A HA   17 
ATOM 1782 H HB2  . LEU A 1 6 ? 2.268  -0.547 4.305   1.00 0.00 ? 6 LEU A HB2  17 
ATOM 1783 H HB3  . LEU A 1 6 ? 1.477  -0.149 5.818   1.00 0.00 ? 6 LEU A HB3  17 
ATOM 1784 H HG   . LEU A 1 6 ? 1.813  -2.919 4.679   1.00 0.00 ? 6 LEU A HG   17 
ATOM 1785 H HD11 . LEU A 1 6 ? 3.929  -1.965 5.411   1.00 0.00 ? 6 LEU A HD11 17 
ATOM 1786 H HD12 . LEU A 1 6 ? 3.408  -3.237 6.517   1.00 0.00 ? 6 LEU A HD12 17 
ATOM 1787 H HD13 . LEU A 1 6 ? 3.218  -1.544 6.968   1.00 0.00 ? 6 LEU A HD13 17 
ATOM 1788 H HD21 . LEU A 1 6 ? 1.032  -3.674 6.891   1.00 0.00 ? 6 LEU A HD21 17 
ATOM 1789 H HD22 . LEU A 1 6 ? -0.201 -2.760 6.031   1.00 0.00 ? 6 LEU A HD22 17 
ATOM 1790 H HD23 . LEU A 1 6 ? 0.710  -2.000 7.338   1.00 0.00 ? 6 LEU A HD23 17 
ATOM 1791 N N    . ASP A 1 7 ? 0.299  1.140  2.629   1.00 0.00 ? 7 ASP A N    17 
ATOM 1792 C CA   . ASP A 1 7 ? 0.031  2.490  2.136   1.00 0.00 ? 7 ASP A CA   17 
ATOM 1793 C C    . ASP A 1 7 ? -1.276 2.481  1.387   1.00 0.00 ? 7 ASP A C    17 
ATOM 1794 O O    . ASP A 1 7 ? -2.108 3.380  1.555   1.00 0.00 ? 7 ASP A O    17 
ATOM 1795 C CB   . ASP A 1 7 ? 1.170  3.095  1.255   1.00 0.00 ? 7 ASP A CB   17 
ATOM 1796 C CG   . ASP A 1 7 ? 1.379  2.422  -0.094  1.00 0.00 ? 7 ASP A CG   17 
ATOM 1797 O OD1  . ASP A 1 7 ? 0.722  2.799  -1.079  1.00 0.00 ? 7 ASP A OD1  17 
ATOM 1798 O OD2  . ASP A 1 7 ? 2.220  1.531  -0.194  1.00 0.00 ? 7 ASP A OD2  17 
ATOM 1799 H H    . ASP A 1 7 ? 0.789  0.509  2.058   1.00 0.00 ? 7 ASP A H    17 
ATOM 1800 H HA   . ASP A 1 7 ? -0.109 3.100  3.016   1.00 0.00 ? 7 ASP A HA   17 
ATOM 1801 H HB2  . ASP A 1 7 ? 0.943  4.133  1.064   1.00 0.00 ? 7 ASP A HB2  17 
ATOM 1802 H HB3  . ASP A 1 7 ? 2.096  3.049  1.810   1.00 0.00 ? 7 ASP A HB3  17 
ATOM 1803 N N    . GLY A 1 1 ? -1.545 1.225  0.576   1.00 0.00 ? 1 GLY A N    18 
ATOM 1804 C CA   . GLY A 1 1 ? -2.708 1.004  -0.227  1.00 0.00 ? 1 GLY A CA   18 
ATOM 1805 C C    . GLY A 1 1 ? -2.401 0.982  -1.698  1.00 0.00 ? 1 GLY A C    18 
ATOM 1806 O O    . GLY A 1 1 ? -3.068 0.280  -2.463  1.00 0.00 ? 1 GLY A O    18 
ATOM 1807 H H1   . GLY A 1 1 ? -0.846 0.533  0.610   1.00 0.00 ? 1 GLY A H1   18 
ATOM 1808 H HA2  . GLY A 1 1 ? -3.147 0.056  0.047   1.00 0.00 ? 1 GLY A HA2  18 
ATOM 1809 H HA3  . GLY A 1 1 ? -3.422 1.789  -0.033  1.00 0.00 ? 1 GLY A HA3  18 
ATOM 1810 N N    . TYR A 1 2 ? -1.387 1.699  -2.097  1.00 0.00 ? 2 TYR A N    18 
ATOM 1811 C CA   . TYR A 1 2 ? -1.048 1.807  -3.490  1.00 0.00 ? 2 TYR A CA   18 
ATOM 1812 C C    . TYR A 1 2 ? 0.052  0.829  -3.859  1.00 0.00 ? 2 TYR A C    18 
ATOM 1813 O O    . TYR A 1 2 ? -0.188 -0.122 -4.603  1.00 0.00 ? 2 TYR A O    18 
ATOM 1814 C CB   . TYR A 1 2 ? -0.673 3.253  -3.839  1.00 0.00 ? 2 TYR A CB   18 
ATOM 1815 C CG   . TYR A 1 2 ? -0.298 3.497  -5.288  1.00 0.00 ? 2 TYR A CG   18 
ATOM 1816 C CD1  . TYR A 1 2 ? -1.207 3.282  -6.317  1.00 0.00 ? 2 TYR A CD1  18 
ATOM 1817 C CD2  . TYR A 1 2 ? 0.954  3.974  -5.619  1.00 0.00 ? 2 TYR A CD2  18 
ATOM 1818 C CE1  . TYR A 1 2 ? -0.868 3.538  -7.631  1.00 0.00 ? 2 TYR A CE1  18 
ATOM 1819 C CE2  . TYR A 1 2 ? 1.303  4.227  -6.924  1.00 0.00 ? 2 TYR A CE2  18 
ATOM 1820 C CZ   . TYR A 1 2 ? 0.391  4.009  -7.928  1.00 0.00 ? 2 TYR A CZ   18 
ATOM 1821 O OH   . TYR A 1 2 ? 0.735  4.281  -9.238  1.00 0.00 ? 2 TYR A OH   18 
ATOM 1822 H H    . TYR A 1 2 ? -0.809 2.173  -1.453  1.00 0.00 ? 2 TYR A H    18 
ATOM 1823 H HA   . TYR A 1 2 ? -1.932 1.539  -4.049  1.00 0.00 ? 2 TYR A HA   18 
ATOM 1824 H HB2  . TYR A 1 2 ? -1.508 3.896  -3.608  1.00 0.00 ? 2 TYR A HB2  18 
ATOM 1825 H HB3  . TYR A 1 2 ? 0.165  3.544  -3.225  1.00 0.00 ? 2 TYR A HB3  18 
ATOM 1826 H HD1  . TYR A 1 2 ? -2.192 2.911  -6.080  1.00 0.00 ? 2 TYR A HD1  18 
ATOM 1827 H HD2  . TYR A 1 2 ? 1.670  4.144  -4.828  1.00 0.00 ? 2 TYR A HD2  18 
ATOM 1828 H HE1  . TYR A 1 2 ? -1.588 3.364  -8.418  1.00 0.00 ? 2 TYR A HE1  18 
ATOM 1829 H HE2  . TYR A 1 2 ? 2.290  4.597  -7.151  1.00 0.00 ? 2 TYR A HE2  18 
ATOM 1830 H HH   . TYR A 1 2 ? -0.025 4.724  -9.638  1.00 0.00 ? 2 TYR A HH   18 
ATOM 1831 N N    . ILE A 1 3 ? 1.241  1.019  -3.325  1.00 0.00 ? 3 ILE A N    18 
ATOM 1832 C CA   . ILE A 1 3 ? 2.339  0.132  -3.681  1.00 0.00 ? 3 ILE A CA   18 
ATOM 1833 C C    . ILE A 1 3 ? 2.417  -1.054 -2.750  1.00 0.00 ? 3 ILE A C    18 
ATOM 1834 O O    . ILE A 1 3 ? 2.619  -2.184 -3.188  1.00 0.00 ? 3 ILE A O    18 
ATOM 1835 C CB   . ILE A 1 3 ? 3.718  0.846  -3.821  1.00 0.00 ? 3 ILE A CB   18 
ATOM 1836 C CG1  . ILE A 1 3 ? 4.050  1.699  -2.583  1.00 0.00 ? 3 ILE A CG1  18 
ATOM 1837 C CG2  . ILE A 1 3 ? 3.764  1.673  -5.098  1.00 0.00 ? 3 ILE A CG2  18 
ATOM 1838 C CD1  . ILE A 1 3 ? 5.379  2.431  -2.663  1.00 0.00 ? 3 ILE A CD1  18 
ATOM 1839 H H    . ILE A 1 3 ? 1.361  1.742  -2.664  1.00 0.00 ? 3 ILE A H    18 
ATOM 1840 H HA   . ILE A 1 3 ? 2.068  -0.272 -4.646  1.00 0.00 ? 3 ILE A HA   18 
ATOM 1841 H HB   . ILE A 1 3 ? 4.463  0.068  -3.922  1.00 0.00 ? 3 ILE A HB   18 
ATOM 1842 H HG12 . ILE A 1 3 ? 3.276  2.439  -2.450  1.00 0.00 ? 3 ILE A HG12 18 
ATOM 1843 H HG13 . ILE A 1 3 ? 4.071  1.058  -1.713  1.00 0.00 ? 3 ILE A HG13 18 
ATOM 1844 H HG21 . ILE A 1 3 ? 2.978  2.413  -5.077  1.00 0.00 ? 3 ILE A HG21 18 
ATOM 1845 H HG22 . ILE A 1 3 ? 3.632  1.029  -5.953  1.00 0.00 ? 3 ILE A HG22 18 
ATOM 1846 H HG23 . ILE A 1 3 ? 4.721  2.169  -5.166  1.00 0.00 ? 3 ILE A HG23 18 
ATOM 1847 H HD11 . ILE A 1 3 ? 5.361  3.112  -3.501  1.00 0.00 ? 3 ILE A HD11 18 
ATOM 1848 H HD12 . ILE A 1 3 ? 6.174  1.715  -2.805  1.00 0.00 ? 3 ILE A HD12 18 
ATOM 1849 H HD13 . ILE A 1 3 ? 5.545  2.982  -1.751  1.00 0.00 ? 3 ILE A HD13 18 
ATOM 1850 N N    . THR A 1 4 ? 2.193  -0.819 -1.493  1.00 0.00 ? 4 THR A N    18 
ATOM 1851 C CA   . THR A 1 4 ? 2.175  -1.870 -0.518  1.00 0.00 ? 4 THR A CA   18 
ATOM 1852 C C    . THR A 1 4 ? 0.880  -1.757 0.268   1.00 0.00 ? 4 THR A C    18 
ATOM 1853 O O    . THR A 1 4 ? 0.392  -0.652 0.453   1.00 0.00 ? 4 THR A O    18 
ATOM 1854 C CB   . THR A 1 4 ? 3.398  -1.787 0.448   1.00 0.00 ? 4 THR A CB   18 
ATOM 1855 O OG1  . THR A 1 4 ? 3.461  -0.497 1.080   1.00 0.00 ? 4 THR A OG1  18 
ATOM 1856 C CG2  . THR A 1 4 ? 4.705  -2.053 -0.286  1.00 0.00 ? 4 THR A CG2  18 
ATOM 1857 H H    . THR A 1 4 ? 2.025  0.099  -1.175  1.00 0.00 ? 4 THR A H    18 
ATOM 1858 H HA   . THR A 1 4 ? 2.194  -2.813 -1.043  1.00 0.00 ? 4 THR A HA   18 
ATOM 1859 H HB   . THR A 1 4 ? 3.268  -2.536 1.215   1.00 0.00 ? 4 THR A HB   18 
ATOM 1860 H HG1  . THR A 1 4 ? 3.000  0.161  0.529   1.00 0.00 ? 4 THR A HG1  18 
ATOM 1861 H HG21 . THR A 1 4 ? 4.683  -3.045 -0.713  1.00 0.00 ? 4 THR A HG21 18 
ATOM 1862 H HG22 . THR A 1 4 ? 5.530  -1.978 0.407   1.00 0.00 ? 4 THR A HG22 18 
ATOM 1863 H HG23 . THR A 1 4 ? 4.828  -1.325 -1.074  1.00 0.00 ? 4 THR A HG23 18 
ATOM 1864 N N    . PRO A 1 5 ? 0.253  -2.877 0.659   1.00 0.00 ? 5 PRO A N    18 
ATOM 1865 C CA   . PRO A 1 5 ? -0.970 -2.884 1.488   1.00 0.00 ? 5 PRO A CA   18 
ATOM 1866 C C    . PRO A 1 5 ? -0.954 -1.887 2.674   1.00 0.00 ? 5 PRO A C    18 
ATOM 1867 O O    . PRO A 1 5 ? -2.003 -1.376 3.061   1.00 0.00 ? 5 PRO A O    18 
ATOM 1868 C CB   . PRO A 1 5 ? -1.029 -4.318 1.989   1.00 0.00 ? 5 PRO A CB   18 
ATOM 1869 C CG   . PRO A 1 5 ? -0.460 -5.106 0.867   1.00 0.00 ? 5 PRO A CG   18 
ATOM 1870 C CD   . PRO A 1 5 ? 0.628  -4.250 0.262   1.00 0.00 ? 5 PRO A CD   18 
ATOM 1871 H HA   . PRO A 1 5 ? -1.843 -2.683 0.884   1.00 0.00 ? 5 PRO A HA   18 
ATOM 1872 H HB2  . PRO A 1 5 ? -0.437 -4.409 2.888   1.00 0.00 ? 5 PRO A HB2  18 
ATOM 1873 H HB3  . PRO A 1 5 ? -2.051 -4.598 2.191   1.00 0.00 ? 5 PRO A HB3  18 
ATOM 1874 H HG2  . PRO A 1 5 ? -0.049 -6.035 1.235   1.00 0.00 ? 5 PRO A HG2  18 
ATOM 1875 H HG3  . PRO A 1 5 ? -1.228 -5.304 0.134   1.00 0.00 ? 5 PRO A HG3  18 
ATOM 1876 H HD2  . PRO A 1 5 ? 1.600  -4.520 0.643   1.00 0.00 ? 5 PRO A HD2  18 
ATOM 1877 H HD3  . PRO A 1 5 ? 0.609  -4.346 -0.813  1.00 0.00 ? 5 PRO A HD3  18 
ATOM 1878 N N    . LEU A 1 6 ? 0.232  -1.599 3.230   1.00 0.00 ? 6 LEU A N    18 
ATOM 1879 C CA   . LEU A 1 6 ? 0.346  -0.625 4.331   1.00 0.00 ? 6 LEU A CA   18 
ATOM 1880 C C    . LEU A 1 6 ? -0.020 0.786  3.880   1.00 0.00 ? 6 LEU A C    18 
ATOM 1881 O O    . LEU A 1 6 ? -0.544 1.580  4.660   1.00 0.00 ? 6 LEU A O    18 
ATOM 1882 C CB   . LEU A 1 6 ? 1.757  -0.606 4.923   1.00 0.00 ? 6 LEU A CB   18 
ATOM 1883 C CG   . LEU A 1 6 ? 2.208  -1.859 5.654   1.00 0.00 ? 6 LEU A CG   18 
ATOM 1884 C CD1  . LEU A 1 6 ? 3.656  -1.725 6.088   1.00 0.00 ? 6 LEU A CD1  18 
ATOM 1885 C CD2  . LEU A 1 6 ? 1.325  -2.130 6.861   1.00 0.00 ? 6 LEU A CD2  18 
ATOM 1886 H H    . LEU A 1 6 ? 1.029  -2.068 2.898   1.00 0.00 ? 6 LEU A H    18 
ATOM 1887 H HA   . LEU A 1 6 ? -0.347 -0.924 5.102   1.00 0.00 ? 6 LEU A HA   18 
ATOM 1888 H HB2  . LEU A 1 6 ? 2.450  -0.429 4.114   1.00 0.00 ? 6 LEU A HB2  18 
ATOM 1889 H HB3  . LEU A 1 6 ? 1.820  0.225  5.609   1.00 0.00 ? 6 LEU A HB3  18 
ATOM 1890 H HG   . LEU A 1 6 ? 2.108  -2.682 4.964   1.00 0.00 ? 6 LEU A HG   18 
ATOM 1891 H HD11 . LEU A 1 6 ? 3.755  -0.883 6.755   1.00 0.00 ? 6 LEU A HD11 18 
ATOM 1892 H HD12 . LEU A 1 6 ? 4.278  -1.571 5.218   1.00 0.00 ? 6 LEU A HD12 18 
ATOM 1893 H HD13 . LEU A 1 6 ? 3.965  -2.627 6.596   1.00 0.00 ? 6 LEU A HD13 18 
ATOM 1894 H HD21 . LEU A 1 6 ? 1.332  -1.270 7.513   1.00 0.00 ? 6 LEU A HD21 18 
ATOM 1895 H HD22 . LEU A 1 6 ? 1.708  -2.984 7.399   1.00 0.00 ? 6 LEU A HD22 18 
ATOM 1896 H HD23 . LEU A 1 6 ? 0.316  -2.334 6.539   1.00 0.00 ? 6 LEU A HD23 18 
ATOM 1897 N N    . ASP A 1 7 ? 0.213  1.086  2.629   1.00 0.00 ? 7 ASP A N    18 
ATOM 1898 C CA   . ASP A 1 7 ? -0.129 2.412  2.102   1.00 0.00 ? 7 ASP A CA   18 
ATOM 1899 C C    . ASP A 1 7 ? -1.374 2.339  1.238   1.00 0.00 ? 7 ASP A C    18 
ATOM 1900 O O    . ASP A 1 7 ? -2.169 3.283  1.187   1.00 0.00 ? 7 ASP A O    18 
ATOM 1901 C CB   . ASP A 1 7 ? 1.030  3.072  1.326   1.00 0.00 ? 7 ASP A CB   18 
ATOM 1902 C CG   . ASP A 1 7 ? 1.382  2.401  0.017   1.00 0.00 ? 7 ASP A CG   18 
ATOM 1903 O OD1  . ASP A 1 7 ? 0.855  2.792  -1.029  1.00 0.00 ? 7 ASP A OD1  18 
ATOM 1904 O OD2  . ASP A 1 7 ? 2.216  1.487  0.012   1.00 0.00 ? 7 ASP A OD2  18 
ATOM 1905 H H    . ASP A 1 7 ? 0.622  0.399  2.054   1.00 0.00 ? 7 ASP A H    18 
ATOM 1906 H HA   . ASP A 1 7 ? -0.371 3.022  2.960   1.00 0.00 ? 7 ASP A HA   18 
ATOM 1907 H HB2  . ASP A 1 7 ? 0.755  4.091  1.102   1.00 0.00 ? 7 ASP A HB2  18 
ATOM 1908 H HB3  . ASP A 1 7 ? 1.907  3.080  1.958   1.00 0.00 ? 7 ASP A HB3  18 
ATOM 1909 N N    . GLY A 1 1 ? -1.564 1.316  0.528   1.00 0.00 ? 1 GLY A N    19 
ATOM 1910 C CA   . GLY A 1 1 ? -2.759 1.176  -0.253  1.00 0.00 ? 1 GLY A CA   19 
ATOM 1911 C C    . GLY A 1 1 ? -2.479 1.111  -1.723  1.00 0.00 ? 1 GLY A C    19 
ATOM 1912 O O    . GLY A 1 1 ? -3.222 0.486  -2.475  1.00 0.00 ? 1 GLY A O    19 
ATOM 1913 H H1   . GLY A 1 1 ? -0.882 0.608  0.504   1.00 0.00 ? 1 GLY A H1   19 
ATOM 1914 H HA2  . GLY A 1 1 ? -3.272 0.275  0.047   1.00 0.00 ? 1 GLY A HA2  19 
ATOM 1915 H HA3  . GLY A 1 1 ? -3.399 2.025  -0.060  1.00 0.00 ? 1 GLY A HA3  19 
ATOM 1916 N N    . TYR A 1 2 ? -1.411 1.734  -2.142  1.00 0.00 ? 2 TYR A N    19 
ATOM 1917 C CA   . TYR A 1 2 ? -1.063 1.765  -3.536  1.00 0.00 ? 2 TYR A CA   19 
ATOM 1918 C C    . TYR A 1 2 ? 0.008  0.749  -3.842  1.00 0.00 ? 2 TYR A C    19 
ATOM 1919 O O    . TYR A 1 2 ? -0.240 -0.243 -4.532  1.00 0.00 ? 2 TYR A O    19 
ATOM 1920 C CB   . TYR A 1 2 ? -0.573 3.157  -3.965  1.00 0.00 ? 2 TYR A CB   19 
ATOM 1921 C CG   . TYR A 1 2 ? -1.576 4.279  -3.821  1.00 0.00 ? 2 TYR A CG   19 
ATOM 1922 C CD1  . TYR A 1 2 ? -1.536 5.140  -2.730  1.00 0.00 ? 2 TYR A CD1  19 
ATOM 1923 C CD2  . TYR A 1 2 ? -2.546 4.494  -4.787  1.00 0.00 ? 2 TYR A CD2  19 
ATOM 1924 C CE1  . TYR A 1 2 ? -2.434 6.183  -2.613  1.00 0.00 ? 2 TYR A CE1  19 
ATOM 1925 C CE2  . TYR A 1 2 ? -3.449 5.527  -4.676  1.00 0.00 ? 2 TYR A CE2  19 
ATOM 1926 C CZ   . TYR A 1 2 ? -3.389 6.372  -3.591  1.00 0.00 ? 2 TYR A CZ   19 
ATOM 1927 O OH   . TYR A 1 2 ? -4.291 7.417  -3.478  1.00 0.00 ? 2 TYR A OH   19 
ATOM 1928 H H    . TYR A 1 2 ? -0.803 2.182  -1.508  1.00 0.00 ? 2 TYR A H    19 
ATOM 1929 H HA   . TYR A 1 2 ? -1.942 1.522  -4.112  1.00 0.00 ? 2 TYR A HA   19 
ATOM 1930 H HB2  . TYR A 1 2 ? 0.288  3.417  -3.368  1.00 0.00 ? 2 TYR A HB2  19 
ATOM 1931 H HB3  . TYR A 1 2 ? -0.271 3.108  -5.002  1.00 0.00 ? 2 TYR A HB3  19 
ATOM 1932 H HD1  . TYR A 1 2 ? -0.787 4.988  -1.967  1.00 0.00 ? 2 TYR A HD1  19 
ATOM 1933 H HD2  . TYR A 1 2 ? -2.590 3.828  -5.637  1.00 0.00 ? 2 TYR A HD2  19 
ATOM 1934 H HE1  . TYR A 1 2 ? -2.389 6.843  -1.759  1.00 0.00 ? 2 TYR A HE1  19 
ATOM 1935 H HE2  . TYR A 1 2 ? -4.196 5.674  -5.442  1.00 0.00 ? 2 TYR A HE2  19 
ATOM 1936 H HH   . TYR A 1 2 ? -3.768 8.219  -3.334  1.00 0.00 ? 2 TYR A HH   19 
ATOM 1937 N N    . ILE A 1 3 ? 1.176  0.956  -3.287  1.00 0.00 ? 3 ILE A N    19 
ATOM 1938 C CA   . ILE A 1 3 ? 2.333  0.147  -3.643  1.00 0.00 ? 3 ILE A CA   19 
ATOM 1939 C C    . ILE A 1 3 ? 2.456  -1.049 -2.715  1.00 0.00 ? 3 ILE A C    19 
ATOM 1940 O O    . ILE A 1 3 ? 2.745  -2.171 -3.148  1.00 0.00 ? 3 ILE A O    19 
ATOM 1941 C CB   . ILE A 1 3 ? 3.635  0.998  -3.570  1.00 0.00 ? 3 ILE A CB   19 
ATOM 1942 C CG1  . ILE A 1 3 ? 3.499  2.296  -4.397  1.00 0.00 ? 3 ILE A CG1  19 
ATOM 1943 C CG2  . ILE A 1 3 ? 4.855  0.195  -4.024  1.00 0.00 ? 3 ILE A CG2  19 
ATOM 1944 C CD1  . ILE A 1 3 ? 3.202  2.087  -5.867  1.00 0.00 ? 3 ILE A CD1  19 
ATOM 1945 H H    . ILE A 1 3 ? 1.249  1.658  -2.597  1.00 0.00 ? 3 ILE A H    19 
ATOM 1946 H HA   . ILE A 1 3 ? 2.209  -0.201 -4.657  1.00 0.00 ? 3 ILE A HA   19 
ATOM 1947 H HB   . ILE A 1 3 ? 3.785  1.264  -2.535  1.00 0.00 ? 3 ILE A HB   19 
ATOM 1948 H HG12 . ILE A 1 3 ? 2.699  2.895  -3.989  1.00 0.00 ? 3 ILE A HG12 19 
ATOM 1949 H HG13 . ILE A 1 3 ? 4.421  2.852  -4.325  1.00 0.00 ? 3 ILE A HG13 19 
ATOM 1950 H HG21 . ILE A 1 3 ? 5.740  0.809  -3.948  1.00 0.00 ? 3 ILE A HG21 19 
ATOM 1951 H HG22 . ILE A 1 3 ? 4.717  -0.111 -5.050  1.00 0.00 ? 3 ILE A HG22 19 
ATOM 1952 H HG23 . ILE A 1 3 ? 4.963  -0.678 -3.397  1.00 0.00 ? 3 ILE A HG23 19 
ATOM 1953 H HD11 . ILE A 1 3 ? 3.149  3.045  -6.362  1.00 0.00 ? 3 ILE A HD11 19 
ATOM 1954 H HD12 . ILE A 1 3 ? 2.257  1.575  -5.973  1.00 0.00 ? 3 ILE A HD12 19 
ATOM 1955 H HD13 . ILE A 1 3 ? 3.990  1.495  -6.308  1.00 0.00 ? 3 ILE A HD13 19 
ATOM 1956 N N    . THR A 1 4 ? 2.203  -0.815 -1.473  1.00 0.00 ? 4 THR A N    19 
ATOM 1957 C CA   . THR A 1 4 ? 2.252  -1.808 -0.452  1.00 0.00 ? 4 THR A CA   19 
ATOM 1958 C C    . THR A 1 4 ? 0.907  -1.757 0.289   1.00 0.00 ? 4 THR A C    19 
ATOM 1959 O O    . THR A 1 4 ? 0.341  -0.678 0.416   1.00 0.00 ? 4 THR A O    19 
ATOM 1960 C CB   . THR A 1 4 ? 3.441  -1.470 0.510   1.00 0.00 ? 4 THR A CB   19 
ATOM 1961 O OG1  . THR A 1 4 ? 4.664  -1.412 -0.256  1.00 0.00 ? 4 THR A OG1  19 
ATOM 1962 C CG2  . THR A 1 4 ? 3.609  -2.504 1.616   1.00 0.00 ? 4 THR A CG2  19 
ATOM 1963 H H    . THR A 1 4 ? 1.984  0.099  -1.166  1.00 0.00 ? 4 THR A H    19 
ATOM 1964 H HA   . THR A 1 4 ? 2.404  -2.778 -0.898  1.00 0.00 ? 4 THR A HA   19 
ATOM 1965 H HB   . THR A 1 4 ? 3.259  -0.496 0.943   1.00 0.00 ? 4 THR A HB   19 
ATOM 1966 H HG1  . THR A 1 4 ? 4.496  -1.924 -1.060  1.00 0.00 ? 4 THR A HG1  19 
ATOM 1967 H HG21 . THR A 1 4 ? 4.426  -2.213 2.261   1.00 0.00 ? 4 THR A HG21 19 
ATOM 1968 H HG22 . THR A 1 4 ? 3.829  -3.467 1.177   1.00 0.00 ? 4 THR A HG22 19 
ATOM 1969 H HG23 . THR A 1 4 ? 2.699  -2.570 2.193   1.00 0.00 ? 4 THR A HG23 19 
ATOM 1970 N N    . PRO A 1 5 ? 0.338  -2.908 0.736   1.00 0.00 ? 5 PRO A N    19 
ATOM 1971 C CA   . PRO A 1 5 ? -0.950 -2.945 1.488   1.00 0.00 ? 5 PRO A CA   19 
ATOM 1972 C C    . PRO A 1 5 ? -0.962 -2.032 2.737   1.00 0.00 ? 5 PRO A C    19 
ATOM 1973 O O    . PRO A 1 5 ? -2.008 -1.742 3.290   1.00 0.00 ? 5 PRO A O    19 
ATOM 1974 C CB   . PRO A 1 5 ? -1.090 -4.422 1.902   1.00 0.00 ? 5 PRO A CB   19 
ATOM 1975 C CG   . PRO A 1 5 ? 0.251  -5.031 1.653   1.00 0.00 ? 5 PRO A CG   19 
ATOM 1976 C CD   . PRO A 1 5 ? 0.847  -4.268 0.510   1.00 0.00 ? 5 PRO A CD   19 
ATOM 1977 H HA   . PRO A 1 5 ? -1.774 -2.666 0.851   1.00 0.00 ? 5 PRO A HA   19 
ATOM 1978 H HB2  . PRO A 1 5 ? -1.361 -4.478 2.945   1.00 0.00 ? 5 PRO A HB2  19 
ATOM 1979 H HB3  . PRO A 1 5 ? -1.854 -4.897 1.302   1.00 0.00 ? 5 PRO A HB3  19 
ATOM 1980 H HG2  . PRO A 1 5 ? 0.867  -4.927 2.534   1.00 0.00 ? 5 PRO A HG2  19 
ATOM 1981 H HG3  . PRO A 1 5 ? 0.142  -6.074 1.394   1.00 0.00 ? 5 PRO A HG3  19 
ATOM 1982 H HD2  . PRO A 1 5 ? 1.926  -4.298 0.557   1.00 0.00 ? 5 PRO A HD2  19 
ATOM 1983 H HD3  . PRO A 1 5 ? 0.495  -4.659 -0.432  1.00 0.00 ? 5 PRO A HD3  19 
ATOM 1984 N N    . LEU A 1 6 ? 0.216  -1.598 3.157   1.00 0.00 ? 6 LEU A N    19 
ATOM 1985 C CA   . LEU A 1 6 ? 0.358  -0.688 4.274   1.00 0.00 ? 6 LEU A CA   19 
ATOM 1986 C C    . LEU A 1 6 ? -0.002 0.741  3.855   1.00 0.00 ? 6 LEU A C    19 
ATOM 1987 O O    . LEU A 1 6 ? -0.479 1.535  4.668   1.00 0.00 ? 6 LEU A O    19 
ATOM 1988 C CB   . LEU A 1 6 ? 1.796  -0.719 4.786   1.00 0.00 ? 6 LEU A CB   19 
ATOM 1989 C CG   . LEU A 1 6 ? 2.312  -2.063 5.297   1.00 0.00 ? 6 LEU A CG   19 
ATOM 1990 C CD1  . LEU A 1 6 ? 3.789  -1.961 5.618   1.00 0.00 ? 6 LEU A CD1  19 
ATOM 1991 C CD2  . LEU A 1 6 ? 1.538  -2.500 6.533   1.00 0.00 ? 6 LEU A CD2  19 
ATOM 1992 H H    . LEU A 1 6 ? 1.009  -1.918 2.685   1.00 0.00 ? 6 LEU A H    19 
ATOM 1993 H HA   . LEU A 1 6 ? -0.302 -1.008 5.066   1.00 0.00 ? 6 LEU A HA   19 
ATOM 1994 H HB2  . LEU A 1 6 ? 2.443  -0.394 3.985   1.00 0.00 ? 6 LEU A HB2  19 
ATOM 1995 H HB3  . LEU A 1 6 ? 1.871  -0.005 5.593   1.00 0.00 ? 6 LEU A HB3  19 
ATOM 1996 H HG   . LEU A 1 6 ? 2.182  -2.810 4.528   1.00 0.00 ? 6 LEU A HG   19 
ATOM 1997 H HD11 . LEU A 1 6 ? 4.334  -1.697 4.724   1.00 0.00 ? 6 LEU A HD11 19 
ATOM 1998 H HD12 . LEU A 1 6 ? 4.144  -2.909 5.991   1.00 0.00 ? 6 LEU A HD12 19 
ATOM 1999 H HD13 . LEU A 1 6 ? 3.937  -1.196 6.366   1.00 0.00 ? 6 LEU A HD13 19 
ATOM 2000 H HD21 . LEU A 1 6 ? 1.646  -1.758 7.309   1.00 0.00 ? 6 LEU A HD21 19 
ATOM 2001 H HD22 . LEU A 1 6 ? 1.928  -3.445 6.885   1.00 0.00 ? 6 LEU A HD22 19 
ATOM 2002 H HD23 . LEU A 1 6 ? 0.493  -2.616 6.286   1.00 0.00 ? 6 LEU A HD23 19 
ATOM 2003 N N    . ASP A 1 7 ? 0.213  1.065  2.587   1.00 0.00 ? 7 ASP A N    19 
ATOM 2004 C CA   . ASP A 1 7 ? -0.099 2.403  2.090   1.00 0.00 ? 7 ASP A CA   19 
ATOM 2005 C C    . ASP A 1 7 ? -1.368 2.381  1.265   1.00 0.00 ? 7 ASP A C    19 
ATOM 2006 O O    . ASP A 1 7 ? -2.172 3.310  1.322   1.00 0.00 ? 7 ASP A O    19 
ATOM 2007 C CB   . ASP A 1 7 ? 1.072  3.051  1.300   1.00 0.00 ? 7 ASP A CB   19 
ATOM 2008 C CG   . ASP A 1 7 ? 1.408  2.399  -0.034  1.00 0.00 ? 7 ASP A CG   19 
ATOM 2009 O OD1  . ASP A 1 7 ? 0.837  2.792  -1.068  1.00 0.00 ? 7 ASP A OD1  19 
ATOM 2010 O OD2  . ASP A 1 7 ? 2.272  1.520  -0.086  1.00 0.00 ? 7 ASP A OD2  19 
ATOM 2011 H H    . ASP A 1 7 ? 0.566  0.395  1.963   1.00 0.00 ? 7 ASP A H    19 
ATOM 2012 H HA   . ASP A 1 7 ? -0.308 3.005  2.962   1.00 0.00 ? 7 ASP A HA   19 
ATOM 2013 H HB2  . ASP A 1 7 ? 0.826  4.082  1.099   1.00 0.00 ? 7 ASP A HB2  19 
ATOM 2014 H HB3  . ASP A 1 7 ? 1.952  3.022  1.926   1.00 0.00 ? 7 ASP A HB3  19 
ATOM 2015 N N    . GLY A 1 1 ? -1.463 1.261  0.629   1.00 0.00 ? 1 GLY A N    20 
ATOM 2016 C CA   . GLY A 1 1 ? -2.655 1.090  -0.149  1.00 0.00 ? 1 GLY A CA   20 
ATOM 2017 C C    . GLY A 1 1 ? -2.398 1.015  -1.635  1.00 0.00 ? 1 GLY A C    20 
ATOM 2018 O O    . GLY A 1 1 ? -3.083 0.280  -2.356  1.00 0.00 ? 1 GLY A O    20 
ATOM 2019 H H1   . GLY A 1 1 ? -0.841 0.507  0.727   1.00 0.00 ? 1 GLY A H1   20 
ATOM 2020 H HA2  . GLY A 1 1 ? -3.129 0.170  0.161   1.00 0.00 ? 1 GLY A HA2  20 
ATOM 2021 H HA3  . GLY A 1 1 ? -3.324 1.914  0.051   1.00 0.00 ? 1 GLY A HA3  20 
ATOM 2022 N N    . TYR A 1 2 ? -1.406 1.719  -2.106  1.00 0.00 ? 2 TYR A N    20 
ATOM 2023 C CA   . TYR A 1 2 ? -1.150 1.789  -3.525  1.00 0.00 ? 2 TYR A CA   20 
ATOM 2024 C C    . TYR A 1 2 ? -0.047 0.844  -3.938  1.00 0.00 ? 2 TYR A C    20 
ATOM 2025 O O    . TYR A 1 2 ? -0.241 0.009  -4.819  1.00 0.00 ? 2 TYR A O    20 
ATOM 2026 C CB   . TYR A 1 2 ? -0.812 3.222  -3.961  1.00 0.00 ? 2 TYR A CB   20 
ATOM 2027 C CG   . TYR A 1 2 ? -1.920 4.216  -3.705  1.00 0.00 ? 2 TYR A CG   20 
ATOM 2028 C CD1  . TYR A 1 2 ? -1.931 4.993  -2.559  1.00 0.00 ? 2 TYR A CD1  20 
ATOM 2029 C CD2  . TYR A 1 2 ? -2.961 4.367  -4.609  1.00 0.00 ? 2 TYR A CD2  20 
ATOM 2030 C CE1  . TYR A 1 2 ? -2.949 5.896  -2.315  1.00 0.00 ? 2 TYR A CE1  20 
ATOM 2031 C CE2  . TYR A 1 2 ? -3.981 5.269  -4.380  1.00 0.00 ? 2 TYR A CE2  20 
ATOM 2032 C CZ   . TYR A 1 2 ? -3.972 6.031  -3.230  1.00 0.00 ? 2 TYR A CZ   20 
ATOM 2033 O OH   . TYR A 1 2 ? -4.996 6.923  -2.995  1.00 0.00 ? 2 TYR A OH   20 
ATOM 2034 H H    . TYR A 1 2 ? -0.790 2.191  -1.495  1.00 0.00 ? 2 TYR A H    20 
ATOM 2035 H HA   . TYR A 1 2 ? -2.056 1.490  -4.030  1.00 0.00 ? 2 TYR A HA   20 
ATOM 2036 H HB2  . TYR A 1 2 ? 0.061  3.555  -3.421  1.00 0.00 ? 2 TYR A HB2  20 
ATOM 2037 H HB3  . TYR A 1 2 ? -0.593 3.225  -5.019  1.00 0.00 ? 2 TYR A HB3  20 
ATOM 2038 H HD1  . TYR A 1 2 ? -1.119 4.875  -1.854  1.00 0.00 ? 2 TYR A HD1  20 
ATOM 2039 H HD2  . TYR A 1 2 ? -2.961 3.768  -5.507  1.00 0.00 ? 2 TYR A HD2  20 
ATOM 2040 H HE1  . TYR A 1 2 ? -2.941 6.493  -1.415  1.00 0.00 ? 2 TYR A HE1  20 
ATOM 2041 H HE2  . TYR A 1 2 ? -4.782 5.374  -5.096  1.00 0.00 ? 2 TYR A HE2  20 
ATOM 2042 H HH   . TYR A 1 2 ? -4.623 7.759  -2.691  1.00 0.00 ? 2 TYR A HH   20 
ATOM 2043 N N    . ILE A 1 3 ? 1.089  0.943  -3.293  1.00 0.00 ? 3 ILE A N    20 
ATOM 2044 C CA   . ILE A 1 3 ? 2.237  0.145  -3.701  1.00 0.00 ? 3 ILE A CA   20 
ATOM 2045 C C    . ILE A 1 3 ? 2.419  -1.048 -2.761  1.00 0.00 ? 3 ILE A C    20 
ATOM 2046 O O    . ILE A 1 3 ? 2.701  -2.175 -3.190  1.00 0.00 ? 3 ILE A O    20 
ATOM 2047 C CB   . ILE A 1 3 ? 3.517  1.020  -3.708  1.00 0.00 ? 3 ILE A CB   20 
ATOM 2048 C CG1  . ILE A 1 3 ? 3.262  2.298  -4.533  1.00 0.00 ? 3 ILE A CG1  20 
ATOM 2049 C CG2  . ILE A 1 3 ? 4.698  0.235  -4.285  1.00 0.00 ? 3 ILE A CG2  20 
ATOM 2050 C CD1  . ILE A 1 3 ? 4.412  3.281  -4.538  1.00 0.00 ? 3 ILE A CD1  20 
ATOM 2051 H H    . ILE A 1 3 ? 1.153  1.561  -2.528  1.00 0.00 ? 3 ILE A H    20 
ATOM 2052 H HA   . ILE A 1 3 ? 2.058  -0.217 -4.702  1.00 0.00 ? 3 ILE A HA   20 
ATOM 2053 H HB   . ILE A 1 3 ? 3.750  1.302  -2.691  1.00 0.00 ? 3 ILE A HB   20 
ATOM 2054 H HG12 . ILE A 1 3 ? 3.062  2.022  -5.558  1.00 0.00 ? 3 ILE A HG12 20 
ATOM 2055 H HG13 . ILE A 1 3 ? 2.393  2.802  -4.133  1.00 0.00 ? 3 ILE A HG13 20 
ATOM 2056 H HG21 . ILE A 1 3 ? 4.466  -0.072 -5.295  1.00 0.00 ? 3 ILE A HG21 20 
ATOM 2057 H HG22 . ILE A 1 3 ? 4.883  -0.636 -3.676  1.00 0.00 ? 3 ILE A HG22 20 
ATOM 2058 H HG23 . ILE A 1 3 ? 5.578  0.862  -4.294  1.00 0.00 ? 3 ILE A HG23 20 
ATOM 2059 H HD11 . ILE A 1 3 ? 4.156  4.131  -5.152  1.00 0.00 ? 3 ILE A HD11 20 
ATOM 2060 H HD12 . ILE A 1 3 ? 5.293  2.797  -4.933  1.00 0.00 ? 3 ILE A HD12 20 
ATOM 2061 H HD13 . ILE A 1 3 ? 4.606  3.610  -3.528  1.00 0.00 ? 3 ILE A HD13 20 
ATOM 2062 N N    . THR A 1 4 ? 2.228  -0.808 -1.504  1.00 0.00 ? 4 THR A N    20 
ATOM 2063 C CA   . THR A 1 4 ? 2.304  -1.820 -0.506  1.00 0.00 ? 4 THR A CA   20 
ATOM 2064 C C    . THR A 1 4 ? 1.003  -1.775 0.288   1.00 0.00 ? 4 THR A C    20 
ATOM 2065 O O    . THR A 1 4 ? 0.445  -0.694 0.455   1.00 0.00 ? 4 THR A O    20 
ATOM 2066 C CB   . THR A 1 4 ? 3.538  -1.620 0.427   1.00 0.00 ? 4 THR A CB   20 
ATOM 2067 O OG1  . THR A 1 4 ? 3.465  -0.361 1.113   1.00 0.00 ? 4 THR A OG1  20 
ATOM 2068 C CG2  . THR A 1 4 ? 4.842  -1.673 -0.363  1.00 0.00 ? 4 THR A CG2  20 
ATOM 2069 H H    . THR A 1 4 ? 2.037  0.112  -1.201  1.00 0.00 ? 4 THR A H    20 
ATOM 2070 H HA   . THR A 1 4 ? 2.377  -2.771 -1.010  1.00 0.00 ? 4 THR A HA   20 
ATOM 2071 H HB   . THR A 1 4 ? 3.540  -2.424 1.146   1.00 0.00 ? 4 THR A HB   20 
ATOM 2072 H HG1  . THR A 1 4 ? 3.128  0.317  0.498   1.00 0.00 ? 4 THR A HG1  20 
ATOM 2073 H HG21 . THR A 1 4 ? 4.845  -0.886 -1.104  1.00 0.00 ? 4 THR A HG21 20 
ATOM 2074 H HG22 . THR A 1 4 ? 4.924  -2.630 -0.858  1.00 0.00 ? 4 THR A HG22 20 
ATOM 2075 H HG23 . THR A 1 4 ? 5.678  -1.540 0.308   1.00 0.00 ? 4 THR A HG23 20 
ATOM 2076 N N    . PRO A 1 5 ? 0.468  -2.928 0.733   1.00 0.00 ? 5 PRO A N    20 
ATOM 2077 C CA   . PRO A 1 5 ? -0.825 -3.007 1.457   1.00 0.00 ? 5 PRO A CA   20 
ATOM 2078 C C    . PRO A 1 5 ? -1.003 -1.967 2.588   1.00 0.00 ? 5 PRO A C    20 
ATOM 2079 O O    . PRO A 1 5 ? -2.106 -1.493 2.818   1.00 0.00 ? 5 PRO A O    20 
ATOM 2080 C CB   . PRO A 1 5 ? -0.818 -4.414 2.029   1.00 0.00 ? 5 PRO A CB   20 
ATOM 2081 C CG   . PRO A 1 5 ? -0.018 -5.199 1.056   1.00 0.00 ? 5 PRO A CG   20 
ATOM 2082 C CD   . PRO A 1 5 ? 1.060  -4.273 0.559   1.00 0.00 ? 5 PRO A CD   20 
ATOM 2083 H HA   . PRO A 1 5 ? -1.652 -2.910 0.770   1.00 0.00 ? 5 PRO A HA   20 
ATOM 2084 H HB2  . PRO A 1 5 ? -0.363 -4.398 3.008   1.00 0.00 ? 5 PRO A HB2  20 
ATOM 2085 H HB3  . PRO A 1 5 ? -1.828 -4.788 2.100   1.00 0.00 ? 5 PRO A HB3  20 
ATOM 2086 H HG2  . PRO A 1 5 ? 0.418  -6.056 1.549   1.00 0.00 ? 5 PRO A HG2  20 
ATOM 2087 H HG3  . PRO A 1 5 ? -0.645 -5.517 0.236   1.00 0.00 ? 5 PRO A HG3  20 
ATOM 2088 H HD2  . PRO A 1 5 ? 1.958  -4.381 1.149   1.00 0.00 ? 5 PRO A HD2  20 
ATOM 2089 H HD3  . PRO A 1 5 ? 1.264  -4.470 -0.483  1.00 0.00 ? 5 PRO A HD3  20 
ATOM 2090 N N    . LEU A 1 6 ? 0.076  -1.595 3.266   1.00 0.00 ? 6 LEU A N    20 
ATOM 2091 C CA   . LEU A 1 6 ? -0.033 -0.623 4.356   1.00 0.00 ? 6 LEU A CA   20 
ATOM 2092 C C    . LEU A 1 6 ? -0.195 0.804  3.849   1.00 0.00 ? 6 LEU A C    20 
ATOM 2093 O O    . LEU A 1 6 ? -0.726 1.658  4.559   1.00 0.00 ? 6 LEU A O    20 
ATOM 2094 C CB   . LEU A 1 6 ? 1.139  -0.722 5.322   1.00 0.00 ? 6 LEU A CB   20 
ATOM 2095 C CG   . LEU A 1 6 ? 1.295  -2.060 6.030   1.00 0.00 ? 6 LEU A CG   20 
ATOM 2096 C CD1  . LEU A 1 6 ? 2.541  -2.067 6.900   1.00 0.00 ? 6 LEU A CD1  20 
ATOM 2097 C CD2  . LEU A 1 6 ? 0.062  -2.387 6.864   1.00 0.00 ? 6 LEU A CD2  20 
ATOM 2098 H H    . LEU A 1 6 ? 0.944  -1.986 3.030   1.00 0.00 ? 6 LEU A H    20 
ATOM 2099 H HA   . LEU A 1 6 ? -0.938 -0.868 4.893   1.00 0.00 ? 6 LEU A HA   20 
ATOM 2100 H HB2  . LEU A 1 6 ? 2.044  -0.518 4.770   1.00 0.00 ? 6 LEU A HB2  20 
ATOM 2101 H HB3  . LEU A 1 6 ? 1.021  0.045  6.074   1.00 0.00 ? 6 LEU A HB3  20 
ATOM 2102 H HG   . LEU A 1 6 ? 1.389  -2.808 5.257   1.00 0.00 ? 6 LEU A HG   20 
ATOM 2103 H HD11 . LEU A 1 6 ? 3.412  -1.900 6.284   1.00 0.00 ? 6 LEU A HD11 20 
ATOM 2104 H HD12 . LEU A 1 6 ? 2.626  -3.024 7.392   1.00 0.00 ? 6 LEU A HD12 20 
ATOM 2105 H HD13 . LEU A 1 6 ? 2.468  -1.287 7.642   1.00 0.00 ? 6 LEU A HD13 20 
ATOM 2106 H HD21 . LEU A 1 6 ? -0.104 -1.604 7.589   1.00 0.00 ? 6 LEU A HD21 20 
ATOM 2107 H HD22 . LEU A 1 6 ? 0.221  -3.321 7.382   1.00 0.00 ? 6 LEU A HD22 20 
ATOM 2108 H HD23 . LEU A 1 6 ? -0.801 -2.479 6.222   1.00 0.00 ? 6 LEU A HD23 20 
ATOM 2109 N N    . ASP A 1 7 ? 0.259  1.076  2.642   1.00 0.00 ? 7 ASP A N    20 
ATOM 2110 C CA   . ASP A 1 7 ? 0.064  2.419  2.065   1.00 0.00 ? 7 ASP A CA   20 
ATOM 2111 C C    . ASP A 1 7 ? -1.167 2.414  1.185   1.00 0.00 ? 7 ASP A C    20 
ATOM 2112 O O    . ASP A 1 7 ? -1.821 3.436  1.003   1.00 0.00 ? 7 ASP A O    20 
ATOM 2113 C CB   . ASP A 1 7 ? 1.292  2.974  1.279   1.00 0.00 ? 7 ASP A CB   20 
ATOM 2114 C CG   . ASP A 1 7 ? 1.533  2.361  -0.094  1.00 0.00 ? 7 ASP A CG   20 
ATOM 2115 O OD1  . ASP A 1 7 ? 0.855  2.731  -1.063  1.00 0.00 ? 7 ASP A OD1  20 
ATOM 2116 O OD2  . ASP A 1 7 ? 2.446  1.548  -0.235  1.00 0.00 ? 7 ASP A OD2  20 
ATOM 2117 H H    . ASP A 1 7 ? 0.710  0.362  2.140   1.00 0.00 ? 7 ASP A H    20 
ATOM 2118 H HA   . ASP A 1 7 ? -0.153 3.068  2.901   1.00 0.00 ? 7 ASP A HA   20 
ATOM 2119 H HB2  . ASP A 1 7 ? 1.159  4.035  1.134   1.00 0.00 ? 7 ASP A HB2  20 
ATOM 2120 H HB3  . ASP A 1 7 ? 2.176  2.822  1.881   1.00 0.00 ? 7 ASP A HB3  20 
# 
